data_6PKI
#
_entry.id   6PKI
#
_cell.length_a   124.170
_cell.length_b   124.170
_cell.length_c   276.989
_cell.angle_alpha   90.00
_cell.angle_beta   90.00
_cell.angle_gamma   90.00
#
_symmetry.space_group_name_H-M   'P 41 21 2'
#
loop_
_entity.id
_entity.type
_entity.pdbx_description
1 polymer 'N-acetylglucosamine-1-phosphodiester alpha-N-acetylglucosaminidase'
2 non-polymer 2-acetamido-2-deoxy-beta-D-glucopyranose
3 non-polymer 2-acetamido-2-deoxy-alpha-D-glucopyranose
4 non-polymer 6-O-phosphono-alpha-D-mannopyranose
5 non-polymer 'PENTAETHYLENE GLYCOL'
6 non-polymer 'CHLORIDE ION'
7 water water
#
_entity_poly.entity_id   1
_entity_poly.type   'polypeptide(L)'
_entity_poly.pdbx_seq_one_letter_code
;DRHHHHHHGSGPYTKSHGPSHSHRYVRDSQPVAHGTVTHETQAASKHSNSPVLESNIFISDITDDSGTHRWVSGHITEVH
DPLRSVSVLEPGGPGGCAHNHRELVEVTAKTRKCLVAQNGGYFDTHTGQCLGNIISDGKLVRNSGGIQNAQFGIRKDGTL
VFGYLSEDDILDQENPFVQLISGVVWLLRKGEIYINESIQAESDKTQETGNFRHFVDVISARTAVGHDKEGKLILFHVDG
QTDVRGMNLWQVAKFLKDQNVMNAINLDGGGSATYVLNGSLASYPSDHCNPSKWRCPRAISTVLCIHER
;
_entity_poly.pdbx_strand_id   A,B,C,D
#
loop_
_chem_comp.id
_chem_comp.type
_chem_comp.name
_chem_comp.formula
1PE non-polymer 'PENTAETHYLENE GLYCOL' 'C10 H22 O6'
CL non-polymer 'CHLORIDE ION' 'Cl -1'
M6P D-saccharide, alpha linking 6-O-phosphono-alpha-D-mannopyranose 'C6 H13 O9 P'
NAG D-saccharide, beta linking 2-acetamido-2-deoxy-beta-D-glucopyranose 'C8 H15 N O6'
NDG D-saccharide, alpha linking 2-acetamido-2-deoxy-alpha-D-glucopyranose 'C8 H15 N O6'
#
# COMPACT_ATOMS: atom_id res chain seq x y z
N GLY A 9 8.73 4.98 38.85
CA GLY A 9 9.81 4.20 38.28
C GLY A 9 10.72 5.03 37.41
N SER A 10 10.46 5.02 36.10
CA SER A 10 11.18 5.85 35.15
C SER A 10 10.36 7.06 34.71
N GLY A 11 9.36 7.45 35.50
CA GLY A 11 8.55 8.59 35.16
C GLY A 11 9.31 9.89 35.31
N PRO A 12 8.93 10.91 34.53
CA PRO A 12 9.60 12.21 34.66
C PRO A 12 9.21 13.01 35.88
N TYR A 13 8.08 12.70 36.52
CA TYR A 13 7.59 13.48 37.65
C TYR A 13 7.39 12.58 38.87
N THR A 14 7.69 13.13 40.04
CA THR A 14 7.59 12.38 41.28
C THR A 14 6.26 12.57 42.00
N LYS A 15 5.65 13.74 41.87
CA LYS A 15 4.39 14.04 42.57
C LYS A 15 3.24 14.11 41.58
N SER A 16 3.12 15.17 40.79
CA SER A 16 2.05 15.31 39.82
C SER A 16 2.63 15.47 38.42
N HIS A 17 1.88 15.00 37.43
CA HIS A 17 2.39 14.96 36.06
C HIS A 17 2.31 16.34 35.43
N GLY A 18 3.46 16.89 35.07
CA GLY A 18 3.51 18.15 34.37
C GLY A 18 3.95 19.27 35.29
N PRO A 19 4.39 20.39 34.71
CA PRO A 19 4.75 21.55 35.52
C PRO A 19 3.51 22.24 36.06
N SER A 20 3.74 23.06 37.08
CA SER A 20 2.69 23.86 37.70
C SER A 20 2.55 25.23 37.05
N HIS A 21 3.49 25.64 36.21
CA HIS A 21 3.49 27.01 35.71
C HIS A 21 2.65 27.11 34.43
N SER A 22 2.35 28.34 34.06
CA SER A 22 1.37 28.62 33.04
C SER A 22 1.98 28.62 31.64
N HIS A 23 1.10 28.78 30.65
CA HIS A 23 1.56 28.91 29.28
C HIS A 23 2.31 30.21 29.06
N ARG A 24 1.90 31.30 29.74
CA ARG A 24 2.63 32.55 29.63
C ARG A 24 4.03 32.42 30.17
N TYR A 25 4.21 31.64 31.25
CA TYR A 25 5.55 31.38 31.75
C TYR A 25 6.38 30.66 30.70
N VAL A 26 5.78 29.67 30.04
CA VAL A 26 6.47 28.98 28.96
C VAL A 26 6.81 29.93 27.84
N ARG A 27 5.87 30.79 27.46
CA ARG A 27 6.11 31.72 26.36
C ARG A 27 7.22 32.70 26.70
N ASP A 28 7.19 33.28 27.90
CA ASP A 28 8.17 34.29 28.26
C ASP A 28 9.57 33.73 28.40
N SER A 29 9.71 32.43 28.64
CA SER A 29 11.02 31.85 28.87
C SER A 29 11.61 31.19 27.63
N GLN A 30 10.85 31.13 26.53
CA GLN A 30 11.38 30.50 25.32
C GLN A 30 12.30 31.49 24.58
N PRO A 31 13.20 30.97 23.76
CA PRO A 31 14.14 31.86 23.06
C PRO A 31 13.45 32.85 22.14
N VAL A 32 14.01 34.06 22.07
CA VAL A 32 13.51 35.12 21.18
C VAL A 32 13.43 34.62 19.75
N ALA A 33 14.26 33.64 19.38
CA ALA A 33 14.29 33.17 18.01
C ALA A 33 12.93 32.73 17.52
N HIS A 34 12.05 32.29 18.43
CA HIS A 34 10.74 31.77 18.08
C HIS A 34 9.63 32.79 18.27
N GLY A 35 9.97 34.05 18.51
CA GLY A 35 8.94 35.06 18.73
C GLY A 35 8.12 34.74 19.95
N THR A 36 6.82 35.02 19.86
CA THR A 36 5.90 34.81 20.98
C THR A 36 4.98 33.60 20.78
N VAL A 37 5.17 32.84 19.72
CA VAL A 37 4.36 31.66 19.44
C VAL A 37 5.10 30.45 19.99
N THR A 38 4.40 29.62 20.77
CA THR A 38 5.00 28.49 21.45
C THR A 38 4.67 27.16 20.77
N HIS A 39 4.25 27.19 19.52
CA HIS A 39 3.93 25.98 18.78
C HIS A 39 4.38 26.15 17.34
N GLU A 40 4.37 25.03 16.60
CA GLU A 40 4.66 25.00 15.18
C GLU A 40 3.48 24.35 14.45
N THR A 41 3.25 24.80 13.22
CA THR A 41 2.18 24.26 12.40
C THR A 41 2.72 23.84 11.04
N GLN A 42 2.02 22.90 10.42
CA GLN A 42 2.37 22.38 9.11
C GLN A 42 1.11 21.77 8.51
N ALA A 43 0.74 22.22 7.31
CA ALA A 43 -0.38 21.61 6.62
C ALA A 43 -0.08 20.14 6.33
N ALA A 44 -1.01 19.27 6.68
CA ALA A 44 -0.81 17.85 6.44
C ALA A 44 -0.81 17.56 4.95
N SER A 45 -0.02 16.57 4.56
CA SER A 45 -0.04 16.10 3.18
C SER A 45 -1.40 15.48 2.90
N LYS A 46 -1.78 15.48 1.63
CA LYS A 46 -3.08 14.99 1.20
C LYS A 46 -2.92 13.99 0.06
N HIS A 47 -2.09 12.96 0.29
CA HIS A 47 -1.89 11.92 -0.72
C HIS A 47 -3.00 10.89 -0.60
N SER A 48 -4.17 11.25 -1.12
CA SER A 48 -5.35 10.40 -1.02
C SER A 48 -5.36 9.27 -2.04
N ASN A 49 -4.47 9.32 -3.04
CA ASN A 49 -4.35 8.27 -4.04
C ASN A 49 -3.14 7.38 -3.82
N SER A 50 -2.53 7.47 -2.65
CA SER A 50 -1.38 6.68 -2.24
C SER A 50 -1.79 5.65 -1.20
N PRO A 51 -0.94 4.66 -0.94
CA PRO A 51 -1.17 3.79 0.23
C PRO A 51 -1.17 4.62 1.51
N VAL A 52 -1.87 4.10 2.52
CA VAL A 52 -2.07 4.85 3.76
C VAL A 52 -0.74 5.21 4.41
N LEU A 53 0.21 4.27 4.44
CA LEU A 53 1.41 4.48 5.20
C LEU A 53 2.56 3.66 4.64
N GLU A 54 3.75 3.95 5.16
CA GLU A 54 4.98 3.22 4.86
C GLU A 54 5.62 2.86 6.18
N SER A 55 5.84 1.56 6.41
CA SER A 55 6.43 1.07 7.63
C SER A 55 7.88 0.67 7.35
N ASN A 56 8.81 1.28 8.07
CA ASN A 56 10.23 1.07 7.82
C ASN A 56 10.89 0.53 9.08
N ILE A 57 11.69 -0.51 8.92
CA ILE A 57 12.45 -1.09 10.01
C ILE A 57 13.87 -0.56 9.95
N PHE A 58 14.40 -0.16 11.10
CA PHE A 58 15.80 0.23 11.18
C PHE A 58 16.51 -0.59 12.26
N ILE A 59 17.76 -0.94 12.00
CA ILE A 59 18.69 -1.47 12.98
C ILE A 59 19.95 -0.64 12.80
N SER A 60 20.29 0.17 13.80
CA SER A 60 21.32 1.19 13.64
C SER A 60 22.33 1.12 14.77
N ASP A 61 23.55 1.57 14.46
CA ASP A 61 24.63 1.68 15.42
C ASP A 61 24.60 3.08 16.04
N ILE A 62 24.47 3.15 17.36
CA ILE A 62 24.40 4.40 18.09
C ILE A 62 25.64 4.52 18.96
N THR A 63 26.20 5.72 19.03
CA THR A 63 27.35 6.04 19.87
C THR A 63 26.90 6.98 20.97
N ASP A 64 27.29 6.68 22.21
CA ASP A 64 26.98 7.51 23.36
C ASP A 64 28.18 8.40 23.71
N ASP A 65 28.01 9.22 24.75
CA ASP A 65 29.04 10.18 25.10
C ASP A 65 30.36 9.50 25.47
N SER A 66 30.28 8.35 26.15
CA SER A 66 31.47 7.62 26.54
C SER A 66 32.21 7.00 25.36
N GLY A 67 31.62 7.02 24.16
CA GLY A 67 32.27 6.49 22.98
C GLY A 67 31.92 5.05 22.66
N THR A 68 31.19 4.37 23.53
CA THR A 68 30.81 2.98 23.29
C THR A 68 29.67 2.90 22.29
N HIS A 69 29.72 1.90 21.42
CA HIS A 69 28.74 1.72 20.36
C HIS A 69 27.73 0.66 20.75
N ARG A 70 26.46 0.90 20.40
CA ARG A 70 25.38 -0.01 20.71
C ARG A 70 24.44 -0.13 19.52
N TRP A 71 23.82 -1.30 19.39
CA TRP A 71 22.81 -1.52 18.37
C TRP A 71 21.42 -1.20 18.93
N VAL A 72 20.62 -0.51 18.13
CA VAL A 72 19.23 -0.22 18.46
C VAL A 72 18.37 -0.60 17.27
N SER A 73 17.10 -0.87 17.54
CA SER A 73 16.18 -1.34 16.52
C SER A 73 14.81 -0.75 16.76
N GLY A 74 14.07 -0.54 15.68
CA GLY A 74 12.76 0.05 15.79
C GLY A 74 12.13 0.27 14.43
N HIS A 75 11.13 1.14 14.42
CA HIS A 75 10.36 1.43 13.22
C HIS A 75 10.22 2.93 13.04
N ILE A 76 10.21 3.34 11.76
CA ILE A 76 9.79 4.67 11.35
C ILE A 76 8.59 4.48 10.42
N THR A 77 7.48 5.14 10.75
CA THR A 77 6.25 5.02 9.98
C THR A 77 5.89 6.38 9.40
N GLU A 78 5.72 6.43 8.08
CA GLU A 78 5.33 7.63 7.37
C GLU A 78 3.86 7.52 6.99
N VAL A 79 3.10 8.58 7.26
CA VAL A 79 1.67 8.62 7.01
C VAL A 79 1.41 9.67 5.95
N HIS A 80 0.79 9.25 4.85
CA HIS A 80 0.69 10.09 3.65
C HIS A 80 -0.56 10.95 3.60
N ASP A 81 -1.56 10.68 4.43
CA ASP A 81 -2.79 11.48 4.49
C ASP A 81 -3.25 11.55 5.94
N PRO A 82 -2.49 12.25 6.78
CA PRO A 82 -2.73 12.17 8.25
C PRO A 82 -4.14 12.52 8.69
N LEU A 83 -4.76 13.54 8.08
CA LEU A 83 -6.07 13.97 8.55
C LEU A 83 -7.09 12.84 8.51
N ARG A 84 -7.03 12.00 7.47
CA ARG A 84 -8.01 10.96 7.27
C ARG A 84 -7.67 9.65 7.96
N SER A 85 -6.39 9.41 8.28
CA SER A 85 -5.97 8.10 8.73
C SER A 85 -5.50 8.03 10.18
N VAL A 86 -5.24 9.17 10.82
CA VAL A 86 -4.66 9.18 12.15
C VAL A 86 -5.74 9.44 13.18
N SER A 87 -5.78 8.62 14.22
CA SER A 87 -6.76 8.74 15.29
C SER A 87 -6.05 8.56 16.63
N VAL A 88 -6.49 9.30 17.62
CA VAL A 88 -6.13 9.06 19.01
C VAL A 88 -7.24 8.23 19.63
N LEU A 89 -6.90 7.07 20.17
CA LEU A 89 -7.87 6.13 20.72
C LEU A 89 -7.76 6.06 22.23
N GLU A 90 -8.91 5.95 22.89
CA GLU A 90 -8.94 5.69 24.31
C GLU A 90 -8.62 4.23 24.59
N PRO A 91 -8.06 3.93 25.77
CA PRO A 91 -7.76 2.53 26.09
C PRO A 91 -9.02 1.68 26.06
N GLY A 92 -8.98 0.61 25.27
CA GLY A 92 -10.08 -0.32 25.15
C GLY A 92 -11.24 0.15 24.28
N GLY A 93 -11.33 1.45 24.00
CA GLY A 93 -12.42 1.97 23.23
C GLY A 93 -12.98 3.23 23.87
N PRO A 94 -13.94 3.86 23.20
CA PRO A 94 -14.53 5.10 23.74
C PRO A 94 -15.00 4.93 25.17
N GLY A 95 -14.72 5.92 26.01
CA GLY A 95 -15.04 5.88 27.41
C GLY A 95 -13.98 5.25 28.28
N GLY A 96 -12.89 4.76 27.70
CA GLY A 96 -11.88 4.07 28.49
C GLY A 96 -11.21 4.96 29.51
N CYS A 97 -10.90 6.20 29.14
CA CYS A 97 -10.20 7.10 30.07
C CYS A 97 -11.07 7.45 31.26
N ALA A 98 -12.39 7.56 31.07
CA ALA A 98 -13.28 7.85 32.19
C ALA A 98 -13.25 6.73 33.23
N HIS A 99 -12.91 5.51 32.84
CA HIS A 99 -12.84 4.38 33.74
C HIS A 99 -11.42 4.09 34.23
N ASN A 100 -10.46 4.96 33.93
CA ASN A 100 -9.06 4.70 34.28
C ASN A 100 -8.63 3.34 33.76
N HIS A 101 -9.10 3.01 32.56
CA HIS A 101 -8.85 1.69 31.99
C HIS A 101 -7.48 1.63 31.33
N ARG A 102 -6.83 0.48 31.46
CA ARG A 102 -5.57 0.20 30.79
C ARG A 102 -5.75 -1.05 29.93
N GLU A 103 -5.13 -1.03 28.76
CA GLU A 103 -5.33 -2.12 27.80
C GLU A 103 -4.14 -2.18 26.87
N LEU A 104 -3.84 -3.39 26.39
CA LEU A 104 -2.77 -3.58 25.45
C LEU A 104 -3.03 -2.76 24.18
N VAL A 105 -1.96 -2.29 23.55
CA VAL A 105 -2.11 -1.55 22.30
C VAL A 105 -2.86 -2.40 21.26
N GLU A 106 -2.53 -3.69 21.13
CA GLU A 106 -3.18 -4.54 20.14
C GLU A 106 -4.68 -4.60 20.36
N VAL A 107 -5.10 -4.81 21.63
CA VAL A 107 -6.52 -4.94 21.87
C VAL A 107 -7.24 -3.67 21.48
N THR A 108 -6.74 -2.53 21.93
CA THR A 108 -7.34 -1.26 21.54
C THR A 108 -7.28 -1.09 20.03
N ALA A 109 -6.17 -1.50 19.40
CA ALA A 109 -6.01 -1.30 17.97
C ALA A 109 -7.06 -2.08 17.18
N LYS A 110 -7.44 -3.26 17.67
CA LYS A 110 -8.41 -4.08 16.95
C LYS A 110 -9.81 -3.49 16.98
N THR A 111 -10.05 -2.43 17.76
CA THR A 111 -11.36 -1.78 17.72
C THR A 111 -11.53 -0.90 16.49
N ARG A 112 -10.45 -0.61 15.75
CA ARG A 112 -10.52 0.30 14.62
C ARG A 112 -9.80 -0.21 13.39
N LYS A 113 -9.41 -1.48 13.35
CA LYS A 113 -8.70 -2.05 12.20
C LYS A 113 -7.47 -1.20 11.86
N CYS A 114 -6.67 -0.90 12.88
CA CYS A 114 -5.48 -0.08 12.69
C CYS A 114 -4.44 -0.87 11.90
N LEU A 115 -3.90 -0.25 10.84
CA LEU A 115 -2.78 -0.85 10.13
C LEU A 115 -1.50 -0.77 10.95
N VAL A 116 -1.26 0.37 11.59
CA VAL A 116 -0.16 0.54 12.53
C VAL A 116 -0.74 1.19 13.78
N ALA A 117 -0.27 0.73 14.94
CA ALA A 117 -0.67 1.32 16.20
C ALA A 117 0.53 1.34 17.13
N GLN A 118 0.70 2.46 17.82
CA GLN A 118 1.71 2.59 18.87
C GLN A 118 1.02 3.06 20.14
N ASN A 119 1.66 2.78 21.26
CA ASN A 119 1.24 3.36 22.52
C ASN A 119 1.25 4.88 22.42
N GLY A 120 0.39 5.53 23.19
CA GLY A 120 0.24 6.96 23.07
C GLY A 120 0.79 7.74 24.25
N GLY A 121 -0.10 8.39 24.98
CA GLY A 121 0.31 9.31 26.03
C GLY A 121 0.65 8.63 27.33
N TYR A 122 1.11 9.45 28.26
CA TYR A 122 1.51 9.01 29.59
C TYR A 122 0.27 8.77 30.45
N PHE A 123 0.44 7.93 31.47
CA PHE A 123 -0.65 7.60 32.38
C PHE A 123 -0.08 7.31 33.75
N ASP A 124 -0.96 7.34 34.74
CA ASP A 124 -0.60 7.02 36.11
C ASP A 124 -0.58 5.50 36.27
N THR A 125 0.60 4.95 36.57
CA THR A 125 0.73 3.50 36.63
C THR A 125 0.01 2.89 37.82
N HIS A 126 -0.27 3.69 38.86
CA HIS A 126 -0.93 3.17 40.04
C HIS A 126 -2.45 3.23 39.89
N THR A 127 -2.99 4.34 39.41
CA THR A 127 -4.43 4.51 39.29
C THR A 127 -4.96 4.24 37.89
N GLY A 128 -4.09 4.22 36.87
CA GLY A 128 -4.54 4.06 35.51
C GLY A 128 -5.13 5.30 34.88
N GLN A 129 -5.03 6.45 35.55
CA GLN A 129 -5.61 7.68 35.04
C GLN A 129 -4.88 8.15 33.79
N CYS A 130 -5.66 8.61 32.80
CA CYS A 130 -5.09 9.24 31.63
C CYS A 130 -4.54 10.62 32.00
N LEU A 131 -3.51 11.05 31.26
CA LEU A 131 -2.82 12.30 31.57
C LEU A 131 -2.73 13.17 30.33
N GLY A 132 -2.61 14.48 30.54
CA GLY A 132 -2.49 15.42 29.44
C GLY A 132 -3.82 15.75 28.81
N ASN A 133 -3.74 16.40 27.65
CA ASN A 133 -4.91 16.69 26.85
C ASN A 133 -5.19 15.53 25.90
N ILE A 134 -6.46 15.21 25.71
CA ILE A 134 -6.86 14.12 24.83
C ILE A 134 -8.10 14.55 24.05
N ILE A 135 -7.99 14.57 22.73
CA ILE A 135 -9.14 14.72 21.85
C ILE A 135 -9.09 13.54 20.88
N SER A 136 -10.18 12.78 20.83
CA SER A 136 -10.23 11.53 20.09
C SER A 136 -11.36 11.63 19.07
N ASP A 137 -10.99 11.66 17.78
CA ASP A 137 -11.94 11.73 16.69
C ASP A 137 -12.99 12.82 16.95
N GLY A 138 -12.50 14.01 17.26
CA GLY A 138 -13.37 15.16 17.46
C GLY A 138 -13.99 15.28 18.82
N LYS A 139 -13.78 14.31 19.72
CA LYS A 139 -14.41 14.31 21.03
C LYS A 139 -13.38 14.71 22.09
N LEU A 140 -13.72 15.71 22.89
CA LEU A 140 -12.84 16.12 23.99
C LEU A 140 -12.90 15.07 25.09
N VAL A 141 -11.82 14.32 25.27
CA VAL A 141 -11.78 13.26 26.27
C VAL A 141 -11.21 13.76 27.58
N ARG A 142 -10.18 14.60 27.52
CA ARG A 142 -9.55 15.12 28.73
C ARG A 142 -9.00 16.51 28.44
N ASN A 143 -9.37 17.47 29.28
CA ASN A 143 -8.81 18.81 29.28
C ASN A 143 -7.93 18.90 30.52
N SER A 144 -6.61 18.97 30.31
CA SER A 144 -5.68 19.02 31.43
C SER A 144 -5.78 20.32 32.23
N GLY A 145 -6.43 21.35 31.69
CA GLY A 145 -6.45 22.63 32.35
C GLY A 145 -5.23 23.49 32.05
N GLY A 146 -4.67 23.35 30.84
CA GLY A 146 -3.52 24.15 30.47
C GLY A 146 -2.20 23.65 30.99
N ILE A 147 -2.08 22.37 31.32
CA ILE A 147 -0.80 21.82 31.76
C ILE A 147 0.18 21.87 30.59
N GLN A 148 1.39 22.36 30.87
CA GLN A 148 2.36 22.66 29.82
C GLN A 148 3.29 21.47 29.61
N ASN A 149 2.81 20.51 28.83
CA ASN A 149 3.62 19.45 28.29
C ASN A 149 3.59 19.55 26.77
N ALA A 150 4.55 18.90 26.13
CA ALA A 150 4.57 18.88 24.67
C ALA A 150 3.28 18.29 24.14
N GLN A 151 2.77 18.87 23.06
CA GLN A 151 1.50 18.48 22.47
C GLN A 151 1.67 18.11 21.01
N PHE A 152 0.82 17.20 20.54
CA PHE A 152 0.65 16.95 19.11
C PHE A 152 -0.85 16.88 18.83
N GLY A 153 -1.30 17.63 17.84
CA GLY A 153 -2.71 17.64 17.49
C GLY A 153 -2.90 17.83 16.01
N ILE A 154 -4.10 17.49 15.56
CA ILE A 154 -4.53 17.68 14.19
C ILE A 154 -5.81 18.51 14.23
N ARG A 155 -5.80 19.65 13.54
CA ARG A 155 -6.99 20.48 13.47
C ARG A 155 -7.86 20.05 12.30
N LYS A 156 -9.12 20.48 12.34
CA LYS A 156 -10.12 19.98 11.39
C LYS A 156 -9.73 20.26 9.94
N ASP A 157 -9.02 21.37 9.69
CA ASP A 157 -8.65 21.73 8.33
C ASP A 157 -7.37 21.03 7.85
N GLY A 158 -6.84 20.09 8.64
CA GLY A 158 -5.65 19.36 8.26
C GLY A 158 -4.35 19.91 8.80
N THR A 159 -4.39 20.93 9.65
CA THR A 159 -3.18 21.51 10.21
C THR A 159 -2.61 20.60 11.30
N LEU A 160 -1.35 20.23 11.15
CA LEU A 160 -0.61 19.52 12.19
C LEU A 160 -0.03 20.55 13.15
N VAL A 161 -0.17 20.29 14.45
CA VAL A 161 0.29 21.21 15.49
C VAL A 161 1.22 20.48 16.43
N PHE A 162 2.37 21.07 16.70
CA PHE A 162 3.33 20.53 17.65
C PHE A 162 3.75 21.64 18.60
N GLY A 163 3.91 21.30 19.88
CA GLY A 163 4.45 22.23 20.84
C GLY A 163 3.60 22.47 22.07
N TYR A 164 3.65 23.68 22.58
CA TYR A 164 2.99 24.04 23.83
C TYR A 164 1.73 24.84 23.52
N LEU A 165 0.61 24.39 24.10
CA LEU A 165 -0.69 24.97 23.85
C LEU A 165 -1.32 25.40 25.16
N SER A 166 -2.04 26.51 25.12
CA SER A 166 -2.84 26.94 26.24
C SER A 166 -4.18 26.21 26.24
N GLU A 167 -4.89 26.30 27.36
CA GLU A 167 -6.22 25.71 27.43
C GLU A 167 -7.14 26.36 26.41
N ASP A 168 -7.00 27.68 26.22
CA ASP A 168 -7.79 28.36 25.18
C ASP A 168 -7.45 27.82 23.80
N ASP A 169 -6.18 27.51 23.55
CA ASP A 169 -5.79 26.99 22.24
C ASP A 169 -6.55 25.72 21.89
N ILE A 170 -6.66 24.79 22.85
CA ILE A 170 -7.24 23.49 22.56
C ILE A 170 -8.77 23.54 22.53
N LEU A 171 -9.37 24.53 23.16
CA LEU A 171 -10.82 24.65 23.21
C LEU A 171 -11.38 25.47 22.05
N ASP A 172 -10.53 25.98 21.17
CA ASP A 172 -11.02 26.76 20.04
C ASP A 172 -12.00 25.95 19.21
N GLN A 173 -13.07 26.61 18.77
CA GLN A 173 -14.08 25.98 17.93
C GLN A 173 -14.10 26.55 16.51
N GLU A 174 -13.28 27.56 16.23
CA GLU A 174 -13.18 28.08 14.86
C GLU A 174 -12.64 27.00 13.91
N ASN A 175 -11.49 26.44 14.25
CA ASN A 175 -10.86 25.35 13.49
C ASN A 175 -10.45 24.27 14.47
N PRO A 176 -11.41 23.52 15.00
CA PRO A 176 -11.16 22.75 16.22
C PRO A 176 -10.22 21.57 16.00
N PHE A 177 -9.51 21.22 17.07
CA PHE A 177 -8.72 20.00 17.08
C PHE A 177 -9.64 18.79 16.92
N VAL A 178 -9.28 17.89 16.02
CA VAL A 178 -9.98 16.61 15.89
C VAL A 178 -9.18 15.47 16.50
N GLN A 179 -7.87 15.63 16.66
CA GLN A 179 -7.03 14.70 17.39
C GLN A 179 -6.06 15.51 18.23
N LEU A 180 -5.83 15.07 19.46
CA LEU A 180 -4.89 15.75 20.33
C LEU A 180 -4.38 14.77 21.37
N ILE A 181 -3.06 14.81 21.61
CA ILE A 181 -2.44 13.95 22.60
C ILE A 181 -1.24 14.71 23.17
N SER A 182 -0.88 14.39 24.41
CA SER A 182 0.22 15.04 25.10
C SER A 182 1.35 14.05 25.35
N GLY A 183 2.58 14.54 25.25
CA GLY A 183 3.75 13.75 25.61
C GLY A 183 4.56 14.44 26.67
N VAL A 184 5.87 14.18 26.71
CA VAL A 184 6.77 14.86 27.64
C VAL A 184 8.09 15.06 26.92
N VAL A 185 8.42 16.33 26.63
CA VAL A 185 9.64 16.78 25.96
C VAL A 185 9.36 17.03 24.49
N TRP A 186 9.63 18.25 24.05
CA TRP A 186 9.59 18.64 22.65
C TRP A 186 10.97 18.40 22.05
N LEU A 187 11.09 17.33 21.25
CA LEU A 187 12.40 16.85 20.82
C LEU A 187 13.01 17.76 19.76
N LEU A 188 12.27 18.06 18.71
CA LEU A 188 12.75 18.87 17.61
C LEU A 188 11.79 20.03 17.38
N ARG A 189 12.33 21.23 17.27
CA ARG A 189 11.56 22.40 16.87
C ARG A 189 12.26 23.04 15.69
N LYS A 190 11.55 23.13 14.56
CA LYS A 190 12.08 23.72 13.34
C LYS A 190 13.41 23.06 12.95
N GLY A 191 13.45 21.74 13.07
CA GLY A 191 14.62 20.99 12.66
C GLY A 191 15.80 21.06 13.60
N GLU A 192 15.62 21.65 14.77
CA GLU A 192 16.68 21.77 15.76
C GLU A 192 16.27 21.06 17.05
N ILE A 193 17.27 20.51 17.74
CA ILE A 193 17.03 19.85 19.01
C ILE A 193 16.55 20.88 20.02
N TYR A 194 15.46 20.56 20.71
CA TYR A 194 14.75 21.50 21.57
C TYR A 194 14.60 20.94 22.99
N ILE A 195 15.47 20.01 23.36
CA ILE A 195 15.33 19.33 24.63
C ILE A 195 15.67 20.26 25.80
N ASN A 196 16.71 21.08 25.63
CA ASN A 196 17.11 22.00 26.69
C ASN A 196 16.01 23.00 26.98
N GLU A 197 15.38 23.52 25.92
CA GLU A 197 14.23 24.40 26.11
C GLU A 197 13.04 23.65 26.70
N SER A 198 12.85 22.38 26.31
CA SER A 198 11.75 21.59 26.86
C SER A 198 11.91 21.37 28.35
N ILE A 199 13.13 21.12 28.81
CA ILE A 199 13.36 20.94 30.24
C ILE A 199 12.93 22.19 31.00
N GLN A 200 13.27 23.36 30.48
CA GLN A 200 12.82 24.61 31.12
C GLN A 200 11.30 24.67 31.15
N ALA A 201 10.64 24.27 30.07
CA ALA A 201 9.20 24.49 29.95
C ALA A 201 8.38 23.43 30.67
N GLU A 202 8.87 22.20 30.76
CA GLU A 202 8.05 21.07 31.18
C GLU A 202 8.40 20.51 32.56
N SER A 203 9.38 21.08 33.23
CA SER A 203 9.71 20.65 34.59
C SER A 203 9.51 21.82 35.53
N ASP A 204 9.15 21.49 36.78
CA ASP A 204 9.00 22.51 37.81
C ASP A 204 10.37 22.86 38.39
N LYS A 205 10.73 24.15 38.32
CA LYS A 205 11.95 24.61 38.96
C LYS A 205 12.04 24.20 40.42
N THR A 206 10.91 23.81 41.03
CA THR A 206 10.83 23.56 42.46
C THR A 206 10.96 22.07 42.80
N GLN A 207 10.06 21.25 42.28
CA GLN A 207 9.94 19.85 42.74
C GLN A 207 10.78 18.92 41.88
N GLU A 208 11.99 18.61 42.37
CA GLU A 208 12.81 17.51 41.86
C GLU A 208 13.01 17.60 40.35
N THR A 209 13.83 18.57 39.95
CA THR A 209 14.27 18.65 38.56
C THR A 209 15.26 17.55 38.22
N GLY A 210 15.90 16.94 39.23
CA GLY A 210 16.85 15.87 38.96
C GLY A 210 16.22 14.66 38.31
N ASN A 211 15.05 14.24 38.82
CA ASN A 211 14.37 13.09 38.26
C ASN A 211 13.98 13.32 36.80
N PHE A 212 13.59 14.55 36.46
CA PHE A 212 13.28 14.86 35.07
C PHE A 212 14.52 14.70 34.18
N ARG A 213 15.69 15.16 34.65
CA ARG A 213 16.90 15.02 33.87
C ARG A 213 17.24 13.55 33.64
N HIS A 214 17.09 12.72 34.67
CA HIS A 214 17.37 11.30 34.51
C HIS A 214 16.47 10.68 33.46
N PHE A 215 15.20 11.10 33.45
CA PHE A 215 14.27 10.66 32.41
C PHE A 215 14.76 11.02 31.02
N VAL A 216 15.44 12.16 30.88
CA VAL A 216 15.94 12.59 29.58
C VAL A 216 17.21 11.84 29.22
N ASP A 217 18.11 11.62 30.19
CA ASP A 217 19.44 11.12 29.91
C ASP A 217 19.53 9.60 29.83
N VAL A 218 18.65 8.88 30.55
CA VAL A 218 18.73 7.43 30.57
C VAL A 218 18.32 6.85 29.23
N ILE A 219 18.94 5.74 28.84
CA ILE A 219 18.50 5.03 27.64
C ILE A 219 17.32 4.15 28.00
N SER A 220 16.41 4.00 27.06
CA SER A 220 15.22 3.18 27.26
C SER A 220 14.54 3.00 25.92
N ALA A 221 13.45 2.24 25.92
CA ALA A 221 12.53 2.24 24.79
C ALA A 221 11.87 3.61 24.70
N ARG A 222 11.67 4.08 23.47
CA ARG A 222 11.10 5.39 23.25
C ARG A 222 10.15 5.36 22.07
N THR A 223 9.18 6.27 22.09
CA THR A 223 8.31 6.50 20.96
C THR A 223 8.17 8.02 20.78
N ALA A 224 7.88 8.42 19.55
CA ALA A 224 7.75 9.84 19.22
C ALA A 224 6.85 9.98 18.01
N VAL A 225 6.32 11.19 17.85
CA VAL A 225 5.53 11.56 16.69
C VAL A 225 6.02 12.90 16.18
N GLY A 226 6.09 13.05 14.86
CA GLY A 226 6.57 14.27 14.26
C GLY A 226 6.07 14.39 12.84
N HIS A 227 6.66 15.33 12.11
CA HIS A 227 6.30 15.53 10.72
C HIS A 227 7.51 16.01 9.95
N ASP A 228 7.44 15.86 8.63
CA ASP A 228 8.49 16.34 7.74
C ASP A 228 7.96 17.56 6.99
N LYS A 229 8.85 18.14 6.15
CA LYS A 229 8.47 19.35 5.43
C LYS A 229 7.32 19.12 4.47
N GLU A 230 7.10 17.88 4.03
CA GLU A 230 6.03 17.61 3.09
C GLU A 230 4.66 17.55 3.76
N GLY A 231 4.60 17.55 5.08
CA GLY A 231 3.36 17.38 5.80
C GLY A 231 3.02 15.95 6.13
N LYS A 232 3.92 15.01 5.85
CA LYS A 232 3.70 13.64 6.27
C LYS A 232 3.90 13.54 7.78
N LEU A 233 3.09 12.72 8.41
CA LEU A 233 3.25 12.43 9.83
C LEU A 233 4.25 11.30 9.99
N ILE A 234 5.15 11.45 10.94
CA ILE A 234 6.22 10.49 11.18
C ILE A 234 6.01 9.91 12.57
N LEU A 235 5.88 8.59 12.64
CA LEU A 235 5.84 7.86 13.90
C LEU A 235 7.19 7.18 14.12
N PHE A 236 7.71 7.30 15.33
CA PHE A 236 9.00 6.73 15.68
C PHE A 236 8.83 5.76 16.84
N HIS A 237 9.57 4.66 16.78
CA HIS A 237 9.59 3.68 17.86
C HIS A 237 10.96 3.03 17.88
N VAL A 238 11.55 2.92 19.06
CA VAL A 238 12.80 2.20 19.25
C VAL A 238 12.63 1.30 20.47
N ASP A 239 12.95 0.03 20.31
CA ASP A 239 12.92 -0.89 21.43
C ASP A 239 14.06 -0.59 22.40
N GLY A 240 13.86 -1.00 23.64
CA GLY A 240 14.88 -0.81 24.65
C GLY A 240 14.37 -1.22 26.01
N GLN A 241 15.21 -0.96 27.01
CA GLN A 241 14.88 -1.22 28.40
C GLN A 241 15.62 -0.21 29.26
N THR A 242 14.90 0.46 30.15
CA THR A 242 15.46 1.57 30.90
C THR A 242 16.80 1.18 31.54
N ASP A 243 17.83 1.95 31.23
CA ASP A 243 19.19 1.80 31.74
C ASP A 243 19.89 0.56 31.20
N VAL A 244 19.39 -0.06 30.14
CA VAL A 244 19.98 -1.30 29.64
C VAL A 244 20.11 -1.26 28.13
N ARG A 245 19.03 -0.94 27.43
CA ARG A 245 19.04 -0.90 25.98
C ARG A 245 18.18 0.27 25.51
N GLY A 246 18.43 0.71 24.28
CA GLY A 246 17.61 1.73 23.68
C GLY A 246 18.33 3.05 23.49
N MET A 247 17.59 4.15 23.64
CA MET A 247 18.13 5.47 23.40
C MET A 247 17.64 6.43 24.48
N ASN A 248 18.43 7.46 24.73
CA ASN A 248 17.95 8.60 25.49
C ASN A 248 17.40 9.63 24.51
N LEU A 249 16.80 10.69 25.05
CA LEU A 249 16.07 11.62 24.20
C LEU A 249 17.02 12.44 23.32
N TRP A 250 18.25 12.67 23.78
CA TRP A 250 19.24 13.32 22.93
C TRP A 250 19.47 12.50 21.67
N GLN A 251 19.61 11.18 21.83
CA GLN A 251 19.83 10.31 20.68
C GLN A 251 18.59 10.22 19.81
N VAL A 252 17.40 10.19 20.43
CA VAL A 252 16.17 10.14 19.64
C VAL A 252 16.07 11.39 18.78
N ALA A 253 16.32 12.56 19.38
CA ALA A 253 16.22 13.80 18.63
C ALA A 253 17.20 13.84 17.48
N LYS A 254 18.44 13.41 17.72
CA LYS A 254 19.43 13.41 16.65
C LYS A 254 19.04 12.44 15.55
N PHE A 255 18.57 11.24 15.93
CA PHE A 255 18.13 10.26 14.95
C PHE A 255 17.03 10.83 14.07
N LEU A 256 16.02 11.46 14.69
CA LEU A 256 14.93 12.06 13.90
C LEU A 256 15.41 13.27 13.10
N LYS A 257 16.35 14.05 13.64
CA LYS A 257 16.88 15.17 12.89
C LYS A 257 17.51 14.71 11.58
N ASP A 258 18.23 13.57 11.62
CA ASP A 258 18.83 13.02 10.42
C ASP A 258 17.83 12.37 9.47
N GLN A 259 16.59 12.17 9.90
CA GLN A 259 15.52 11.68 9.05
C GLN A 259 14.67 12.80 8.46
N ASN A 260 15.16 14.04 8.50
CA ASN A 260 14.45 15.18 7.92
C ASN A 260 13.14 15.48 8.63
N VAL A 261 13.07 15.19 9.93
CA VAL A 261 11.92 15.54 10.73
C VAL A 261 12.04 17.00 11.15
N MET A 262 10.95 17.75 11.01
CA MET A 262 10.94 19.18 11.30
C MET A 262 10.55 19.45 12.75
N ASN A 263 9.46 18.85 13.23
CA ASN A 263 9.02 18.97 14.60
C ASN A 263 8.61 17.59 15.10
N ALA A 264 8.95 17.30 16.36
CA ALA A 264 8.59 16.01 16.95
C ALA A 264 8.53 16.15 18.47
N ILE A 265 7.60 15.41 19.07
CA ILE A 265 7.51 15.35 20.52
C ILE A 265 7.68 13.91 20.97
N ASN A 266 8.14 13.74 22.20
CA ASN A 266 8.36 12.43 22.80
C ASN A 266 7.10 11.94 23.48
N LEU A 267 6.66 10.75 23.11
CA LEU A 267 5.51 10.10 23.71
C LEU A 267 6.01 9.11 24.77
N ASP A 268 5.13 8.21 25.21
CA ASP A 268 5.46 7.31 26.31
C ASP A 268 6.48 6.29 25.85
N GLY A 269 7.39 5.93 26.76
CA GLY A 269 8.45 4.99 26.46
C GLY A 269 8.52 3.89 27.50
N GLY A 270 9.73 3.40 27.71
CA GLY A 270 9.93 2.31 28.65
C GLY A 270 9.13 1.09 28.23
N GLY A 271 8.61 0.37 29.23
CA GLY A 271 7.80 -0.81 28.95
C GLY A 271 6.51 -0.51 28.23
N SER A 272 6.09 0.76 28.16
CA SER A 272 4.87 1.10 27.43
C SER A 272 5.09 1.02 25.92
N ALA A 273 6.32 1.22 25.46
CA ALA A 273 6.61 1.28 24.04
C ALA A 273 6.20 -0.01 23.34
N THR A 274 5.28 0.12 22.38
CA THR A 274 4.75 -1.01 21.63
C THR A 274 4.54 -0.60 20.19
N TYR A 275 4.84 -1.50 19.26
CA TYR A 275 4.58 -1.31 17.84
C TYR A 275 3.73 -2.48 17.36
N VAL A 276 2.54 -2.18 16.87
CA VAL A 276 1.56 -3.20 16.48
C VAL A 276 1.26 -3.01 15.00
N LEU A 277 1.49 -4.06 14.22
CA LEU A 277 1.33 -4.01 12.77
C LEU A 277 0.08 -4.81 12.40
N ASN A 278 -0.96 -4.12 11.98
CA ASN A 278 -2.22 -4.73 11.57
C ASN A 278 -2.72 -5.70 12.64
N GLY A 279 -2.66 -5.26 13.90
CA GLY A 279 -3.17 -6.02 15.02
C GLY A 279 -2.23 -7.03 15.64
N SER A 280 -1.01 -7.17 15.14
CA SER A 280 -0.04 -8.11 15.67
C SER A 280 1.16 -7.37 16.26
N LEU A 281 1.62 -7.84 17.40
CA LEU A 281 2.82 -7.27 18.02
C LEU A 281 4.01 -7.49 17.11
N ALA A 282 4.71 -6.38 16.80
CA ALA A 282 5.84 -6.42 15.88
C ALA A 282 7.07 -5.74 16.48
N SER A 283 7.13 -5.65 17.81
CA SER A 283 8.27 -5.10 18.53
C SER A 283 8.63 -6.06 19.65
N TYR A 284 9.65 -5.70 20.43
CA TYR A 284 10.12 -6.50 21.55
C TYR A 284 9.96 -5.72 22.85
N PRO A 285 8.84 -5.87 23.55
CA PRO A 285 8.62 -5.09 24.77
C PRO A 285 9.58 -5.49 25.89
N SER A 286 9.74 -4.58 26.85
CA SER A 286 10.72 -4.79 27.91
C SER A 286 10.14 -5.43 29.17
N ASP A 287 8.85 -5.23 29.46
CA ASP A 287 8.26 -5.84 30.64
C ASP A 287 8.35 -7.36 30.57
N HIS A 288 8.38 -7.99 31.74
CA HIS A 288 8.37 -9.44 31.85
C HIS A 288 6.96 -9.92 32.09
N CYS A 289 6.68 -11.15 31.65
CA CYS A 289 5.41 -11.82 31.93
C CYS A 289 5.54 -12.52 33.29
N ASN A 290 5.42 -11.73 34.35
CA ASN A 290 5.61 -12.28 35.68
C ASN A 290 4.66 -13.46 35.90
N PRO A 291 5.12 -14.56 36.52
CA PRO A 291 6.46 -14.73 37.10
C PRO A 291 7.52 -15.25 36.12
N SER A 292 7.16 -15.45 34.87
CA SER A 292 8.12 -15.95 33.89
C SER A 292 8.97 -14.79 33.36
N LYS A 293 10.05 -15.13 32.67
CA LYS A 293 10.97 -14.14 32.16
C LYS A 293 10.77 -13.84 30.68
N TRP A 294 9.76 -14.44 30.05
CA TRP A 294 9.37 -13.98 28.73
C TRP A 294 8.98 -12.50 28.80
N ARG A 295 8.91 -11.87 27.64
CA ARG A 295 8.58 -10.46 27.53
C ARG A 295 7.10 -10.29 27.17
N CYS A 296 6.51 -9.22 27.68
CA CYS A 296 5.08 -8.98 27.54
C CYS A 296 4.81 -7.53 27.19
N PRO A 297 3.87 -7.27 26.28
CA PRO A 297 3.44 -5.88 26.09
C PRO A 297 2.66 -5.40 27.30
N ARG A 298 2.75 -4.10 27.54
CA ARG A 298 2.13 -3.49 28.71
C ARG A 298 0.72 -3.03 28.40
N ALA A 299 -0.15 -3.11 29.40
CA ALA A 299 -1.47 -2.49 29.34
C ALA A 299 -1.28 -0.99 29.53
N ILE A 300 -1.59 -0.22 28.48
CA ILE A 300 -1.29 1.21 28.48
C ILE A 300 -2.58 2.00 28.34
N SER A 301 -2.45 3.30 28.09
CA SER A 301 -3.59 4.19 28.04
C SER A 301 -4.01 4.48 26.60
N THR A 302 -3.89 5.73 26.18
CA THR A 302 -4.29 6.08 24.82
C THR A 302 -3.37 5.43 23.81
N VAL A 303 -3.89 5.29 22.59
CA VAL A 303 -3.18 4.65 21.49
C VAL A 303 -3.19 5.59 20.31
N LEU A 304 -2.08 5.62 19.59
CA LEU A 304 -1.96 6.36 18.33
C LEU A 304 -2.15 5.36 17.20
N CYS A 305 -3.23 5.54 16.42
CA CYS A 305 -3.69 4.55 15.46
C CYS A 305 -3.67 5.14 14.06
N ILE A 306 -3.22 4.33 13.09
CA ILE A 306 -3.25 4.68 11.68
C ILE A 306 -4.10 3.61 11.00
N HIS A 307 -5.26 4.01 10.46
CA HIS A 307 -6.22 3.05 9.95
C HIS A 307 -6.49 3.31 8.47
N GLU A 308 -6.95 2.26 7.79
CA GLU A 308 -7.20 2.36 6.35
C GLU A 308 -8.47 3.15 6.06
N ARG A 309 -9.57 2.78 6.70
CA ARG A 309 -10.85 3.47 6.48
C ARG A 309 -11.04 4.56 7.53
N GLY B 9 28.16 -16.74 0.28
CA GLY B 9 28.24 -15.75 1.34
C GLY B 9 28.47 -16.37 2.71
N SER B 10 27.38 -16.57 3.44
CA SER B 10 27.43 -17.24 4.75
C SER B 10 26.92 -18.68 4.66
N GLY B 11 26.93 -19.27 3.48
CA GLY B 11 26.48 -20.64 3.31
C GLY B 11 27.46 -21.62 3.90
N PRO B 12 26.96 -22.78 4.33
CA PRO B 12 27.88 -23.80 4.88
C PRO B 12 28.70 -24.51 3.83
N TYR B 13 28.29 -24.48 2.56
CA TYR B 13 28.96 -25.19 1.49
C TYR B 13 29.38 -24.22 0.39
N THR B 14 30.55 -24.47 -0.19
CA THR B 14 31.09 -23.60 -1.22
C THR B 14 30.76 -24.07 -2.62
N LYS B 15 30.61 -25.38 -2.83
CA LYS B 15 30.38 -25.92 -4.16
C LYS B 15 28.94 -26.38 -4.33
N SER B 16 28.61 -27.54 -3.74
CA SER B 16 27.28 -28.10 -3.81
C SER B 16 26.76 -28.30 -2.39
N HIS B 17 25.44 -28.22 -2.24
CA HIS B 17 24.83 -28.26 -0.91
C HIS B 17 24.82 -29.69 -0.38
N GLY B 18 25.44 -29.88 0.78
CA GLY B 18 25.43 -31.14 1.47
C GLY B 18 26.75 -31.88 1.37
N PRO B 19 26.94 -32.87 2.24
CA PRO B 19 28.15 -33.71 2.16
C PRO B 19 28.08 -34.63 0.97
N SER B 20 29.25 -35.16 0.60
CA SER B 20 29.35 -36.06 -0.54
C SER B 20 29.10 -37.52 -0.16
N HIS B 21 29.13 -37.85 1.12
CA HIS B 21 29.03 -39.23 1.56
C HIS B 21 27.58 -39.63 1.83
N SER B 22 27.38 -40.94 1.95
CA SER B 22 26.07 -41.54 2.03
C SER B 22 25.58 -41.65 3.47
N HIS B 23 24.34 -42.13 3.62
CA HIS B 23 23.80 -42.39 4.94
C HIS B 23 24.58 -43.49 5.65
N ARG B 24 25.15 -44.43 4.88
CA ARG B 24 25.95 -45.49 5.49
C ARG B 24 27.18 -44.92 6.19
N TYR B 25 27.76 -43.86 5.63
CA TYR B 25 28.86 -43.17 6.31
C TYR B 25 28.39 -42.52 7.60
N VAL B 26 27.22 -41.89 7.58
CA VAL B 26 26.71 -41.26 8.81
C VAL B 26 26.56 -42.30 9.91
N ARG B 27 26.01 -43.47 9.57
CA ARG B 27 25.84 -44.52 10.57
C ARG B 27 27.17 -45.02 11.09
N ASP B 28 28.12 -45.25 10.18
CA ASP B 28 29.39 -45.85 10.59
C ASP B 28 30.22 -44.90 11.45
N SER B 29 30.03 -43.60 11.30
CA SER B 29 30.83 -42.62 12.02
C SER B 29 30.14 -42.02 13.23
N GLN B 30 28.87 -42.34 13.48
CA GLN B 30 28.20 -41.71 14.61
C GLN B 30 28.65 -42.36 15.92
N PRO B 31 28.49 -41.65 17.04
CA PRO B 31 28.98 -42.19 18.32
C PRO B 31 28.35 -43.53 18.66
N VAL B 32 29.15 -44.39 19.30
CA VAL B 32 28.71 -45.71 19.70
C VAL B 32 27.48 -45.65 20.59
N ALA B 33 27.36 -44.58 21.38
CA ALA B 33 26.26 -44.49 22.34
C ALA B 33 24.90 -44.55 21.67
N HIS B 34 24.81 -44.15 20.41
CA HIS B 34 23.53 -44.07 19.71
C HIS B 34 23.25 -45.29 18.85
N GLY B 35 24.08 -46.33 18.95
CA GLY B 35 23.86 -47.52 18.17
C GLY B 35 23.94 -47.24 16.69
N THR B 36 23.06 -47.89 15.92
CA THR B 36 23.06 -47.79 14.48
C THR B 36 21.92 -46.95 13.93
N VAL B 37 21.10 -46.37 14.80
CA VAL B 37 19.97 -45.55 14.37
C VAL B 37 20.43 -44.10 14.34
N THR B 38 20.23 -43.43 13.22
CA THR B 38 20.73 -42.09 13.00
C THR B 38 19.66 -41.02 13.12
N HIS B 39 18.54 -41.34 13.76
CA HIS B 39 17.47 -40.38 13.95
C HIS B 39 16.84 -40.62 15.32
N GLU B 40 16.02 -39.68 15.75
CA GLU B 40 15.24 -39.79 16.98
C GLU B 40 13.77 -39.61 16.63
N THR B 41 12.91 -40.27 17.40
CA THR B 41 11.47 -40.18 17.21
C THR B 41 10.80 -39.79 18.51
N GLN B 42 9.61 -39.20 18.38
CA GLN B 42 8.85 -38.73 19.53
C GLN B 42 7.39 -38.59 19.12
N ALA B 43 6.50 -39.25 19.86
CA ALA B 43 5.08 -39.05 19.61
C ALA B 43 4.71 -37.59 19.87
N ALA B 44 4.06 -36.96 18.90
CA ALA B 44 3.65 -35.58 19.05
C ALA B 44 2.49 -35.49 20.05
N SER B 45 2.48 -34.41 20.83
CA SER B 45 1.33 -34.12 21.67
C SER B 45 0.15 -33.78 20.80
N LYS B 46 -1.05 -34.09 21.29
CA LYS B 46 -2.30 -33.83 20.57
C LYS B 46 -3.30 -33.18 21.52
N HIS B 47 -2.90 -32.07 22.12
CA HIS B 47 -3.74 -31.33 23.06
C HIS B 47 -4.79 -30.55 22.28
N SER B 48 -5.88 -31.24 21.93
CA SER B 48 -6.95 -30.63 21.15
C SER B 48 -7.79 -29.67 21.98
N ASN B 49 -7.61 -29.66 23.31
CA ASN B 49 -8.32 -28.77 24.20
C ASN B 49 -7.47 -27.58 24.63
N SER B 50 -6.33 -27.37 23.99
CA SER B 50 -5.45 -26.23 24.23
C SER B 50 -5.49 -25.28 23.04
N PRO B 51 -4.99 -24.06 23.21
CA PRO B 51 -4.77 -23.19 22.04
C PRO B 51 -3.80 -23.83 21.07
N VAL B 52 -3.88 -23.41 19.81
CA VAL B 52 -3.03 -24.01 18.79
C VAL B 52 -1.55 -23.88 19.17
N LEU B 53 -1.17 -22.71 19.68
CA LEU B 53 0.24 -22.45 19.96
C LEU B 53 0.35 -21.37 21.03
N GLU B 54 1.57 -21.21 21.53
CA GLU B 54 1.94 -20.12 22.42
C GLU B 54 3.23 -19.52 21.88
N SER B 55 3.20 -18.24 21.54
CA SER B 55 4.36 -17.54 21.00
C SER B 55 4.89 -16.57 22.07
N ASN B 56 6.15 -16.73 22.43
CA ASN B 56 6.79 -15.95 23.47
C ASN B 56 8.04 -15.27 22.96
N ILE B 57 8.25 -14.03 23.42
CA ILE B 57 9.41 -13.24 23.10
C ILE B 57 10.43 -13.38 24.21
N PHE B 58 11.71 -13.50 23.84
CA PHE B 58 12.81 -13.48 24.77
C PHE B 58 13.78 -12.39 24.36
N ILE B 59 14.35 -11.72 25.35
CA ILE B 59 15.48 -10.81 25.18
C ILE B 59 16.48 -11.22 26.24
N SER B 60 17.63 -11.74 25.82
CA SER B 60 18.56 -12.39 26.73
C SER B 60 19.98 -11.88 26.52
N ASP B 61 20.75 -11.92 27.60
CA ASP B 61 22.17 -11.60 27.57
C ASP B 61 22.96 -12.89 27.32
N ILE B 62 23.75 -12.90 26.27
CA ILE B 62 24.54 -14.07 25.88
C ILE B 62 26.02 -13.73 26.07
N THR B 63 26.76 -14.69 26.62
CA THR B 63 28.20 -14.57 26.79
C THR B 63 28.88 -15.60 25.89
N ASP B 64 29.89 -15.16 25.14
CA ASP B 64 30.67 -16.04 24.29
C ASP B 64 31.97 -16.42 25.02
N ASP B 65 32.79 -17.24 24.36
CA ASP B 65 33.99 -17.76 25.01
C ASP B 65 34.94 -16.65 25.41
N SER B 66 35.04 -15.59 24.61
CA SER B 66 35.94 -14.49 24.92
C SER B 66 35.47 -13.67 26.12
N GLY B 67 34.26 -13.91 26.63
CA GLY B 67 33.76 -13.21 27.78
C GLY B 67 32.92 -11.98 27.48
N THR B 68 32.79 -11.58 26.23
CA THR B 68 32.02 -10.39 25.89
C THR B 68 30.53 -10.71 25.92
N HIS B 69 29.74 -9.75 26.41
CA HIS B 69 28.30 -9.90 26.57
C HIS B 69 27.56 -9.20 25.44
N ARG B 70 26.48 -9.83 24.97
CA ARG B 70 25.66 -9.27 23.91
C ARG B 70 24.19 -9.57 24.19
N TRP B 71 23.33 -8.66 23.73
CA TRP B 71 21.88 -8.86 23.83
C TRP B 71 21.37 -9.51 22.55
N VAL B 72 20.48 -10.50 22.73
CA VAL B 72 19.82 -11.15 21.61
C VAL B 72 18.33 -11.19 21.89
N SER B 73 17.54 -11.25 20.83
CA SER B 73 16.09 -11.19 20.95
C SER B 73 15.47 -12.07 19.88
N GLY B 74 14.32 -12.65 20.21
CA GLY B 74 13.65 -13.52 19.26
C GLY B 74 12.40 -14.12 19.86
N HIS B 75 11.95 -15.21 19.25
CA HIS B 75 10.70 -15.84 19.64
C HIS B 75 10.90 -17.34 19.85
N ILE B 76 10.16 -17.88 20.81
CA ILE B 76 9.98 -19.32 20.99
C ILE B 76 8.49 -19.60 20.82
N THR B 77 8.15 -20.51 19.92
CA THR B 77 6.76 -20.86 19.65
C THR B 77 6.56 -22.33 20.00
N GLU B 78 5.59 -22.61 20.86
CA GLU B 78 5.23 -23.96 21.25
C GLU B 78 3.94 -24.36 20.54
N VAL B 79 3.95 -25.55 19.94
CA VAL B 79 2.81 -26.05 19.18
C VAL B 79 2.28 -27.30 19.88
N HIS B 80 1.01 -27.28 20.23
CA HIS B 80 0.42 -28.32 21.07
C HIS B 80 -0.13 -29.50 20.29
N ASP B 81 -0.34 -29.36 18.98
CA ASP B 81 -0.86 -30.45 18.14
C ASP B 81 -0.19 -30.41 16.78
N PRO B 82 1.11 -30.74 16.74
CA PRO B 82 1.87 -30.53 15.49
C PRO B 82 1.28 -31.22 14.28
N LEU B 83 0.72 -32.43 14.45
CA LEU B 83 0.25 -33.19 13.29
C LEU B 83 -0.84 -32.43 12.54
N ARG B 84 -1.75 -31.78 13.25
CA ARG B 84 -2.87 -31.10 12.59
C ARG B 84 -2.58 -29.65 12.25
N SER B 85 -1.58 -29.02 12.87
CA SER B 85 -1.39 -27.58 12.76
C SER B 85 -0.10 -27.17 12.06
N VAL B 86 0.85 -28.08 11.83
CA VAL B 86 2.15 -27.73 11.27
C VAL B 86 2.19 -28.14 9.80
N SER B 87 2.65 -27.22 8.94
CA SER B 87 2.77 -27.49 7.51
C SER B 87 4.10 -26.97 6.99
N VAL B 88 4.70 -27.71 6.06
CA VAL B 88 5.82 -27.24 5.27
C VAL B 88 5.24 -26.73 3.94
N LEU B 89 5.47 -25.46 3.63
CA LEU B 89 4.88 -24.83 2.47
C LEU B 89 5.94 -24.53 1.42
N GLU B 90 5.57 -24.70 0.15
CA GLU B 90 6.42 -24.30 -0.95
C GLU B 90 6.37 -22.79 -1.12
N PRO B 91 7.44 -22.19 -1.64
CA PRO B 91 7.44 -20.73 -1.85
C PRO B 91 6.32 -20.32 -2.79
N GLY B 92 5.48 -19.40 -2.32
CA GLY B 92 4.38 -18.87 -3.10
C GLY B 92 3.18 -19.78 -3.19
N GLY B 93 3.32 -21.07 -2.89
CA GLY B 93 2.24 -22.01 -3.01
C GLY B 93 2.68 -23.26 -3.72
N PRO B 94 1.79 -24.25 -3.81
CA PRO B 94 2.15 -25.51 -4.45
C PRO B 94 2.73 -25.28 -5.85
N GLY B 95 3.79 -26.02 -6.14
CA GLY B 95 4.51 -25.85 -7.39
C GLY B 95 5.62 -24.83 -7.34
N GLY B 96 5.82 -24.15 -6.21
CA GLY B 96 6.83 -23.11 -6.16
C GLY B 96 8.24 -23.64 -6.37
N CYS B 97 8.55 -24.79 -5.78
CA CYS B 97 9.92 -25.31 -5.88
C CYS B 97 10.24 -25.75 -7.30
N ALA B 98 9.26 -26.26 -8.06
CA ALA B 98 9.53 -26.68 -9.43
C ALA B 98 9.94 -25.49 -10.29
N HIS B 99 9.53 -24.28 -9.93
CA HIS B 99 9.86 -23.08 -10.68
C HIS B 99 11.04 -22.33 -10.08
N ASN B 100 11.74 -22.91 -9.10
CA ASN B 100 12.84 -22.22 -8.43
C ASN B 100 12.39 -20.86 -7.92
N HIS B 101 11.17 -20.83 -7.39
CA HIS B 101 10.56 -19.58 -6.96
C HIS B 101 11.04 -19.20 -5.57
N ARG B 102 11.24 -17.90 -5.36
CA ARG B 102 11.55 -17.35 -4.05
C ARG B 102 10.48 -16.34 -3.70
N GLU B 103 10.09 -16.31 -2.43
CA GLU B 103 8.99 -15.47 -2.00
C GLU B 103 9.10 -15.17 -0.52
N LEU B 104 8.59 -14.01 -0.12
CA LEU B 104 8.60 -13.63 1.28
C LEU B 104 7.79 -14.64 2.11
N VAL B 105 8.25 -14.86 3.36
CA VAL B 105 7.50 -15.70 4.28
C VAL B 105 6.07 -15.19 4.40
N GLU B 106 5.92 -13.88 4.50
CA GLU B 106 4.60 -13.28 4.69
C GLU B 106 3.67 -13.65 3.55
N VAL B 107 4.16 -13.57 2.31
CA VAL B 107 3.32 -13.88 1.15
C VAL B 107 2.94 -15.35 1.14
N THR B 108 3.93 -16.23 1.29
CA THR B 108 3.64 -17.66 1.32
C THR B 108 2.69 -18.01 2.45
N ALA B 109 2.85 -17.35 3.61
CA ALA B 109 2.05 -17.70 4.77
C ALA B 109 0.57 -17.46 4.57
N LYS B 110 0.21 -16.41 3.81
CA LYS B 110 -1.20 -16.09 3.64
C LYS B 110 -1.94 -17.10 2.76
N THR B 111 -1.22 -18.01 2.09
CA THR B 111 -1.90 -19.05 1.34
C THR B 111 -2.48 -20.12 2.25
N ARG B 112 -2.12 -20.12 3.53
CA ARG B 112 -2.58 -21.13 4.48
C ARG B 112 -3.04 -20.50 5.80
N LYS B 113 -3.23 -19.18 5.84
CA LYS B 113 -3.72 -18.51 7.05
C LYS B 113 -2.87 -18.91 8.26
N CYS B 114 -1.56 -18.83 8.10
CA CYS B 114 -0.65 -19.24 9.16
C CYS B 114 -0.76 -18.28 10.33
N LEU B 115 -0.95 -18.84 11.53
CA LEU B 115 -0.90 -18.02 12.74
C LEU B 115 0.53 -17.58 13.03
N VAL B 116 1.48 -18.49 12.87
CA VAL B 116 2.91 -18.19 12.96
C VAL B 116 3.59 -18.85 11.77
N ALA B 117 4.53 -18.14 11.17
CA ALA B 117 5.29 -18.67 10.04
C ALA B 117 6.73 -18.20 10.16
N GLN B 118 7.66 -19.12 9.91
CA GLN B 118 9.07 -18.79 9.83
C GLN B 118 9.63 -19.28 8.50
N ASN B 119 10.73 -18.69 8.08
CA ASN B 119 11.44 -19.22 6.93
C ASN B 119 11.79 -20.67 7.18
N GLY B 120 11.92 -21.45 6.12
CA GLY B 120 12.13 -22.86 6.25
C GLY B 120 13.53 -23.30 5.88
N GLY B 121 13.64 -24.08 4.80
CA GLY B 121 14.89 -24.72 4.43
C GLY B 121 15.84 -23.82 3.66
N TYR B 122 17.01 -24.38 3.39
CA TYR B 122 18.04 -23.68 2.63
C TYR B 122 17.71 -23.72 1.14
N PHE B 123 18.27 -22.76 0.41
CA PHE B 123 18.04 -22.66 -1.01
C PHE B 123 19.27 -22.04 -1.67
N ASP B 124 19.36 -22.22 -2.99
CA ASP B 124 20.45 -21.65 -3.76
C ASP B 124 20.14 -20.18 -4.05
N THR B 125 20.99 -19.28 -3.53
CA THR B 125 20.72 -17.85 -3.65
C THR B 125 20.87 -17.35 -5.07
N HIS B 126 21.60 -18.07 -5.92
CA HIS B 126 21.81 -17.63 -7.30
C HIS B 126 20.69 -18.12 -8.22
N THR B 127 20.30 -19.40 -8.11
CA THR B 127 19.29 -19.97 -8.98
C THR B 127 17.91 -20.05 -8.34
N GLY B 128 17.81 -19.91 -7.01
CA GLY B 128 16.54 -20.05 -6.32
C GLY B 128 16.08 -21.48 -6.11
N GLN B 129 16.93 -22.45 -6.40
CA GLN B 129 16.55 -23.86 -6.28
C GLN B 129 16.33 -24.24 -4.82
N CYS B 130 15.28 -25.02 -4.58
CA CYS B 130 15.04 -25.59 -3.26
C CYS B 130 16.07 -26.68 -2.97
N LEU B 131 16.38 -26.86 -1.70
CA LEU B 131 17.41 -27.80 -1.28
C LEU B 131 16.87 -28.72 -0.20
N GLY B 132 17.45 -29.91 -0.13
CA GLY B 132 17.05 -30.91 0.84
C GLY B 132 15.82 -31.69 0.41
N ASN B 133 15.29 -32.45 1.36
CA ASN B 133 14.05 -33.18 1.16
C ASN B 133 12.88 -32.29 1.56
N ILE B 134 11.79 -32.37 0.79
CA ILE B 134 10.61 -31.56 1.04
C ILE B 134 9.38 -32.41 0.82
N ILE B 135 8.56 -32.55 1.87
CA ILE B 135 7.21 -33.12 1.77
C ILE B 135 6.25 -32.07 2.33
N SER B 136 5.26 -31.70 1.55
CA SER B 136 4.34 -30.61 1.88
C SER B 136 2.93 -31.15 1.90
N ASP B 137 2.33 -31.19 3.09
CA ASP B 137 0.96 -31.66 3.27
C ASP B 137 0.72 -32.97 2.52
N GLY B 138 1.59 -33.94 2.78
CA GLY B 138 1.46 -35.26 2.21
C GLY B 138 2.02 -35.44 0.81
N LYS B 139 2.49 -34.38 0.18
CA LYS B 139 2.97 -34.43 -1.20
C LYS B 139 4.48 -34.37 -1.21
N LEU B 140 5.10 -35.33 -1.90
CA LEU B 140 6.56 -35.34 -2.04
C LEU B 140 6.95 -34.25 -3.04
N VAL B 141 7.57 -33.19 -2.54
CA VAL B 141 7.94 -32.06 -3.39
C VAL B 141 9.36 -32.20 -3.90
N ARG B 142 10.28 -32.67 -3.08
CA ARG B 142 11.67 -32.81 -3.50
C ARG B 142 12.31 -33.97 -2.78
N ASN B 143 12.94 -34.86 -3.54
CA ASN B 143 13.76 -35.95 -3.03
C ASN B 143 15.20 -35.55 -3.31
N SER B 144 15.96 -35.25 -2.26
CA SER B 144 17.34 -34.78 -2.42
C SER B 144 18.27 -35.86 -2.97
N GLY B 145 17.86 -37.12 -2.97
CA GLY B 145 18.73 -38.19 -3.38
C GLY B 145 19.64 -38.70 -2.28
N GLY B 146 19.15 -38.69 -1.04
CA GLY B 146 19.94 -39.19 0.07
C GLY B 146 21.00 -38.25 0.59
N ILE B 147 20.88 -36.96 0.33
CA ILE B 147 21.85 -36.00 0.86
C ILE B 147 21.73 -35.96 2.38
N GLN B 148 22.87 -36.06 3.06
CA GLN B 148 22.89 -36.24 4.51
C GLN B 148 23.02 -34.88 5.20
N ASN B 149 21.89 -34.21 5.33
CA ASN B 149 21.73 -33.05 6.19
C ASN B 149 20.69 -33.37 7.26
N ALA B 150 20.70 -32.57 8.33
CA ALA B 150 19.72 -32.76 9.39
C ALA B 150 18.30 -32.62 8.85
N GLN B 151 17.41 -33.47 9.35
CA GLN B 151 16.04 -33.55 8.87
C GLN B 151 15.05 -33.35 10.02
N PHE B 152 13.89 -32.79 9.69
CA PHE B 152 12.74 -32.77 10.57
C PHE B 152 11.51 -33.17 9.78
N GLY B 153 10.75 -34.13 10.30
CA GLY B 153 9.56 -34.60 9.63
C GLY B 153 8.48 -35.01 10.61
N ILE B 154 7.26 -35.09 10.08
CA ILE B 154 6.10 -35.57 10.82
C ILE B 154 5.49 -36.71 10.03
N ARG B 155 5.36 -37.87 10.66
CA ARG B 155 4.76 -39.03 10.01
C ARG B 155 3.25 -39.04 10.24
N LYS B 156 2.55 -39.84 9.42
CA LYS B 156 1.10 -39.80 9.38
C LYS B 156 0.47 -40.08 10.74
N ASP B 157 1.10 -40.94 11.55
CA ASP B 157 0.55 -41.29 12.86
C ASP B 157 0.92 -40.30 13.94
N GLY B 158 1.55 -39.18 13.60
CA GLY B 158 1.94 -38.18 14.57
C GLY B 158 3.35 -38.28 15.09
N THR B 159 4.17 -39.18 14.55
CA THR B 159 5.54 -39.31 15.02
C THR B 159 6.39 -38.15 14.50
N LEU B 160 7.07 -37.46 15.41
CA LEU B 160 8.04 -36.44 15.05
C LEU B 160 9.40 -37.11 14.86
N VAL B 161 10.08 -36.77 13.77
CA VAL B 161 11.36 -37.38 13.43
C VAL B 161 12.42 -36.27 13.31
N PHE B 162 13.55 -36.47 13.96
CA PHE B 162 14.68 -35.55 13.88
C PHE B 162 15.94 -36.35 13.59
N GLY B 163 16.80 -35.81 12.72
CA GLY B 163 18.09 -36.40 12.49
C GLY B 163 18.40 -36.71 11.05
N TYR B 164 19.16 -37.80 10.84
CA TYR B 164 19.65 -38.17 9.52
C TYR B 164 18.84 -39.34 8.98
N LEU B 165 18.35 -39.17 7.76
CA LEU B 165 17.45 -40.12 7.13
C LEU B 165 18.02 -40.58 5.81
N SER B 166 17.83 -41.85 5.49
CA SER B 166 18.16 -42.37 4.18
C SER B 166 17.03 -42.06 3.20
N GLU B 167 17.32 -42.25 1.92
CA GLU B 167 16.28 -42.08 0.90
C GLU B 167 15.16 -43.08 1.11
N ASP B 168 15.49 -44.32 1.50
CA ASP B 168 14.45 -45.28 1.83
C ASP B 168 13.58 -44.81 3.00
N ASP B 169 14.19 -44.16 3.99
CA ASP B 169 13.41 -43.69 5.14
C ASP B 169 12.29 -42.74 4.70
N ILE B 170 12.61 -41.79 3.81
CA ILE B 170 11.63 -40.77 3.46
C ILE B 170 10.60 -41.27 2.46
N LEU B 171 10.91 -42.32 1.70
CA LEU B 171 9.98 -42.85 0.71
C LEU B 171 9.04 -43.91 1.26
N ASP B 172 9.17 -44.26 2.54
CA ASP B 172 8.32 -45.28 3.13
C ASP B 172 6.84 -44.89 3.03
N GLN B 173 6.00 -45.89 2.75
CA GLN B 173 4.56 -45.69 2.67
C GLN B 173 3.77 -46.41 3.75
N GLU B 174 4.42 -47.17 4.63
CA GLU B 174 3.70 -47.78 5.75
C GLU B 174 3.10 -46.70 6.65
N ASN B 175 3.95 -45.78 7.12
CA ASN B 175 3.55 -44.66 7.97
C ASN B 175 4.19 -43.42 7.38
N PRO B 176 3.68 -42.94 6.25
CA PRO B 176 4.45 -41.99 5.44
C PRO B 176 4.57 -40.62 6.08
N PHE B 177 5.66 -39.93 5.74
CA PHE B 177 5.80 -38.53 6.12
C PHE B 177 4.71 -37.70 5.47
N VAL B 178 4.09 -36.83 6.25
CA VAL B 178 3.16 -35.84 5.71
C VAL B 178 3.79 -34.45 5.67
N GLN B 179 4.84 -34.22 6.45
CA GLN B 179 5.65 -33.01 6.38
C GLN B 179 7.10 -33.44 6.52
N LEU B 180 7.98 -32.82 5.74
CA LEU B 180 9.41 -33.11 5.84
C LEU B 180 10.18 -31.91 5.31
N ILE B 181 11.24 -31.53 6.03
CA ILE B 181 12.07 -30.40 5.65
C ILE B 181 13.47 -30.69 6.15
N SER B 182 14.45 -30.10 5.47
CA SER B 182 15.86 -30.30 5.77
C SER B 182 16.50 -29.01 6.23
N GLY B 183 17.43 -29.12 7.18
CA GLY B 183 18.23 -27.99 7.61
C GLY B 183 19.70 -28.28 7.44
N VAL B 184 20.54 -27.67 8.27
CA VAL B 184 21.98 -27.94 8.28
C VAL B 184 22.43 -27.86 9.73
N VAL B 185 22.87 -28.99 10.28
CA VAL B 185 23.37 -29.15 11.65
C VAL B 185 22.25 -29.67 12.54
N TRP B 186 22.50 -30.80 13.19
CA TRP B 186 21.64 -31.36 14.22
C TRP B 186 22.09 -30.76 15.55
N LEU B 187 21.31 -29.81 16.08
CA LEU B 187 21.77 -29.01 17.21
C LEU B 187 21.77 -29.82 18.50
N LEU B 188 20.65 -30.47 18.80
CA LEU B 188 20.47 -31.23 20.03
C LEU B 188 19.98 -32.63 19.67
N ARG B 189 20.62 -33.64 20.25
CA ARG B 189 20.15 -35.02 20.14
C ARG B 189 19.98 -35.58 21.55
N LYS B 190 18.76 -35.97 21.87
CA LYS B 190 18.47 -36.55 23.19
C LYS B 190 18.92 -35.62 24.30
N GLY B 191 18.67 -34.32 24.12
CA GLY B 191 18.97 -33.34 25.14
C GLY B 191 20.41 -32.96 25.28
N GLU B 192 21.29 -33.40 24.37
CA GLU B 192 22.70 -33.08 24.42
C GLU B 192 23.11 -32.34 23.14
N ILE B 193 24.09 -31.46 23.29
CA ILE B 193 24.61 -30.74 22.13
C ILE B 193 25.26 -31.73 21.18
N TYR B 194 24.90 -31.64 19.90
CA TYR B 194 25.27 -32.62 18.89
C TYR B 194 25.99 -31.98 17.71
N ILE B 195 26.61 -30.82 17.93
CA ILE B 195 27.20 -30.06 16.83
C ILE B 195 28.46 -30.73 16.31
N ASN B 196 29.30 -31.27 17.21
CA ASN B 196 30.49 -31.98 16.75
C ASN B 196 30.13 -33.17 15.88
N GLU B 197 29.12 -33.93 16.29
CA GLU B 197 28.70 -35.07 15.48
C GLU B 197 28.10 -34.61 14.15
N SER B 198 27.39 -33.49 14.16
CA SER B 198 26.81 -32.95 12.93
C SER B 198 27.91 -32.53 11.95
N ILE B 199 28.98 -31.91 12.44
CA ILE B 199 30.09 -31.55 11.56
C ILE B 199 30.66 -32.78 10.90
N GLN B 200 30.83 -33.85 11.68
CA GLN B 200 31.31 -35.11 11.11
C GLN B 200 30.37 -35.62 10.03
N ALA B 201 29.05 -35.53 10.28
CA ALA B 201 28.09 -36.17 9.41
C ALA B 201 27.75 -35.34 8.18
N GLU B 202 27.79 -34.01 8.29
CA GLU B 202 27.23 -33.14 7.27
C GLU B 202 28.28 -32.34 6.51
N SER B 203 29.56 -32.48 6.82
CA SER B 203 30.62 -31.79 6.12
C SER B 203 31.60 -32.79 5.52
N ASP B 204 32.25 -32.36 4.45
CA ASP B 204 33.32 -33.14 3.83
C ASP B 204 34.63 -32.91 4.57
N LYS B 205 35.45 -33.96 4.65
CA LYS B 205 36.78 -33.78 5.21
C LYS B 205 37.64 -32.86 4.35
N THR B 206 37.28 -32.69 3.09
CA THR B 206 38.01 -31.79 2.19
C THR B 206 37.68 -30.33 2.47
N GLY B 210 36.70 -26.17 7.07
CA GLY B 210 36.93 -24.84 7.57
C GLY B 210 35.75 -23.91 7.31
N ASN B 211 35.25 -23.93 6.08
CA ASN B 211 34.09 -23.11 5.74
C ASN B 211 32.84 -23.57 6.50
N PHE B 212 32.66 -24.88 6.66
CA PHE B 212 31.55 -25.37 7.45
C PHE B 212 31.69 -24.98 8.92
N ARG B 213 32.92 -25.06 9.45
CA ARG B 213 33.14 -24.67 10.83
C ARG B 213 32.82 -23.19 11.05
N HIS B 214 33.20 -22.34 10.10
CA HIS B 214 32.89 -20.93 10.24
C HIS B 214 31.39 -20.69 10.26
N PHE B 215 30.64 -21.42 9.44
CA PHE B 215 29.18 -21.34 9.47
C PHE B 215 28.65 -21.68 10.85
N VAL B 216 29.30 -22.61 11.55
CA VAL B 216 28.84 -23.02 12.87
C VAL B 216 29.24 -21.99 13.91
N ASP B 217 30.45 -21.43 13.80
CA ASP B 217 31.00 -20.60 14.86
C ASP B 217 30.59 -19.14 14.78
N VAL B 218 30.30 -18.64 13.56
CA VAL B 218 29.97 -17.24 13.40
C VAL B 218 28.61 -16.96 14.02
N ILE B 219 28.44 -15.76 14.56
CA ILE B 219 27.14 -15.34 15.07
C ILE B 219 26.31 -14.81 13.90
N SER B 220 25.01 -15.03 13.96
CA SER B 220 24.11 -14.57 12.91
C SER B 220 22.68 -14.72 13.42
N ALA B 221 21.73 -14.29 12.61
CA ALA B 221 20.34 -14.68 12.83
C ALA B 221 20.21 -16.18 12.62
N ARG B 222 19.39 -16.82 13.44
CA ARG B 222 19.24 -18.27 13.40
C ARG B 222 17.79 -18.64 13.63
N THR B 223 17.39 -19.78 13.07
CA THR B 223 16.10 -20.38 13.35
C THR B 223 16.29 -21.88 13.54
N ALA B 224 15.38 -22.49 14.28
CA ALA B 224 15.48 -23.91 14.58
C ALA B 224 14.09 -24.45 14.85
N VAL B 225 13.98 -25.77 14.74
CA VAL B 225 12.76 -26.49 15.09
C VAL B 225 13.18 -27.68 15.95
N GLY B 226 12.39 -27.96 16.98
CA GLY B 226 12.68 -29.05 17.88
C GLY B 226 11.42 -29.47 18.59
N HIS B 227 11.60 -30.26 19.64
CA HIS B 227 10.49 -30.72 20.45
C HIS B 227 10.96 -30.89 21.89
N ASP B 228 10.01 -30.90 22.81
CA ASP B 228 10.26 -31.12 24.24
C ASP B 228 9.77 -32.51 24.65
N LYS B 229 9.94 -32.83 25.94
CA LYS B 229 9.61 -34.16 26.41
C LYS B 229 8.14 -34.49 26.22
N GLU B 230 7.28 -33.47 26.23
CA GLU B 230 5.84 -33.67 26.08
C GLU B 230 5.41 -33.95 24.66
N GLY B 231 6.30 -33.82 23.69
CA GLY B 231 5.94 -33.95 22.31
C GLY B 231 5.46 -32.68 21.65
N LYS B 232 5.51 -31.54 22.35
CA LYS B 232 5.18 -30.27 21.73
C LYS B 232 6.30 -29.87 20.78
N LEU B 233 5.94 -29.25 19.67
CA LEU B 233 6.91 -28.75 18.71
C LEU B 233 7.34 -27.35 19.11
N ILE B 234 8.63 -27.08 18.99
CA ILE B 234 9.24 -25.82 19.38
C ILE B 234 9.83 -25.17 18.14
N LEU B 235 9.37 -23.96 17.83
CA LEU B 235 9.98 -23.13 16.81
C LEU B 235 10.82 -22.07 17.47
N PHE B 236 12.06 -21.91 17.00
CA PHE B 236 12.99 -20.95 17.57
C PHE B 236 13.44 -19.97 16.50
N HIS B 237 13.58 -18.72 16.91
CA HIS B 237 14.05 -17.67 16.02
C HIS B 237 14.82 -16.65 16.86
N VAL B 238 15.99 -16.25 16.39
CA VAL B 238 16.76 -15.18 17.00
C VAL B 238 17.21 -14.24 15.89
N ASP B 239 16.92 -12.95 16.04
CA ASP B 239 17.37 -11.96 15.07
C ASP B 239 18.88 -11.78 15.19
N GLY B 240 19.48 -11.36 14.09
CA GLY B 240 20.92 -11.13 14.09
C GLY B 240 21.39 -10.77 12.71
N GLN B 241 22.70 -10.65 12.58
CA GLN B 241 23.33 -10.34 11.31
C GLN B 241 24.71 -10.98 11.31
N THR B 242 25.01 -11.73 10.25
CA THR B 242 26.24 -12.52 10.21
C THR B 242 27.44 -11.68 10.59
N ASP B 243 28.18 -12.18 11.60
CA ASP B 243 29.40 -11.58 12.12
C ASP B 243 29.19 -10.27 12.86
N VAL B 244 27.94 -9.93 13.22
CA VAL B 244 27.66 -8.64 13.82
C VAL B 244 26.76 -8.80 15.03
N ARG B 245 25.63 -9.50 14.85
CA ARG B 245 24.67 -9.70 15.92
C ARG B 245 24.09 -11.10 15.81
N GLY B 246 23.57 -11.59 16.92
CA GLY B 246 22.87 -12.86 16.94
C GLY B 246 23.60 -13.92 17.72
N MET B 247 23.51 -15.18 17.28
CA MET B 247 24.07 -16.31 18.00
C MET B 247 24.75 -17.25 17.01
N ASN B 248 25.76 -17.98 17.50
CA ASN B 248 26.27 -19.11 16.75
C ASN B 248 25.55 -20.38 17.21
N LEU B 249 25.82 -21.48 16.52
CA LEU B 249 25.03 -22.69 16.75
C LEU B 249 25.33 -23.30 18.13
N TRP B 250 26.54 -23.14 18.64
CA TRP B 250 26.80 -23.57 20.01
C TRP B 250 25.88 -22.85 20.99
N GLN B 251 25.73 -21.53 20.81
CA GLN B 251 24.88 -20.76 21.69
C GLN B 251 23.41 -21.11 21.49
N VAL B 252 22.99 -21.36 20.26
CA VAL B 252 21.60 -21.77 20.02
C VAL B 252 21.32 -23.10 20.70
N ALA B 253 22.22 -24.06 20.55
CA ALA B 253 22.00 -25.38 21.14
C ALA B 253 21.90 -25.27 22.66
N LYS B 254 22.77 -24.49 23.28
CA LYS B 254 22.70 -24.31 24.72
C LYS B 254 21.42 -23.60 25.13
N PHE B 255 21.03 -22.56 24.40
CA PHE B 255 19.79 -21.84 24.71
C PHE B 255 18.59 -22.77 24.67
N LEU B 256 18.46 -23.58 23.62
CA LEU B 256 17.35 -24.51 23.53
C LEU B 256 17.46 -25.62 24.56
N LYS B 257 18.69 -26.06 24.83
CA LYS B 257 18.92 -27.07 25.85
C LYS B 257 18.40 -26.63 27.21
N ASP B 258 18.59 -25.36 27.56
CA ASP B 258 18.09 -24.84 28.82
C ASP B 258 16.58 -24.65 28.81
N GLN B 259 15.94 -24.71 27.64
CA GLN B 259 14.50 -24.70 27.54
C GLN B 259 13.92 -26.11 27.49
N ASN B 260 14.74 -27.11 27.82
CA ASN B 260 14.32 -28.52 27.88
C ASN B 260 13.95 -29.07 26.50
N VAL B 261 14.63 -28.60 25.47
CA VAL B 261 14.46 -29.16 24.14
C VAL B 261 15.27 -30.44 24.04
N MET B 262 14.65 -31.49 23.53
CA MET B 262 15.25 -32.82 23.43
C MET B 262 15.99 -33.00 22.12
N ASN B 263 15.34 -32.69 21.00
CA ASN B 263 15.94 -32.77 19.69
C ASN B 263 15.58 -31.51 18.92
N ALA B 264 16.55 -30.98 18.18
CA ALA B 264 16.34 -29.78 17.39
C ALA B 264 17.35 -29.75 16.25
N ILE B 265 16.90 -29.22 15.12
CA ILE B 265 17.78 -29.03 13.98
C ILE B 265 17.81 -27.54 13.62
N ASN B 266 18.93 -27.13 13.02
CA ASN B 266 19.12 -25.75 12.59
C ASN B 266 18.56 -25.58 11.19
N LEU B 267 17.67 -24.61 11.03
CA LEU B 267 17.10 -24.26 9.75
C LEU B 267 17.86 -23.06 9.18
N ASP B 268 17.30 -22.43 8.15
CA ASP B 268 18.01 -21.34 7.49
C ASP B 268 18.06 -20.12 8.40
N GLY B 269 19.18 -19.40 8.35
CA GLY B 269 19.40 -18.23 9.17
C GLY B 269 19.85 -17.05 8.33
N GLY B 270 20.68 -16.21 8.95
CA GLY B 270 21.12 -15.01 8.25
C GLY B 270 19.95 -14.14 7.87
N GLY B 271 20.06 -13.50 6.70
CA GLY B 271 19.00 -12.65 6.21
C GLY B 271 17.71 -13.38 5.88
N SER B 272 17.76 -14.71 5.80
CA SER B 272 16.53 -15.48 5.58
C SER B 272 15.66 -15.52 6.83
N ALA B 273 16.24 -15.37 8.01
CA ALA B 273 15.49 -15.50 9.26
C ALA B 273 14.34 -14.50 9.30
N THR B 274 13.12 -15.03 9.39
CA THR B 274 11.92 -14.22 9.40
C THR B 274 10.90 -14.84 10.35
N TYR B 275 10.21 -13.98 11.10
CA TYR B 275 9.14 -14.40 11.99
C TYR B 275 7.89 -13.60 11.63
N VAL B 276 6.83 -14.29 11.22
CA VAL B 276 5.61 -13.66 10.75
C VAL B 276 4.48 -14.09 11.67
N LEU B 277 3.85 -13.11 12.30
CA LEU B 277 2.80 -13.32 13.29
C LEU B 277 1.48 -12.89 12.67
N ASN B 278 0.60 -13.84 12.43
CA ASN B 278 -0.73 -13.54 11.89
C ASN B 278 -0.64 -12.73 10.59
N GLY B 279 0.32 -13.09 9.74
CA GLY B 279 0.46 -12.42 8.48
C GLY B 279 1.25 -11.13 8.52
N SER B 280 1.74 -10.72 9.68
CA SER B 280 2.50 -9.48 9.82
C SER B 280 3.94 -9.78 10.19
N LEU B 281 4.87 -9.09 9.55
CA LEU B 281 6.28 -9.23 9.92
C LEU B 281 6.46 -8.75 11.35
N ALA B 282 7.03 -9.62 12.20
CA ALA B 282 7.18 -9.33 13.62
C ALA B 282 8.61 -9.53 14.10
N SER B 283 9.58 -9.47 13.20
CA SER B 283 11.00 -9.58 13.55
C SER B 283 11.75 -8.45 12.86
N TYR B 284 13.07 -8.41 13.07
CA TYR B 284 13.94 -7.38 12.51
C TYR B 284 14.94 -8.07 11.57
N PRO B 285 14.60 -8.20 10.29
CA PRO B 285 15.51 -8.88 9.36
C PRO B 285 16.76 -8.05 9.11
N SER B 286 17.80 -8.73 8.61
CA SER B 286 19.10 -8.10 8.45
C SER B 286 19.32 -7.51 7.06
N ASP B 287 18.71 -8.07 6.02
CA ASP B 287 18.90 -7.52 4.69
C ASP B 287 18.41 -6.08 4.63
N HIS B 288 18.99 -5.32 3.70
CA HIS B 288 18.61 -3.93 3.46
C HIS B 288 17.65 -3.83 2.29
N CYS B 289 16.82 -2.78 2.31
CA CYS B 289 15.93 -2.46 1.18
C CYS B 289 16.74 -1.65 0.17
N ASN B 290 17.59 -2.35 -0.57
CA ASN B 290 18.51 -1.67 -1.48
C ASN B 290 17.73 -0.75 -2.42
N PRO B 291 18.22 0.47 -2.67
CA PRO B 291 19.46 1.06 -2.20
C PRO B 291 19.38 1.79 -0.85
N SER B 292 18.25 1.71 -0.14
CA SER B 292 18.11 2.37 1.14
C SER B 292 18.70 1.51 2.26
N LYS B 293 18.83 2.11 3.44
CA LYS B 293 19.40 1.45 4.61
C LYS B 293 18.34 0.88 5.57
N TRP B 294 17.07 0.99 5.24
CA TRP B 294 16.06 0.27 6.00
C TRP B 294 16.29 -1.23 5.89
N ARG B 295 15.63 -1.99 6.76
CA ARG B 295 15.73 -3.44 6.77
C ARG B 295 14.52 -4.06 6.10
N CYS B 296 14.75 -5.16 5.38
CA CYS B 296 13.75 -5.80 4.54
C CYS B 296 13.77 -7.31 4.72
N PRO B 297 12.61 -7.95 4.74
CA PRO B 297 12.59 -9.41 4.73
C PRO B 297 13.04 -9.93 3.38
N ARG B 298 13.63 -11.12 3.41
CA ARG B 298 14.19 -11.73 2.22
C ARG B 298 13.17 -12.63 1.54
N ALA B 299 13.25 -12.70 0.21
CA ALA B 299 12.51 -13.70 -0.55
C ALA B 299 13.20 -15.04 -0.37
N ILE B 300 12.52 -15.99 0.26
CA ILE B 300 13.14 -17.26 0.63
C ILE B 300 12.39 -18.39 -0.05
N SER B 301 12.68 -19.63 0.36
CA SER B 301 12.13 -20.81 -0.29
C SER B 301 10.97 -21.37 0.53
N THR B 302 11.13 -22.59 1.07
CA THR B 302 10.06 -23.21 1.83
C THR B 302 9.82 -22.45 3.13
N VAL B 303 8.61 -22.63 3.68
CA VAL B 303 8.18 -21.96 4.89
C VAL B 303 7.64 -23.00 5.87
N LEU B 304 7.93 -22.80 7.15
CA LEU B 304 7.38 -23.63 8.22
C LEU B 304 6.21 -22.86 8.83
N CYS B 305 5.01 -23.42 8.70
CA CYS B 305 3.76 -22.73 8.97
C CYS B 305 3.00 -23.42 10.10
N ILE B 306 2.41 -22.62 10.99
CA ILE B 306 1.56 -23.12 12.06
C ILE B 306 0.19 -22.49 11.88
N HIS B 307 -0.80 -23.32 11.58
CA HIS B 307 -2.14 -22.90 11.21
C HIS B 307 -3.15 -23.59 12.11
N GLU B 308 -4.42 -23.20 11.94
CA GLU B 308 -5.49 -23.79 12.73
C GLU B 308 -5.63 -25.27 12.39
N ARG B 309 -6.14 -26.04 13.35
CA ARG B 309 -6.28 -27.49 13.18
C ARG B 309 -7.26 -27.79 12.05
N GLY C 9 -1.45 1.94 -40.28
CA GLY C 9 -2.07 3.17 -39.80
C GLY C 9 -1.07 4.15 -39.24
N SER C 10 -0.88 4.11 -37.92
CA SER C 10 0.12 4.93 -37.24
C SER C 10 1.36 4.14 -36.87
N GLY C 11 1.59 3.01 -37.53
CA GLY C 11 2.75 2.19 -37.27
C GLY C 11 4.03 2.84 -37.76
N PRO C 12 5.15 2.51 -37.12
CA PRO C 12 6.44 3.08 -37.55
C PRO C 12 7.00 2.47 -38.82
N TYR C 13 6.56 1.27 -39.21
CA TYR C 13 7.11 0.58 -40.36
C TYR C 13 6.01 0.27 -41.36
N THR C 14 6.36 0.34 -42.64
CA THR C 14 5.39 0.13 -43.72
C THR C 14 5.36 -1.32 -44.22
N LYS C 15 6.49 -2.03 -44.16
CA LYS C 15 6.54 -3.39 -44.69
C LYS C 15 6.64 -4.42 -43.57
N SER C 16 7.81 -4.54 -42.95
CA SER C 16 8.03 -5.47 -41.86
C SER C 16 8.51 -4.71 -40.63
N HIS C 17 8.19 -5.24 -39.46
CA HIS C 17 8.46 -4.53 -38.22
C HIS C 17 9.93 -4.62 -37.86
N GLY C 18 10.58 -3.46 -37.79
CA GLY C 18 11.96 -3.38 -37.35
C GLY C 18 12.92 -3.18 -38.48
N PRO C 19 14.14 -2.75 -38.17
CA PRO C 19 15.18 -2.63 -39.20
C PRO C 19 15.70 -4.00 -39.61
N SER C 20 16.33 -4.02 -40.78
CA SER C 20 16.93 -5.22 -41.32
C SER C 20 18.39 -5.40 -40.92
N HIS C 21 19.02 -4.38 -40.35
CA HIS C 21 20.45 -4.43 -40.09
C HIS C 21 20.74 -5.06 -38.73
N SER C 22 22.00 -5.40 -38.52
CA SER C 22 22.40 -6.23 -37.40
C SER C 22 22.67 -5.40 -36.16
N HIS C 23 22.95 -6.09 -35.06
CA HIS C 23 23.36 -5.41 -33.84
C HIS C 23 24.71 -4.74 -33.99
N ARG C 24 25.64 -5.34 -34.74
CA ARG C 24 26.93 -4.70 -34.97
C ARG C 24 26.77 -3.40 -35.75
N TYR C 25 25.81 -3.35 -36.68
CA TYR C 25 25.51 -2.10 -37.37
C TYR C 25 25.08 -1.04 -36.37
N VAL C 26 24.17 -1.41 -35.45
CA VAL C 26 23.74 -0.48 -34.42
C VAL C 26 24.92 -0.06 -33.54
N ARG C 27 25.77 -1.02 -33.15
CA ARG C 27 26.90 -0.70 -32.29
C ARG C 27 27.88 0.22 -33.00
N ASP C 28 28.22 -0.09 -34.25
CA ASP C 28 29.24 0.69 -34.96
C ASP C 28 28.76 2.10 -35.27
N SER C 29 27.46 2.34 -35.35
CA SER C 29 26.92 3.64 -35.71
C SER C 29 26.44 4.45 -34.51
N GLN C 30 26.53 3.91 -33.30
CA GLN C 30 26.07 4.65 -32.13
C GLN C 30 27.13 5.68 -31.72
N PRO C 31 26.74 6.68 -30.93
CA PRO C 31 27.69 7.75 -30.59
C PRO C 31 28.94 7.22 -29.92
N VAL C 32 30.08 7.84 -30.25
CA VAL C 32 31.36 7.43 -29.68
C VAL C 32 31.34 7.52 -28.17
N ALA C 33 30.56 8.44 -27.60
CA ALA C 33 30.57 8.64 -26.16
C ALA C 33 30.19 7.37 -25.41
N HIS C 34 29.42 6.49 -26.05
CA HIS C 34 28.93 5.28 -25.40
C HIS C 34 29.78 4.05 -25.73
N GLY C 35 30.92 4.24 -26.38
CA GLY C 35 31.76 3.09 -26.65
C GLY C 35 31.07 2.07 -27.53
N THR C 36 31.26 0.80 -27.21
CA THR C 36 30.71 -0.31 -27.97
C THR C 36 29.54 -1.00 -27.30
N VAL C 37 29.08 -0.51 -26.15
CA VAL C 37 27.95 -1.12 -25.46
C VAL C 37 26.67 -0.40 -25.87
N THR C 38 25.67 -1.18 -26.29
CA THR C 38 24.42 -0.62 -26.83
C THR C 38 23.26 -0.75 -25.85
N HIS C 39 23.53 -0.95 -24.57
CA HIS C 39 22.47 -1.08 -23.58
C HIS C 39 22.91 -0.43 -22.28
N GLU C 40 21.94 -0.25 -21.39
CA GLU C 40 22.18 0.26 -20.05
C GLU C 40 21.62 -0.73 -19.03
N THR C 41 22.27 -0.81 -17.88
CA THR C 41 21.82 -1.69 -16.81
C THR C 41 21.66 -0.88 -15.52
N GLN C 42 20.81 -1.40 -14.65
CA GLN C 42 20.54 -0.74 -13.36
C GLN C 42 20.00 -1.79 -12.42
N ALA C 43 20.65 -1.95 -11.27
CA ALA C 43 20.12 -2.82 -10.23
C ALA C 43 18.75 -2.32 -9.81
N ALA C 44 17.78 -3.22 -9.81
CA ALA C 44 16.44 -2.87 -9.39
C ALA C 44 16.40 -2.59 -7.89
N SER C 45 15.53 -1.67 -7.49
CA SER C 45 15.28 -1.47 -6.07
C SER C 45 14.61 -2.72 -5.50
N LYS C 46 14.82 -2.94 -4.20
CA LYS C 46 14.30 -4.13 -3.52
C LYS C 46 13.56 -3.73 -2.24
N HIS C 47 12.56 -2.86 -2.40
CA HIS C 47 11.75 -2.42 -1.27
C HIS C 47 10.66 -3.46 -1.00
N SER C 48 11.06 -4.55 -0.37
CA SER C 48 10.16 -5.68 -0.11
C SER C 48 9.24 -5.44 1.08
N ASN C 49 9.50 -4.41 1.88
CA ASN C 49 8.64 -4.07 3.00
C ASN C 49 7.77 -2.85 2.71
N SER C 50 7.68 -2.44 1.46
CA SER C 50 6.89 -1.33 1.00
C SER C 50 5.67 -1.83 0.22
N PRO C 51 4.68 -0.96 -0.02
CA PRO C 51 3.62 -1.32 -0.96
C PRO C 51 4.22 -1.61 -2.33
N VAL C 52 3.48 -2.41 -3.11
CA VAL C 52 4.00 -2.85 -4.39
C VAL C 52 4.29 -1.66 -5.30
N LEU C 53 3.39 -0.68 -5.34
CA LEU C 53 3.50 0.37 -6.34
C LEU C 53 2.83 1.65 -5.84
N GLU C 54 3.06 2.72 -6.60
CA GLU C 54 2.44 4.01 -6.41
C GLU C 54 1.87 4.45 -7.75
N SER C 55 0.57 4.71 -7.80
CA SER C 55 -0.11 5.12 -9.02
C SER C 55 -0.39 6.62 -8.91
N ASN C 56 0.12 7.39 -9.86
CA ASN C 56 0.00 8.84 -9.82
C ASN C 56 -0.71 9.31 -11.07
N ILE C 57 -1.69 10.19 -10.90
CA ILE C 57 -2.43 10.79 -11.99
C ILE C 57 -1.86 12.17 -12.27
N PHE C 58 -1.66 12.49 -13.53
CA PHE C 58 -1.25 13.82 -13.93
C PHE C 58 -2.21 14.38 -14.97
N ILE C 59 -2.47 15.68 -14.87
CA ILE C 59 -3.12 16.46 -15.91
C ILE C 59 -2.24 17.68 -16.07
N SER C 60 -1.58 17.81 -17.23
CA SER C 60 -0.54 18.81 -17.41
C SER C 60 -0.79 19.62 -18.67
N ASP C 61 -0.29 20.85 -18.66
CA ASP C 61 -0.29 21.72 -19.83
C ASP C 61 1.03 21.51 -20.57
N ILE C 62 0.93 21.12 -21.85
CA ILE C 62 2.10 20.88 -22.68
C ILE C 62 2.16 21.95 -23.74
N THR C 63 3.36 22.46 -24.00
CA THR C 63 3.60 23.44 -25.05
C THR C 63 4.45 22.78 -26.13
N ASP C 64 4.00 22.88 -27.38
CA ASP C 64 4.73 22.35 -28.51
C ASP C 64 5.49 23.48 -29.22
N ASP C 65 6.23 23.11 -30.26
CA ASP C 65 7.07 24.09 -30.96
C ASP C 65 6.24 25.19 -31.59
N SER C 66 5.05 24.87 -32.08
CA SER C 66 4.19 25.86 -32.72
C SER C 66 3.65 26.89 -31.72
N GLY C 67 3.84 26.68 -30.42
CA GLY C 67 3.43 27.62 -29.41
C GLY C 67 2.05 27.39 -28.83
N THR C 68 1.28 26.45 -29.38
CA THR C 68 -0.06 26.18 -28.87
C THR C 68 0.01 25.33 -27.61
N HIS C 69 -0.88 25.62 -26.67
CA HIS C 69 -0.93 24.91 -25.39
C HIS C 69 -2.05 23.88 -25.44
N ARG C 70 -1.79 22.72 -24.87
CA ARG C 70 -2.74 21.62 -24.88
C ARG C 70 -2.73 20.93 -23.52
N TRP C 71 -3.88 20.38 -23.15
CA TRP C 71 -3.98 19.60 -21.92
C TRP C 71 -3.77 18.13 -22.25
N VAL C 72 -2.98 17.46 -21.40
CA VAL C 72 -2.76 16.02 -21.51
C VAL C 72 -2.96 15.41 -20.13
N SER C 73 -3.31 14.13 -20.11
CA SER C 73 -3.63 13.43 -18.89
C SER C 73 -3.16 11.99 -18.99
N GLY C 74 -2.78 11.42 -17.86
CA GLY C 74 -2.29 10.05 -17.85
C GLY C 74 -1.86 9.64 -16.45
N HIS C 75 -1.05 8.58 -16.41
CA HIS C 75 -0.59 8.01 -15.16
C HIS C 75 0.92 7.81 -15.18
N ILE C 76 1.52 7.97 -14.01
CA ILE C 76 2.88 7.54 -13.74
C ILE C 76 2.81 6.51 -12.62
N THR C 77 3.36 5.33 -12.86
CA THR C 77 3.33 4.24 -11.89
C THR C 77 4.75 3.89 -11.47
N GLU C 78 5.01 3.94 -10.18
CA GLU C 78 6.29 3.58 -9.60
C GLU C 78 6.20 2.20 -8.98
N VAL C 79 7.16 1.34 -9.30
CA VAL C 79 7.19 -0.04 -8.81
C VAL C 79 8.41 -0.17 -7.91
N HIS C 80 8.17 -0.56 -6.66
CA HIS C 80 9.22 -0.50 -5.65
C HIS C 80 10.06 -1.78 -5.56
N ASP C 81 9.58 -2.90 -6.12
CA ASP C 81 10.31 -4.17 -6.09
C ASP C 81 10.08 -4.88 -7.42
N PRO C 82 10.62 -4.34 -8.51
CA PRO C 82 10.24 -4.84 -9.85
C PRO C 82 10.48 -6.32 -10.06
N LEU C 83 11.58 -6.87 -9.52
CA LEU C 83 11.90 -8.26 -9.81
C LEU C 83 10.77 -9.19 -9.39
N ARG C 84 10.12 -8.92 -8.25
CA ARG C 84 9.09 -9.82 -7.77
C ARG C 84 7.69 -9.48 -8.28
N SER C 85 7.47 -8.24 -8.72
CA SER C 85 6.13 -7.77 -9.02
C SER C 85 5.83 -7.52 -10.49
N VAL C 86 6.85 -7.52 -11.35
CA VAL C 86 6.69 -7.18 -12.76
C VAL C 86 6.68 -8.45 -13.59
N SER C 87 5.69 -8.56 -14.48
CA SER C 87 5.55 -9.68 -15.39
C SER C 87 5.18 -9.18 -16.78
N VAL C 88 5.73 -9.83 -17.80
CA VAL C 88 5.28 -9.67 -19.18
C VAL C 88 4.32 -10.82 -19.47
N LEU C 89 3.09 -10.48 -19.84
CA LEU C 89 2.03 -11.47 -20.04
C LEU C 89 1.70 -11.59 -21.53
N GLU C 90 1.41 -12.82 -21.96
CA GLU C 90 0.89 -13.06 -23.29
C GLU C 90 -0.59 -12.69 -23.35
N PRO C 91 -1.08 -12.30 -24.53
CA PRO C 91 -2.52 -11.96 -24.64
C PRO C 91 -3.40 -13.14 -24.27
N GLY C 92 -4.31 -12.90 -23.33
CA GLY C 92 -5.24 -13.91 -22.88
C GLY C 92 -4.68 -14.94 -21.94
N GLY C 93 -3.37 -15.07 -21.85
CA GLY C 93 -2.75 -16.07 -21.01
C GLY C 93 -1.66 -16.81 -21.75
N PRO C 94 -0.93 -17.68 -21.03
CA PRO C 94 0.15 -18.42 -21.67
C PRO C 94 -0.30 -19.13 -22.94
N GLY C 95 0.53 -19.06 -23.98
CA GLY C 95 0.20 -19.59 -25.28
C GLY C 95 -0.52 -18.62 -26.19
N GLY C 96 -0.81 -17.41 -25.72
CA GLY C 96 -1.56 -16.46 -26.55
C GLY C 96 -0.83 -16.07 -27.81
N CYS C 97 0.48 -15.80 -27.71
CA CYS C 97 1.22 -15.35 -28.88
C CYS C 97 1.32 -16.45 -29.93
N ALA C 98 1.41 -17.71 -29.50
CA ALA C 98 1.48 -18.81 -30.47
C ALA C 98 0.22 -18.89 -31.32
N HIS C 99 -0.91 -18.41 -30.80
CA HIS C 99 -2.17 -18.43 -31.52
C HIS C 99 -2.49 -17.10 -32.19
N ASN C 100 -1.56 -16.16 -32.21
CA ASN C 100 -1.80 -14.82 -32.74
C ASN C 100 -3.03 -14.20 -32.08
N HIS C 101 -3.17 -14.43 -30.79
CA HIS C 101 -4.36 -14.00 -30.06
C HIS C 101 -4.24 -12.53 -29.66
N ARG C 102 -5.37 -11.84 -29.71
CA ARG C 102 -5.48 -10.47 -29.24
C ARG C 102 -6.58 -10.40 -28.18
N GLU C 103 -6.34 -9.61 -27.14
CA GLU C 103 -7.26 -9.57 -26.02
C GLU C 103 -7.10 -8.25 -25.29
N LEU C 104 -8.19 -7.78 -24.68
CA LEU C 104 -8.14 -6.56 -23.90
C LEU C 104 -7.15 -6.70 -22.74
N VAL C 105 -6.48 -5.59 -22.41
CA VAL C 105 -5.61 -5.56 -21.24
C VAL C 105 -6.39 -6.02 -20.01
N GLU C 106 -7.65 -5.56 -19.90
CA GLU C 106 -8.47 -5.88 -18.75
C GLU C 106 -8.61 -7.39 -18.58
N VAL C 107 -8.91 -8.07 -19.69
CA VAL C 107 -9.11 -9.53 -19.64
C VAL C 107 -7.80 -10.23 -19.32
N THR C 108 -6.73 -9.87 -20.04
CA THR C 108 -5.43 -10.48 -19.75
C THR C 108 -5.01 -10.20 -18.32
N ALA C 109 -5.27 -8.99 -17.83
CA ALA C 109 -4.84 -8.61 -16.49
C ALA C 109 -5.54 -9.43 -15.42
N LYS C 110 -6.82 -9.77 -15.63
CA LYS C 110 -7.56 -10.51 -14.62
C LYS C 110 -7.09 -11.95 -14.47
N THR C 111 -6.26 -12.45 -15.38
CA THR C 111 -5.70 -13.79 -15.23
C THR C 111 -4.57 -13.85 -14.21
N ARG C 112 -4.05 -12.70 -13.74
CA ARG C 112 -2.91 -12.68 -12.83
C ARG C 112 -3.08 -11.74 -11.65
N LYS C 113 -4.29 -11.28 -11.38
CA LYS C 113 -4.54 -10.39 -10.25
C LYS C 113 -3.60 -9.17 -10.29
N CYS C 114 -3.49 -8.57 -11.46
CA CYS C 114 -2.61 -7.41 -11.62
C CYS C 114 -3.20 -6.20 -10.91
N LEU C 115 -2.39 -5.54 -10.08
CA LEU C 115 -2.83 -4.28 -9.50
C LEU C 115 -2.86 -3.17 -10.54
N VAL C 116 -1.83 -3.12 -11.39
CA VAL C 116 -1.78 -2.20 -12.51
C VAL C 116 -1.38 -2.99 -13.76
N ALA C 117 -2.02 -2.69 -14.87
CA ALA C 117 -1.68 -3.32 -16.14
C ALA C 117 -1.76 -2.28 -17.24
N GLN C 118 -0.77 -2.29 -18.12
CA GLN C 118 -0.77 -1.48 -19.33
C GLN C 118 -0.54 -2.38 -20.53
N ASN C 119 -0.98 -1.91 -21.69
CA ASN C 119 -0.63 -2.59 -22.94
C ASN C 119 0.88 -2.67 -23.07
N GLY C 120 1.34 -3.69 -23.79
CA GLY C 120 2.76 -3.95 -23.90
C GLY C 120 3.36 -3.66 -25.26
N GLY C 121 3.83 -4.70 -25.93
CA GLY C 121 4.58 -4.53 -27.17
C GLY C 121 3.70 -4.36 -28.39
N TYR C 122 4.36 -4.09 -29.51
CA TYR C 122 3.67 -3.90 -30.78
C TYR C 122 3.23 -5.24 -31.36
N PHE C 123 2.22 -5.18 -32.22
CA PHE C 123 1.70 -6.38 -32.85
C PHE C 123 1.17 -6.04 -34.22
N ASP C 124 0.99 -7.08 -35.04
CA ASP C 124 0.46 -6.91 -36.39
C ASP C 124 -1.04 -6.76 -36.31
N THR C 125 -1.55 -5.60 -36.73
CA THR C 125 -2.97 -5.31 -36.59
C THR C 125 -3.83 -6.17 -37.52
N HIS C 126 -3.26 -6.67 -38.62
CA HIS C 126 -4.01 -7.48 -39.55
C HIS C 126 -4.02 -8.96 -39.18
N THR C 127 -2.85 -9.50 -38.82
CA THR C 127 -2.72 -10.92 -38.51
C THR C 127 -2.73 -11.22 -37.01
N GLY C 128 -2.50 -10.22 -36.16
CA GLY C 128 -2.41 -10.46 -34.73
C GLY C 128 -1.10 -11.03 -34.25
N GLN C 129 -0.08 -11.07 -35.10
CA GLN C 129 1.21 -11.66 -34.72
C GLN C 129 1.91 -10.79 -33.69
N CYS C 130 2.47 -11.43 -32.67
CA CYS C 130 3.32 -10.73 -31.70
C CYS C 130 4.64 -10.34 -32.36
N LEU C 131 5.23 -9.25 -31.88
CA LEU C 131 6.45 -8.72 -32.48
C LEU C 131 7.52 -8.46 -31.42
N GLY C 132 8.78 -8.52 -31.87
CA GLY C 132 9.90 -8.30 -30.98
C GLY C 132 10.28 -9.54 -30.21
N ASN C 133 11.13 -9.33 -29.20
CA ASN C 133 11.50 -10.38 -28.27
C ASN C 133 10.52 -10.39 -27.10
N ILE C 134 10.18 -11.59 -26.64
CA ILE C 134 9.23 -11.75 -25.53
C ILE C 134 9.72 -12.86 -24.63
N ILE C 135 9.96 -12.54 -23.37
CA ILE C 135 10.20 -13.53 -22.32
C ILE C 135 9.20 -13.24 -21.22
N SER C 136 8.42 -14.25 -20.85
CA SER C 136 7.32 -14.10 -19.90
C SER C 136 7.59 -15.05 -18.73
N ASP C 137 7.86 -14.47 -17.55
CA ASP C 137 8.09 -15.23 -16.33
C ASP C 137 9.08 -16.38 -16.57
N GLY C 138 10.23 -16.03 -17.15
CA GLY C 138 11.30 -16.98 -17.39
C GLY C 138 11.17 -17.82 -18.64
N LYS C 139 10.06 -17.71 -19.36
CA LYS C 139 9.80 -18.54 -20.53
C LYS C 139 10.01 -17.74 -21.80
N LEU C 140 10.82 -18.27 -22.71
CA LEU C 140 11.06 -17.62 -23.99
C LEU C 140 9.83 -17.80 -24.87
N VAL C 141 9.10 -16.72 -25.11
CA VAL C 141 7.88 -16.80 -25.90
C VAL C 141 8.15 -16.48 -27.37
N ARG C 142 9.01 -15.50 -27.64
CA ARG C 142 9.31 -15.12 -29.02
C ARG C 142 10.75 -14.62 -29.10
N ASN C 143 11.52 -15.18 -30.02
CA ASN C 143 12.85 -14.72 -30.35
C ASN C 143 12.81 -14.04 -31.71
N SER C 144 13.00 -12.72 -31.73
CA SER C 144 12.90 -12.00 -32.99
C SER C 144 14.03 -12.33 -33.95
N GLY C 145 15.10 -12.96 -33.47
CA GLY C 145 16.25 -13.20 -34.31
C GLY C 145 17.21 -12.03 -34.40
N GLY C 146 17.34 -11.25 -33.32
CA GLY C 146 18.26 -10.13 -33.31
C GLY C 146 17.73 -8.88 -33.97
N ILE C 147 16.42 -8.72 -34.09
CA ILE C 147 15.85 -7.49 -34.65
C ILE C 147 16.14 -6.35 -33.69
N GLN C 148 16.61 -5.24 -34.23
CA GLN C 148 17.13 -4.14 -33.41
C GLN C 148 16.03 -3.11 -33.18
N ASN C 149 15.20 -3.39 -32.20
CA ASN C 149 14.27 -2.42 -31.63
C ASN C 149 14.63 -2.22 -30.17
N ALA C 150 14.16 -1.12 -29.60
CA ALA C 150 14.42 -0.85 -28.19
C ALA C 150 13.87 -1.99 -27.34
N GLN C 151 14.64 -2.37 -26.32
CA GLN C 151 14.30 -3.50 -25.46
C GLN C 151 14.22 -3.05 -24.02
N PHE C 152 13.37 -3.74 -23.26
CA PHE C 152 13.36 -3.63 -21.81
C PHE C 152 13.26 -5.03 -21.22
N GLY C 153 14.14 -5.35 -20.28
CA GLY C 153 14.14 -6.66 -19.67
C GLY C 153 14.57 -6.61 -18.22
N ILE C 154 14.24 -7.69 -17.52
CA ILE C 154 14.67 -7.88 -16.13
C ILE C 154 15.41 -9.21 -16.10
N ARG C 155 16.65 -9.18 -15.63
CA ARG C 155 17.43 -10.41 -15.48
C ARG C 155 17.19 -11.02 -14.10
N LYS C 156 17.54 -12.29 -13.98
CA LYS C 156 17.17 -13.06 -12.79
C LYS C 156 17.73 -12.44 -11.51
N ASP C 157 18.89 -11.80 -11.59
CA ASP C 157 19.50 -11.23 -10.40
C ASP C 157 18.94 -9.85 -10.06
N GLY C 158 17.89 -9.41 -10.74
CA GLY C 158 17.29 -8.12 -10.48
C GLY C 158 17.79 -6.99 -11.34
N THR C 159 18.64 -7.28 -12.32
CA THR C 159 19.17 -6.24 -13.19
C THR C 159 18.12 -5.80 -14.20
N LEU C 160 17.86 -4.49 -14.25
CA LEU C 160 17.02 -3.89 -15.28
C LEU C 160 17.89 -3.58 -16.49
N VAL C 161 17.41 -3.95 -17.67
CA VAL C 161 18.16 -3.76 -18.91
C VAL C 161 17.30 -2.96 -19.86
N PHE C 162 17.88 -1.89 -20.43
CA PHE C 162 17.24 -1.06 -21.43
C PHE C 162 18.17 -0.87 -22.60
N GLY C 163 17.61 -0.90 -23.81
CA GLY C 163 18.38 -0.56 -24.99
C GLY C 163 18.33 -1.61 -26.08
N TYR C 164 19.43 -1.76 -26.80
CA TYR C 164 19.52 -2.64 -27.96
C TYR C 164 20.27 -3.91 -27.60
N LEU C 165 19.66 -5.06 -27.88
CA LEU C 165 20.20 -6.35 -27.50
C LEU C 165 20.37 -7.22 -28.73
N SER C 166 21.44 -8.01 -28.75
CA SER C 166 21.64 -9.02 -29.77
C SER C 166 20.90 -10.29 -29.39
N GLU C 167 20.78 -11.20 -30.36
CA GLU C 167 20.15 -12.49 -30.08
C GLU C 167 20.94 -13.26 -29.03
N ASP C 168 22.27 -13.18 -29.08
CA ASP C 168 23.09 -13.82 -28.06
C ASP C 168 22.81 -13.23 -26.68
N ASP C 169 22.61 -11.91 -26.61
CA ASP C 169 22.35 -11.26 -25.33
C ASP C 169 21.11 -11.85 -24.66
N ILE C 170 20.02 -12.01 -25.42
CA ILE C 170 18.78 -12.43 -24.80
C ILE C 170 18.74 -13.91 -24.51
N LEU C 171 19.56 -14.70 -25.20
CA LEU C 171 19.61 -16.14 -25.00
C LEU C 171 20.61 -16.55 -23.92
N ASP C 172 21.30 -15.60 -23.30
CA ASP C 172 22.27 -15.92 -22.27
C ASP C 172 21.59 -16.69 -21.14
N GLN C 173 22.29 -17.69 -20.61
CA GLN C 173 21.79 -18.49 -19.50
C GLN C 173 22.59 -18.31 -18.21
N GLU C 174 23.65 -17.49 -18.20
CA GLU C 174 24.36 -17.23 -16.96
C GLU C 174 23.45 -16.49 -15.97
N ASN C 175 22.89 -15.38 -16.40
CA ASN C 175 21.95 -14.56 -15.60
C ASN C 175 20.75 -14.28 -16.49
N PRO C 176 19.90 -15.29 -16.70
CA PRO C 176 18.94 -15.21 -17.81
C PRO C 176 17.87 -14.17 -17.58
N PHE C 177 17.36 -13.63 -18.68
CA PHE C 177 16.19 -12.76 -18.62
C PHE C 177 14.99 -13.54 -18.12
N VAL C 178 14.28 -12.97 -17.15
CA VAL C 178 13.01 -13.53 -16.70
C VAL C 178 11.83 -12.73 -17.25
N GLN C 179 12.05 -11.49 -17.66
CA GLN C 179 11.05 -10.69 -18.37
C GLN C 179 11.78 -9.93 -19.47
N LEU C 180 11.17 -9.85 -20.64
CA LEU C 180 11.75 -9.13 -21.75
C LEU C 180 10.63 -8.74 -22.72
N ILE C 181 10.68 -7.50 -23.19
CA ILE C 181 9.70 -6.98 -24.12
C ILE C 181 10.36 -5.95 -25.01
N SER C 182 9.84 -5.79 -26.22
CA SER C 182 10.40 -4.88 -27.20
C SER C 182 9.42 -3.75 -27.48
N GLY C 183 9.95 -2.55 -27.66
CA GLY C 183 9.15 -1.42 -28.08
C GLY C 183 9.67 -0.84 -29.37
N VAL C 184 9.47 0.46 -29.57
CA VAL C 184 9.99 1.16 -30.73
C VAL C 184 10.40 2.55 -30.26
N VAL C 185 11.71 2.82 -30.27
CA VAL C 185 12.31 4.09 -29.87
C VAL C 185 12.82 3.98 -28.43
N TRP C 186 14.11 4.22 -28.26
CA TRP C 186 14.75 4.35 -26.95
C TRP C 186 14.68 5.82 -26.57
N LEU C 187 13.78 6.16 -25.65
CA LEU C 187 13.46 7.55 -25.38
C LEU C 187 14.57 8.25 -24.62
N LEU C 188 15.03 7.64 -23.53
CA LEU C 188 16.05 8.22 -22.66
C LEU C 188 17.18 7.22 -22.48
N ARG C 189 18.41 7.69 -22.65
CA ARG C 189 19.60 6.90 -22.34
C ARG C 189 20.48 7.70 -21.40
N LYS C 190 20.76 7.16 -20.21
CA LYS C 190 21.61 7.84 -19.24
C LYS C 190 21.10 9.25 -18.95
N GLY C 191 19.78 9.37 -18.85
CA GLY C 191 19.17 10.64 -18.50
C GLY C 191 19.12 11.67 -19.60
N GLU C 192 19.47 11.29 -20.83
CA GLU C 192 19.46 12.20 -21.96
C GLU C 192 18.51 11.69 -23.03
N ILE C 193 17.91 12.63 -23.76
CA ILE C 193 17.00 12.28 -24.85
C ILE C 193 17.80 11.57 -25.93
N TYR C 194 17.28 10.43 -26.38
CA TYR C 194 18.01 9.52 -27.26
C TYR C 194 17.23 9.21 -28.53
N ILE C 195 16.29 10.07 -28.91
CA ILE C 195 15.42 9.77 -30.04
C ILE C 195 16.18 9.83 -31.35
N ASN C 196 17.09 10.80 -31.48
CA ASN C 196 17.86 10.89 -32.73
C ASN C 196 18.67 9.62 -32.96
N GLU C 197 19.30 9.10 -31.90
CA GLU C 197 20.04 7.85 -32.01
C GLU C 197 19.11 6.67 -32.29
N SER C 198 17.91 6.69 -31.71
CA SER C 198 16.97 5.59 -31.95
C SER C 198 16.54 5.55 -33.41
N ILE C 199 16.32 6.73 -34.02
CA ILE C 199 15.98 6.76 -35.44
C ILE C 199 17.10 6.13 -36.26
N GLN C 200 18.34 6.42 -35.91
CA GLN C 200 19.47 5.79 -36.58
C GLN C 200 19.44 4.28 -36.43
N ALA C 201 19.15 3.79 -35.23
CA ALA C 201 19.29 2.37 -34.93
C ALA C 201 18.09 1.54 -35.37
N GLU C 202 16.88 2.12 -35.37
CA GLU C 202 15.66 1.34 -35.48
C GLU C 202 14.92 1.55 -36.80
N SER C 203 15.46 2.34 -37.71
CA SER C 203 14.83 2.54 -39.01
C SER C 203 15.76 2.09 -40.13
N ASP C 204 15.17 1.66 -41.24
CA ASP C 204 15.91 1.27 -42.43
C ASP C 204 16.27 2.50 -43.27
N LYS C 205 17.54 2.60 -43.65
CA LYS C 205 17.92 3.59 -44.65
C LYS C 205 17.14 3.40 -45.93
N THR C 206 16.84 2.16 -46.28
CA THR C 206 16.08 1.85 -47.50
C THR C 206 14.61 2.22 -47.33
N GLY C 210 10.81 7.92 -43.66
CA GLY C 210 9.87 9.02 -43.53
C GLY C 210 8.71 8.69 -42.60
N ASN C 211 8.12 7.50 -42.78
CA ASN C 211 7.02 7.09 -41.92
C ASN C 211 7.48 6.96 -40.48
N PHE C 212 8.71 6.49 -40.26
CA PHE C 212 9.25 6.40 -38.91
C PHE C 212 9.35 7.78 -38.28
N ARG C 213 9.81 8.77 -39.06
CA ARG C 213 9.91 10.13 -38.53
C ARG C 213 8.53 10.65 -38.14
N HIS C 214 7.53 10.40 -38.98
CA HIS C 214 6.17 10.83 -38.67
C HIS C 214 5.66 10.15 -37.41
N PHE C 215 5.98 8.85 -37.25
CA PHE C 215 5.61 8.13 -36.04
C PHE C 215 6.18 8.80 -34.80
N VAL C 216 7.36 9.39 -34.91
CA VAL C 216 7.98 10.06 -33.77
C VAL C 216 7.35 11.42 -33.52
N ASP C 217 7.03 12.15 -34.59
CA ASP C 217 6.63 13.55 -34.46
C ASP C 217 5.15 13.74 -34.16
N VAL C 218 4.29 12.82 -34.60
CA VAL C 218 2.85 13.00 -34.41
C VAL C 218 2.50 12.86 -32.94
N ILE C 219 1.49 13.60 -32.50
CA ILE C 219 0.96 13.44 -31.15
C ILE C 219 -0.03 12.29 -31.16
N SER C 220 -0.07 11.54 -30.06
CA SER C 220 -0.97 10.41 -29.93
C SER C 220 -0.93 9.96 -28.48
N ALA C 221 -1.75 8.96 -28.17
CA ALA C 221 -1.59 8.24 -26.91
C ALA C 221 -0.26 7.48 -26.93
N ARG C 222 0.40 7.45 -25.78
CA ARG C 222 1.72 6.84 -25.69
C ARG C 222 1.85 6.11 -24.35
N THR C 223 2.68 5.07 -24.36
CA THR C 223 3.09 4.38 -23.14
C THR C 223 4.58 4.14 -23.20
N ALA C 224 5.19 4.01 -22.02
CA ALA C 224 6.63 3.81 -21.94
C ALA C 224 6.94 3.12 -20.62
N VAL C 225 8.13 2.51 -20.57
CA VAL C 225 8.65 1.90 -19.36
C VAL C 225 10.08 2.37 -19.18
N GLY C 226 10.45 2.65 -17.94
CA GLY C 226 11.77 3.14 -17.63
C GLY C 226 12.09 2.88 -16.19
N HIS C 227 13.15 3.53 -15.72
CA HIS C 227 13.55 3.42 -14.32
C HIS C 227 14.17 4.75 -13.90
N ASP C 228 14.19 4.99 -12.59
CA ASP C 228 14.80 6.19 -12.06
C ASP C 228 16.13 5.85 -11.38
N LYS C 229 16.78 6.88 -10.85
CA LYS C 229 18.10 6.70 -10.26
C LYS C 229 18.06 5.74 -9.12
N GLU C 230 16.91 5.63 -8.46
CA GLU C 230 16.77 4.73 -7.32
C GLU C 230 16.60 3.26 -7.72
N GLY C 231 16.44 2.96 -9.00
CA GLY C 231 16.15 1.60 -9.41
C GLY C 231 14.69 1.25 -9.38
N LYS C 232 13.82 2.21 -9.09
CA LYS C 232 12.39 1.96 -9.20
C LYS C 232 12.02 1.87 -10.66
N LEU C 233 11.08 0.99 -10.98
CA LEU C 233 10.57 0.89 -12.34
C LEU C 233 9.44 1.91 -12.51
N ILE C 234 9.44 2.60 -13.63
CA ILE C 234 8.48 3.65 -13.92
C ILE C 234 7.67 3.23 -15.14
N LEU C 235 6.35 3.17 -14.98
CA LEU C 235 5.42 2.96 -16.08
C LEU C 235 4.78 4.29 -16.41
N PHE C 236 4.74 4.63 -17.69
CA PHE C 236 4.18 5.88 -18.16
C PHE C 236 3.04 5.61 -19.12
N HIS C 237 2.00 6.44 -19.02
CA HIS C 237 0.87 6.37 -19.92
C HIS C 237 0.29 7.76 -20.06
N VAL C 238 0.02 8.17 -21.30
CA VAL C 238 -0.68 9.42 -21.58
C VAL C 238 -1.78 9.13 -22.59
N ASP C 239 -3.00 9.55 -22.27
CA ASP C 239 -4.10 9.39 -23.20
C ASP C 239 -3.93 10.33 -24.38
N GLY C 240 -4.54 9.97 -25.50
CA GLY C 240 -4.48 10.81 -26.68
C GLY C 240 -5.14 10.12 -27.86
N GLN C 241 -5.03 10.77 -29.01
CA GLN C 241 -5.56 10.24 -30.26
C GLN C 241 -4.66 10.77 -31.37
N THR C 242 -4.19 9.86 -32.22
CA THR C 242 -3.20 10.20 -33.23
C THR C 242 -3.61 11.44 -34.00
N ASP C 243 -2.73 12.44 -34.00
CA ASP C 243 -2.89 13.70 -34.72
C ASP C 243 -3.99 14.58 -34.14
N VAL C 244 -4.45 14.31 -32.92
CA VAL C 244 -5.57 15.06 -32.34
C VAL C 244 -5.25 15.42 -30.90
N ARG C 245 -4.86 14.42 -30.11
CA ARG C 245 -4.56 14.61 -28.69
C ARG C 245 -3.38 13.76 -28.29
N GLY C 246 -2.72 14.17 -27.21
CA GLY C 246 -1.63 13.40 -26.63
C GLY C 246 -0.29 14.07 -26.77
N MET C 247 0.76 13.27 -26.95
CA MET C 247 2.13 13.75 -27.00
C MET C 247 2.87 13.02 -28.09
N ASN C 248 3.89 13.68 -28.64
CA ASN C 248 4.86 12.98 -29.48
C ASN C 248 6.03 12.52 -28.62
N LEU C 249 6.93 11.75 -29.23
CA LEU C 249 7.97 11.11 -28.42
C LEU C 249 8.97 12.12 -27.89
N TRP C 250 9.17 13.24 -28.59
CA TRP C 250 10.00 14.31 -28.03
C TRP C 250 9.42 14.80 -26.71
N GLN C 251 8.10 15.03 -26.69
CA GLN C 251 7.46 15.52 -25.47
C GLN C 251 7.44 14.45 -24.38
N VAL C 252 7.23 13.19 -24.75
CA VAL C 252 7.26 12.11 -23.76
C VAL C 252 8.64 12.04 -23.11
N ALA C 253 9.70 12.07 -23.94
CA ALA C 253 11.05 11.97 -23.40
C ALA C 253 11.35 13.12 -22.44
N LYS C 254 10.95 14.33 -22.80
CA LYS C 254 11.16 15.47 -21.91
C LYS C 254 10.35 15.31 -20.63
N PHE C 255 9.09 14.90 -20.75
CA PHE C 255 8.24 14.71 -19.57
C PHE C 255 8.87 13.74 -18.60
N LEU C 256 9.34 12.58 -19.11
CA LEU C 256 9.98 11.60 -18.26
C LEU C 256 11.33 12.09 -17.76
N LYS C 257 12.05 12.83 -18.59
CA LYS C 257 13.34 13.39 -18.17
C LYS C 257 13.14 14.27 -16.93
N ASP C 258 12.07 15.06 -16.91
CA ASP C 258 11.77 15.91 -15.76
C ASP C 258 11.29 15.13 -14.55
N GLN C 259 10.96 13.85 -14.72
CA GLN C 259 10.61 12.98 -13.60
C GLN C 259 11.79 12.16 -13.11
N ASN C 260 13.01 12.54 -13.51
CA ASN C 260 14.24 11.87 -13.07
C ASN C 260 14.33 10.44 -13.57
N VAL C 261 13.74 10.16 -14.73
CA VAL C 261 13.89 8.85 -15.36
C VAL C 261 15.23 8.81 -16.09
N MET C 262 15.99 7.74 -15.89
CA MET C 262 17.32 7.60 -16.46
C MET C 262 17.28 6.91 -17.83
N ASN C 263 16.58 5.79 -17.94
CA ASN C 263 16.42 5.07 -19.19
C ASN C 263 14.96 4.73 -19.38
N ALA C 264 14.48 4.87 -20.62
CA ALA C 264 13.09 4.57 -20.92
C ALA C 264 12.97 4.23 -22.39
N ILE C 265 12.07 3.29 -22.71
CA ILE C 265 11.75 2.93 -24.08
C ILE C 265 10.27 3.17 -24.31
N ASN C 266 9.91 3.45 -25.55
CA ASN C 266 8.54 3.69 -25.95
C ASN C 266 7.88 2.37 -26.30
N LEU C 267 6.75 2.09 -25.68
CA LEU C 267 5.96 0.91 -25.97
C LEU C 267 4.82 1.29 -26.91
N ASP C 268 3.84 0.40 -27.05
CA ASP C 268 2.76 0.64 -27.99
C ASP C 268 1.86 1.76 -27.50
N GLY C 269 1.37 2.57 -28.45
CA GLY C 269 0.53 3.71 -28.18
C GLY C 269 -0.71 3.70 -29.04
N GLY C 270 -1.18 4.89 -29.38
CA GLY C 270 -2.39 5.01 -30.17
C GLY C 270 -3.57 4.40 -29.45
N GLY C 271 -4.46 3.77 -30.22
CA GLY C 271 -5.62 3.11 -29.64
C GLY C 271 -5.28 1.93 -28.76
N SER C 272 -4.04 1.44 -28.81
CA SER C 272 -3.63 0.36 -27.93
C SER C 272 -3.42 0.82 -26.50
N ALA C 273 -3.13 2.11 -26.30
CA ALA C 273 -2.81 2.61 -24.97
C ALA C 273 -3.97 2.38 -24.02
N THR C 274 -3.70 1.61 -22.96
CA THR C 274 -4.72 1.27 -21.97
C THR C 274 -4.08 1.25 -20.59
N TYR C 275 -4.80 1.77 -19.60
CA TYR C 275 -4.37 1.74 -18.21
C TYR C 275 -5.45 1.06 -17.40
N VAL C 276 -5.12 -0.06 -16.77
CA VAL C 276 -6.07 -0.90 -16.05
C VAL C 276 -5.63 -0.93 -14.59
N LEU C 277 -6.52 -0.49 -13.71
CA LEU C 277 -6.23 -0.39 -12.28
C LEU C 277 -7.01 -1.49 -11.59
N ASN C 278 -6.30 -2.50 -11.09
CA ASN C 278 -6.92 -3.61 -10.37
C ASN C 278 -8.05 -4.23 -11.18
N GLY C 279 -7.82 -4.42 -12.48
CA GLY C 279 -8.76 -5.08 -13.35
C GLY C 279 -9.83 -4.20 -13.96
N SER C 280 -9.85 -2.90 -13.66
CA SER C 280 -10.83 -1.98 -14.21
C SER C 280 -10.14 -0.95 -15.09
N LEU C 281 -10.78 -0.63 -16.21
CA LEU C 281 -10.28 0.41 -17.10
C LEU C 281 -10.28 1.75 -16.37
N ALA C 282 -9.12 2.40 -16.36
CA ALA C 282 -8.94 3.67 -15.65
C ALA C 282 -8.35 4.75 -16.56
N SER C 283 -8.50 4.59 -17.87
CA SER C 283 -8.06 5.57 -18.85
C SER C 283 -9.19 5.80 -19.85
N TYR C 284 -8.92 6.66 -20.84
CA TYR C 284 -9.88 7.00 -21.89
C TYR C 284 -9.31 6.58 -23.23
N PRO C 285 -9.62 5.37 -23.71
CA PRO C 285 -9.07 4.93 -25.00
C PRO C 285 -9.64 5.72 -26.16
N SER C 286 -8.93 5.67 -27.29
CA SER C 286 -9.29 6.47 -28.45
C SER C 286 -10.16 5.72 -29.46
N ASP C 287 -10.04 4.40 -29.55
CA ASP C 287 -10.86 3.65 -30.48
C ASP C 287 -12.35 3.84 -30.18
N HIS C 288 -13.17 3.68 -31.21
CA HIS C 288 -14.61 3.75 -31.08
C HIS C 288 -15.21 2.35 -30.96
N CYS C 289 -16.36 2.28 -30.29
CA CYS C 289 -17.13 1.03 -30.17
C CYS C 289 -18.02 0.88 -31.41
N ASN C 290 -17.43 0.39 -32.48
CA ASN C 290 -18.17 0.28 -33.73
C ASN C 290 -19.46 -0.50 -33.51
N PRO C 291 -20.59 -0.08 -34.09
CA PRO C 291 -20.74 1.10 -34.97
C PRO C 291 -21.06 2.39 -34.20
N SER C 292 -21.06 2.32 -32.87
CA SER C 292 -21.36 3.48 -32.05
C SER C 292 -20.12 4.35 -31.87
N LYS C 293 -20.33 5.56 -31.36
CA LYS C 293 -19.26 6.54 -31.19
C LYS C 293 -18.71 6.62 -29.78
N TRP C 294 -19.17 5.75 -28.86
CA TRP C 294 -18.51 5.64 -27.58
C TRP C 294 -17.06 5.18 -27.79
N ARG C 295 -16.26 5.28 -26.75
CA ARG C 295 -14.86 4.87 -26.79
C ARG C 295 -14.69 3.48 -26.19
N CYS C 296 -13.77 2.72 -26.77
CA CYS C 296 -13.58 1.32 -26.41
C CYS C 296 -12.09 0.99 -26.27
N PRO C 297 -11.71 0.17 -25.29
CA PRO C 297 -10.33 -0.32 -25.26
C PRO C 297 -10.09 -1.30 -26.40
N ARG C 298 -8.85 -1.32 -26.87
CA ARG C 298 -8.48 -2.14 -28.02
C ARG C 298 -8.00 -3.52 -27.57
N ALA C 299 -8.28 -4.52 -28.40
CA ALA C 299 -7.73 -5.86 -28.22
C ALA C 299 -6.27 -5.83 -28.65
N ILE C 300 -5.36 -6.04 -27.70
CA ILE C 300 -3.94 -5.89 -27.98
C ILE C 300 -3.19 -7.19 -27.74
N SER C 301 -1.87 -7.14 -27.74
CA SER C 301 -1.04 -8.33 -27.64
C SER C 301 -0.52 -8.49 -26.22
N THR C 302 0.80 -8.39 -26.04
CA THR C 302 1.37 -8.57 -24.71
C THR C 302 0.93 -7.44 -23.79
N VAL C 303 0.99 -7.72 -22.49
CA VAL C 303 0.59 -6.79 -21.45
C VAL C 303 1.72 -6.68 -20.44
N LEU C 304 1.94 -5.48 -19.93
CA LEU C 304 2.90 -5.24 -18.86
C LEU C 304 2.11 -5.17 -17.55
N CYS C 305 2.37 -6.12 -16.66
CA CYS C 305 1.54 -6.34 -15.47
C CYS C 305 2.37 -6.14 -14.21
N ILE C 306 1.77 -5.49 -13.23
CA ILE C 306 2.36 -5.33 -11.91
C ILE C 306 1.40 -5.99 -10.94
N HIS C 307 1.83 -7.07 -10.30
CA HIS C 307 0.94 -7.87 -9.48
C HIS C 307 1.47 -7.89 -8.06
N GLU C 308 0.55 -8.11 -7.12
CA GLU C 308 0.91 -8.09 -5.71
C GLU C 308 1.66 -9.36 -5.31
N ARG C 309 1.21 -10.51 -5.83
CA ARG C 309 1.80 -11.79 -5.43
C ARG C 309 1.64 -12.81 -6.55
N GLY D 9 -15.66 28.82 -2.47
CA GLY D 9 -14.84 28.68 -3.66
C GLY D 9 -15.66 28.74 -4.93
N SER D 10 -16.02 27.57 -5.47
CA SER D 10 -16.87 27.46 -6.63
C SER D 10 -18.31 27.08 -6.27
N GLY D 11 -18.70 27.30 -5.01
CA GLY D 11 -20.03 26.99 -4.57
C GLY D 11 -21.06 27.93 -5.15
N PRO D 12 -22.31 27.46 -5.31
CA PRO D 12 -23.36 28.34 -5.84
C PRO D 12 -23.85 29.38 -4.84
N TYR D 13 -23.60 29.18 -3.55
CA TYR D 13 -24.09 30.08 -2.50
C TYR D 13 -22.91 30.60 -1.70
N THR D 14 -23.00 31.85 -1.28
CA THR D 14 -21.92 32.51 -0.56
C THR D 14 -22.07 32.41 0.94
N LYS D 15 -23.30 32.37 1.45
CA LYS D 15 -23.56 32.37 2.88
C LYS D 15 -24.08 31.01 3.34
N SER D 16 -25.34 30.71 3.04
CA SER D 16 -25.95 29.45 3.42
C SER D 16 -26.46 28.73 2.18
N HIS D 17 -26.49 27.40 2.25
CA HIS D 17 -26.81 26.57 1.09
C HIS D 17 -28.32 26.56 0.85
N GLY D 18 -28.72 26.99 -0.34
CA GLY D 18 -30.11 26.93 -0.75
C GLY D 18 -30.77 28.29 -0.75
N PRO D 19 -31.91 28.39 -1.42
CA PRO D 19 -32.66 29.65 -1.40
C PRO D 19 -33.33 29.85 -0.05
N SER D 20 -33.72 31.11 0.19
CA SER D 20 -34.38 31.47 1.44
C SER D 20 -35.90 31.31 1.38
N HIS D 21 -36.46 31.15 0.19
CA HIS D 21 -37.91 31.12 0.02
C HIS D 21 -38.44 29.70 0.08
N SER D 22 -39.77 29.59 0.22
CA SER D 22 -40.44 28.34 0.52
C SER D 22 -40.77 27.58 -0.77
N HIS D 23 -41.34 26.38 -0.60
CA HIS D 23 -41.78 25.60 -1.74
C HIS D 23 -42.94 26.28 -2.48
N ARG D 24 -43.80 27.01 -1.76
CA ARG D 24 -44.90 27.70 -2.41
C ARG D 24 -44.40 28.80 -3.34
N TYR D 25 -43.30 29.46 -2.97
CA TYR D 25 -42.69 30.44 -3.87
C TYR D 25 -42.25 29.78 -5.16
N VAL D 26 -41.63 28.61 -5.08
CA VAL D 26 -41.22 27.89 -6.29
C VAL D 26 -42.42 27.62 -7.17
N ARG D 27 -43.54 27.22 -6.57
CA ARG D 27 -44.74 26.93 -7.34
C ARG D 27 -45.27 28.18 -8.03
N ASP D 28 -45.34 29.30 -7.29
CA ASP D 28 -45.96 30.50 -7.83
C ASP D 28 -45.13 31.14 -8.93
N SER D 29 -43.81 30.91 -8.94
CA SER D 29 -42.92 31.54 -9.90
C SER D 29 -42.53 30.63 -11.05
N GLN D 30 -42.97 29.37 -11.05
CA GLN D 30 -42.61 28.45 -12.11
C GLN D 30 -43.42 28.74 -13.37
N PRO D 31 -42.95 28.28 -14.53
CA PRO D 31 -43.67 28.60 -15.77
C PRO D 31 -45.11 28.12 -15.73
N VAL D 32 -45.99 28.92 -16.34
CA VAL D 32 -47.41 28.62 -16.37
C VAL D 32 -47.69 27.26 -17.00
N ALA D 33 -46.84 26.82 -17.92
CA ALA D 33 -47.12 25.59 -18.66
C ALA D 33 -47.26 24.37 -17.75
N HIS D 34 -46.61 24.37 -16.59
CA HIS D 34 -46.61 23.19 -15.72
C HIS D 34 -47.61 23.28 -14.57
N GLY D 35 -48.50 24.26 -14.58
CA GLY D 35 -49.50 24.31 -13.52
C GLY D 35 -48.86 24.50 -12.15
N THR D 36 -49.38 23.77 -11.17
CA THR D 36 -48.94 23.89 -9.78
C THR D 36 -48.07 22.73 -9.33
N VAL D 37 -47.72 21.80 -10.21
CA VAL D 37 -46.88 20.66 -9.86
C VAL D 37 -45.43 21.01 -10.18
N THR D 38 -44.55 20.86 -9.18
CA THR D 38 -43.15 21.26 -9.31
C THR D 38 -42.21 20.06 -9.44
N HIS D 39 -42.71 18.89 -9.80
CA HIS D 39 -41.87 17.71 -9.96
C HIS D 39 -42.36 16.88 -11.13
N GLU D 40 -41.53 15.92 -11.54
CA GLU D 40 -41.86 14.96 -12.57
C GLU D 40 -41.67 13.55 -12.04
N THR D 41 -42.47 12.63 -12.57
CA THR D 41 -42.41 11.22 -12.17
C THR D 41 -42.25 10.33 -13.39
N GLN D 42 -41.67 9.15 -13.15
CA GLN D 42 -41.44 8.18 -14.21
C GLN D 42 -41.26 6.81 -13.58
N ALA D 43 -42.05 5.83 -14.03
CA ALA D 43 -41.88 4.45 -13.58
C ALA D 43 -40.52 3.92 -14.01
N ALA D 44 -39.77 3.38 -13.05
CA ALA D 44 -38.48 2.79 -13.36
C ALA D 44 -38.66 1.48 -14.11
N SER D 45 -37.74 1.21 -15.05
CA SER D 45 -37.73 -0.06 -15.74
C SER D 45 -37.30 -1.19 -14.80
N LYS D 46 -37.75 -2.41 -15.10
CA LYS D 46 -37.44 -3.59 -14.29
C LYS D 46 -36.95 -4.72 -15.19
N HIS D 47 -35.87 -4.46 -15.93
CA HIS D 47 -35.26 -5.44 -16.83
C HIS D 47 -34.38 -6.35 -15.96
N SER D 48 -35.01 -7.33 -15.32
CA SER D 48 -34.33 -8.19 -14.37
C SER D 48 -33.45 -9.26 -15.00
N ASN D 49 -33.57 -9.53 -16.30
CA ASN D 49 -32.72 -10.50 -16.97
C ASN D 49 -31.65 -9.83 -17.83
N SER D 50 -31.43 -8.54 -17.67
CA SER D 50 -30.41 -7.78 -18.36
C SER D 50 -29.26 -7.49 -17.41
N PRO D 51 -28.11 -7.05 -17.93
CA PRO D 51 -27.06 -6.58 -17.03
C PRO D 51 -27.53 -5.42 -16.19
N VAL D 52 -26.92 -5.27 -15.00
CA VAL D 52 -27.35 -4.23 -14.08
C VAL D 52 -27.21 -2.87 -14.73
N LEU D 53 -26.11 -2.65 -15.45
CA LEU D 53 -25.81 -1.34 -16.00
C LEU D 53 -24.92 -1.50 -17.23
N GLU D 54 -24.78 -0.41 -17.97
CA GLU D 54 -23.83 -0.31 -19.08
C GLU D 54 -23.07 0.99 -18.90
N SER D 55 -21.76 0.90 -18.79
CA SER D 55 -20.91 2.07 -18.60
C SER D 55 -20.16 2.38 -19.88
N ASN D 56 -20.35 3.59 -20.39
CA ASN D 56 -19.79 4.02 -21.65
C ASN D 56 -18.93 5.27 -21.47
N ILE D 57 -17.79 5.30 -22.15
CA ILE D 57 -16.87 6.43 -22.14
C ILE D 57 -17.15 7.28 -23.36
N PHE D 58 -17.14 8.60 -23.17
CA PHE D 58 -17.23 9.54 -24.29
C PHE D 58 -16.04 10.50 -24.25
N ILE D 59 -15.55 10.83 -25.44
CA ILE D 59 -14.60 11.92 -25.65
C ILE D 59 -15.17 12.74 -26.80
N SER D 60 -15.60 13.97 -26.51
CA SER D 60 -16.36 14.75 -27.46
C SER D 60 -15.76 16.14 -27.63
N ASP D 61 -15.97 16.71 -28.80
CA ASP D 61 -15.59 18.09 -29.09
C ASP D 61 -16.79 18.97 -28.76
N ILE D 62 -16.59 19.93 -27.87
CA ILE D 62 -17.65 20.82 -27.42
C ILE D 62 -17.36 22.23 -27.94
N THR D 63 -18.40 22.91 -28.41
CA THR D 63 -18.31 24.30 -28.83
C THR D 63 -19.13 25.14 -27.86
N ASP D 64 -18.54 26.22 -27.38
CA ASP D 64 -19.24 27.14 -26.50
C ASP D 64 -19.73 28.33 -27.33
N ASP D 65 -20.42 29.26 -26.67
CA ASP D 65 -21.03 30.37 -27.40
C ASP D 65 -19.97 31.23 -28.08
N SER D 66 -18.81 31.38 -27.46
CA SER D 66 -17.75 32.20 -28.06
C SER D 66 -17.15 31.57 -29.31
N GLY D 67 -17.48 30.30 -29.60
CA GLY D 67 -17.02 29.64 -30.80
C GLY D 67 -15.74 28.83 -30.66
N THR D 68 -15.07 28.89 -29.52
CA THR D 68 -13.84 28.13 -29.32
C THR D 68 -14.17 26.67 -29.00
N HIS D 69 -13.34 25.76 -29.50
CA HIS D 69 -13.54 24.33 -29.34
C HIS D 69 -12.66 23.78 -28.22
N ARG D 70 -13.24 22.86 -27.45
CA ARG D 70 -12.55 22.21 -26.34
C ARG D 70 -12.93 20.74 -26.31
N TRP D 71 -11.99 19.91 -25.86
CA TRP D 71 -12.24 18.48 -25.68
C TRP D 71 -12.68 18.21 -24.24
N VAL D 72 -13.70 17.36 -24.10
CA VAL D 72 -14.18 16.92 -22.79
C VAL D 72 -14.29 15.40 -22.81
N SER D 73 -14.20 14.79 -21.63
CA SER D 73 -14.22 13.35 -21.49
C SER D 73 -14.96 12.98 -20.23
N GLY D 74 -15.61 11.83 -20.26
CA GLY D 74 -16.37 11.39 -19.11
C GLY D 74 -17.07 10.07 -19.38
N HIS D 75 -18.08 9.78 -18.57
CA HIS D 75 -18.79 8.51 -18.63
C HIS D 75 -20.29 8.75 -18.65
N ILE D 76 -20.99 7.87 -19.36
CA ILE D 76 -22.45 7.75 -19.28
C ILE D 76 -22.76 6.33 -18.82
N THR D 77 -23.52 6.21 -17.73
CA THR D 77 -23.89 4.91 -17.17
C THR D 77 -25.41 4.79 -17.21
N GLU D 78 -25.90 3.72 -17.83
CA GLU D 78 -27.32 3.42 -17.89
C GLU D 78 -27.62 2.29 -16.91
N VAL D 79 -28.66 2.46 -16.10
CA VAL D 79 -29.05 1.50 -15.09
C VAL D 79 -30.42 0.95 -15.46
N HIS D 80 -30.52 -0.37 -15.59
CA HIS D 80 -31.71 -0.99 -16.14
C HIS D 80 -32.76 -1.34 -15.09
N ASP D 81 -32.41 -1.33 -13.81
CA ASP D 81 -33.35 -1.64 -12.73
C ASP D 81 -33.07 -0.76 -11.52
N PRO D 82 -33.35 0.54 -11.63
CA PRO D 82 -32.91 1.46 -10.57
C PRO D 82 -33.39 1.11 -9.17
N LEU D 83 -34.63 0.62 -9.03
CA LEU D 83 -35.18 0.41 -7.69
C LEU D 83 -34.33 -0.57 -6.89
N ARG D 84 -33.87 -1.65 -7.53
CA ARG D 84 -33.14 -2.68 -6.79
C ARG D 84 -31.63 -2.49 -6.81
N SER D 85 -31.08 -1.67 -7.70
CA SER D 85 -29.63 -1.57 -7.86
C SER D 85 -29.05 -0.23 -7.45
N VAL D 86 -29.87 0.80 -7.24
CA VAL D 86 -29.39 2.15 -6.96
C VAL D 86 -29.54 2.44 -5.46
N SER D 87 -28.48 2.95 -4.85
CA SER D 87 -28.48 3.31 -3.44
C SER D 87 -27.80 4.65 -3.26
N VAL D 88 -28.31 5.43 -2.32
CA VAL D 88 -27.65 6.63 -1.82
C VAL D 88 -26.94 6.25 -0.53
N LEU D 89 -25.62 6.45 -0.49
CA LEU D 89 -24.80 6.03 0.62
C LEU D 89 -24.29 7.22 1.41
N GLU D 90 -24.22 7.06 2.74
CA GLU D 90 -23.61 8.07 3.59
C GLU D 90 -22.09 7.98 3.49
N PRO D 91 -21.39 9.10 3.70
CA PRO D 91 -19.93 9.07 3.66
C PRO D 91 -19.37 8.09 4.69
N GLY D 92 -18.56 7.15 4.21
CA GLY D 92 -17.94 6.16 5.07
C GLY D 92 -18.84 5.04 5.50
N GLY D 93 -20.16 5.19 5.39
CA GLY D 93 -21.09 4.18 5.83
C GLY D 93 -22.21 4.77 6.65
N PRO D 94 -23.17 3.94 7.04
CA PRO D 94 -24.31 4.44 7.83
C PRO D 94 -23.85 5.22 9.05
N GLY D 95 -24.51 6.36 9.28
CA GLY D 95 -24.12 7.25 10.35
C GLY D 95 -23.09 8.29 9.96
N GLY D 96 -22.62 8.27 8.71
CA GLY D 96 -21.56 9.19 8.31
C GLY D 96 -21.98 10.65 8.40
N CYS D 97 -23.20 10.97 7.95
CA CYS D 97 -23.63 12.36 7.95
C CYS D 97 -23.79 12.89 9.37
N ALA D 98 -24.18 12.05 10.31
CA ALA D 98 -24.32 12.50 11.69
C ALA D 98 -22.99 12.97 12.26
N HIS D 99 -21.87 12.47 11.73
CA HIS D 99 -20.54 12.86 12.20
C HIS D 99 -19.89 13.92 11.32
N ASN D 100 -20.63 14.50 10.36
CA ASN D 100 -20.05 15.45 9.42
C ASN D 100 -18.81 14.84 8.76
N HIS D 101 -18.91 13.56 8.44
CA HIS D 101 -17.79 12.80 7.91
C HIS D 101 -17.65 13.03 6.41
N ARG D 102 -16.40 13.09 5.95
CA ARG D 102 -16.07 13.15 4.54
C ARG D 102 -15.17 11.97 4.20
N GLU D 103 -15.36 11.39 3.02
CA GLU D 103 -14.64 10.18 2.66
C GLU D 103 -14.59 10.07 1.15
N LEU D 104 -13.53 9.43 0.66
CA LEU D 104 -13.41 9.18 -0.77
C LEU D 104 -14.55 8.31 -1.26
N VAL D 105 -14.98 8.56 -2.51
CA VAL D 105 -16.00 7.72 -3.12
C VAL D 105 -15.57 6.26 -3.09
N GLU D 106 -14.29 6.00 -3.39
CA GLU D 106 -13.80 4.64 -3.45
C GLU D 106 -14.01 3.91 -2.13
N VAL D 107 -13.69 4.58 -1.02
CA VAL D 107 -13.83 3.95 0.29
C VAL D 107 -15.30 3.69 0.62
N THR D 108 -16.14 4.71 0.45
CA THR D 108 -17.57 4.53 0.70
C THR D 108 -18.16 3.47 -0.22
N ALA D 109 -17.72 3.43 -1.47
CA ALA D 109 -18.30 2.50 -2.43
C ALA D 109 -18.05 1.05 -2.03
N LYS D 110 -16.90 0.77 -1.42
CA LYS D 110 -16.56 -0.60 -1.05
C LYS D 110 -17.41 -1.15 0.07
N THR D 111 -18.20 -0.32 0.76
CA THR D 111 -19.11 -0.80 1.79
C THR D 111 -20.35 -1.49 1.21
N ARG D 112 -20.60 -1.34 -0.10
CA ARG D 112 -21.77 -1.91 -0.74
C ARG D 112 -21.45 -2.61 -2.05
N LYS D 113 -20.18 -2.87 -2.33
CA LYS D 113 -19.78 -3.58 -3.55
C LYS D 113 -20.38 -2.90 -4.78
N CYS D 114 -20.20 -1.59 -4.86
CA CYS D 114 -20.75 -0.82 -5.97
C CYS D 114 -20.01 -1.16 -7.26
N LEU D 115 -20.77 -1.48 -8.30
CA LEU D 115 -20.18 -1.64 -9.62
C LEU D 115 -19.74 -0.30 -10.19
N VAL D 116 -20.59 0.72 -10.02
CA VAL D 116 -20.27 2.09 -10.38
C VAL D 116 -20.65 2.98 -9.21
N ALA D 117 -19.80 3.95 -8.90
CA ALA D 117 -20.08 4.90 -7.85
C ALA D 117 -19.59 6.28 -8.29
N GLN D 118 -20.42 7.28 -8.04
CA GLN D 118 -20.05 8.68 -8.26
C GLN D 118 -20.30 9.46 -6.99
N ASN D 119 -19.60 10.58 -6.86
CA ASN D 119 -19.90 11.50 -5.79
C ASN D 119 -21.37 11.93 -5.89
N GLY D 120 -21.95 12.26 -4.74
CA GLY D 120 -23.37 12.57 -4.69
C GLY D 120 -23.67 14.03 -4.46
N GLY D 121 -24.24 14.34 -3.30
CA GLY D 121 -24.74 15.66 -3.03
C GLY D 121 -23.66 16.62 -2.57
N TYR D 122 -24.07 17.88 -2.41
CA TYR D 122 -23.18 18.93 -1.97
C TYR D 122 -22.96 18.84 -0.47
N PHE D 123 -21.86 19.44 -0.02
CA PHE D 123 -21.52 19.44 1.39
C PHE D 123 -20.75 20.71 1.71
N ASP D 124 -20.70 21.03 3.00
CA ASP D 124 -19.96 22.20 3.48
C ASP D 124 -18.48 21.84 3.57
N THR D 125 -17.65 22.54 2.80
CA THR D 125 -16.24 22.18 2.72
C THR D 125 -15.47 22.47 4.00
N HIS D 126 -15.95 23.38 4.84
CA HIS D 126 -15.25 23.67 6.09
C HIS D 126 -15.70 22.77 7.23
N THR D 127 -17.00 22.54 7.38
CA THR D 127 -17.50 21.73 8.49
C THR D 127 -17.74 20.28 8.12
N GLY D 128 -17.82 19.96 6.83
CA GLY D 128 -18.13 18.61 6.41
C GLY D 128 -19.59 18.23 6.52
N GLN D 129 -20.46 19.20 6.78
CA GLN D 129 -21.87 18.90 6.96
C GLN D 129 -22.51 18.47 5.64
N CYS D 130 -23.34 17.44 5.70
CA CYS D 130 -24.15 17.04 4.56
C CYS D 130 -25.23 18.10 4.30
N LEU D 131 -25.65 18.22 3.05
CA LEU D 131 -26.61 19.24 2.66
C LEU D 131 -27.74 18.63 1.85
N GLY D 132 -28.90 19.28 1.91
CA GLY D 132 -30.07 18.82 1.19
C GLY D 132 -30.81 17.72 1.95
N ASN D 133 -31.73 17.09 1.24
CA ASN D 133 -32.46 15.94 1.76
C ASN D 133 -31.69 14.67 1.41
N ILE D 134 -31.68 13.72 2.34
CA ILE D 134 -30.95 12.46 2.16
C ILE D 134 -31.79 11.33 2.72
N ILE D 135 -32.13 10.36 1.88
CA ILE D 135 -32.71 9.09 2.30
C ILE D 135 -31.83 7.98 1.74
N SER D 136 -31.36 7.09 2.62
CA SER D 136 -30.40 6.05 2.26
C SER D 136 -31.02 4.70 2.58
N ASP D 137 -31.32 3.93 1.53
CA ASP D 137 -31.88 2.59 1.66
C ASP D 137 -33.06 2.57 2.65
N GLY D 138 -34.03 3.45 2.41
CA GLY D 138 -35.25 3.50 3.18
C GLY D 138 -35.15 4.24 4.49
N LYS D 139 -33.97 4.69 4.87
CA LYS D 139 -33.73 5.33 6.17
C LYS D 139 -33.56 6.83 5.94
N LEU D 140 -34.33 7.63 6.65
CA LEU D 140 -34.22 9.08 6.56
C LEU D 140 -32.95 9.53 7.28
N VAL D 141 -31.97 10.01 6.52
CA VAL D 141 -30.70 10.44 7.09
C VAL D 141 -30.70 11.94 7.39
N ARG D 142 -31.30 12.75 6.52
CA ARG D 142 -31.32 14.19 6.72
C ARG D 142 -32.58 14.80 6.13
N ASN D 143 -33.29 15.59 6.92
CA ASN D 143 -34.43 16.39 6.49
C ASN D 143 -33.97 17.85 6.45
N SER D 144 -33.87 18.40 5.24
CA SER D 144 -33.37 19.76 5.08
C SER D 144 -34.32 20.82 5.65
N GLY D 145 -35.58 20.46 5.91
CA GLY D 145 -36.54 21.45 6.34
C GLY D 145 -37.19 22.22 5.21
N GLY D 146 -37.37 21.58 4.06
CA GLY D 146 -38.01 22.23 2.93
C GLY D 146 -37.11 23.12 2.11
N ILE D 147 -35.81 22.92 2.15
CA ILE D 147 -34.90 23.71 1.31
C ILE D 147 -35.18 23.35 -0.16
N GLN D 148 -35.31 24.38 -0.99
CA GLN D 148 -35.75 24.18 -2.38
C GLN D 148 -34.54 24.11 -3.30
N ASN D 149 -33.97 22.91 -3.37
CA ASN D 149 -32.98 22.55 -4.37
C ASN D 149 -33.51 21.40 -5.21
N ALA D 150 -32.88 21.18 -6.37
CA ALA D 150 -33.27 20.08 -7.22
C ALA D 150 -33.16 18.76 -6.48
N GLN D 151 -34.12 17.87 -6.68
CA GLN D 151 -34.21 16.61 -5.96
C GLN D 151 -34.24 15.45 -6.95
N PHE D 152 -33.70 14.31 -6.51
CA PHE D 152 -33.87 13.03 -7.20
C PHE D 152 -34.18 11.98 -6.16
N GLY D 153 -35.25 11.21 -6.38
CA GLY D 153 -35.63 10.18 -5.43
C GLY D 153 -36.25 8.98 -6.11
N ILE D 154 -36.26 7.87 -5.39
CA ILE D 154 -36.90 6.63 -5.81
C ILE D 154 -37.89 6.25 -4.73
N ARG D 155 -39.16 6.10 -5.10
CA ARG D 155 -40.19 5.71 -4.16
C ARG D 155 -40.28 4.18 -4.10
N LYS D 156 -40.94 3.69 -3.05
CA LYS D 156 -40.93 2.25 -2.78
C LYS D 156 -41.47 1.44 -3.95
N ASP D 157 -42.43 1.98 -4.70
CA ASP D 157 -43.04 1.27 -5.81
C ASP D 157 -42.24 1.39 -7.11
N GLY D 158 -41.05 1.97 -7.06
CA GLY D 158 -40.22 2.11 -8.25
C GLY D 158 -40.37 3.42 -9.00
N THR D 159 -41.13 4.37 -8.47
CA THR D 159 -41.31 5.64 -9.14
C THR D 159 -40.05 6.49 -9.02
N LEU D 160 -39.53 6.95 -10.15
CA LEU D 160 -38.43 7.90 -10.17
C LEU D 160 -39.02 9.31 -10.09
N VAL D 161 -38.44 10.14 -9.20
CA VAL D 161 -38.94 11.49 -8.96
C VAL D 161 -37.80 12.48 -9.18
N PHE D 162 -38.08 13.51 -9.97
CA PHE D 162 -37.13 14.58 -10.23
C PHE D 162 -37.84 15.92 -10.05
N GLY D 163 -37.13 16.88 -9.46
CA GLY D 163 -37.65 18.22 -9.36
C GLY D 163 -37.64 18.78 -7.96
N TYR D 164 -38.62 19.61 -7.64
CA TYR D 164 -38.70 20.31 -6.37
C TYR D 164 -39.76 19.66 -5.49
N LEU D 165 -39.39 19.33 -4.26
CA LEU D 165 -40.26 18.61 -3.33
C LEU D 165 -40.41 19.43 -2.05
N SER D 166 -41.60 19.39 -1.47
CA SER D 166 -41.83 19.97 -0.17
C SER D 166 -41.42 19.00 0.94
N GLU D 167 -41.34 19.52 2.16
CA GLU D 167 -41.05 18.65 3.30
C GLU D 167 -42.16 17.61 3.47
N ASP D 168 -43.40 18.01 3.24
CA ASP D 168 -44.50 17.06 3.30
C ASP D 168 -44.33 15.96 2.25
N ASP D 169 -43.84 16.33 1.06
CA ASP D 169 -43.64 15.33 0.02
C ASP D 169 -42.66 14.25 0.48
N ILE D 170 -41.55 14.64 1.11
CA ILE D 170 -40.52 13.67 1.44
C ILE D 170 -40.85 12.86 2.68
N LEU D 171 -41.73 13.36 3.55
CA LEU D 171 -42.08 12.63 4.77
C LEU D 171 -43.27 11.69 4.55
N ASP D 172 -43.82 11.65 3.34
CA ASP D 172 -44.95 10.77 3.07
C ASP D 172 -44.57 9.32 3.36
N GLN D 173 -45.52 8.58 3.95
CA GLN D 173 -45.37 7.17 4.22
C GLN D 173 -46.34 6.33 3.38
N GLU D 174 -47.19 6.98 2.58
CA GLU D 174 -48.08 6.26 1.68
C GLU D 174 -47.29 5.45 0.67
N ASN D 175 -46.39 6.10 -0.07
CA ASN D 175 -45.50 5.45 -1.03
C ASN D 175 -44.09 5.99 -0.77
N PRO D 176 -43.46 5.54 0.30
CA PRO D 176 -42.31 6.28 0.84
C PRO D 176 -41.09 6.24 -0.07
N PHE D 177 -40.30 7.30 0.01
CA PHE D 177 -39.00 7.32 -0.65
C PHE D 177 -38.07 6.30 -0.02
N VAL D 178 -37.40 5.51 -0.86
CA VAL D 178 -36.35 4.62 -0.39
C VAL D 178 -34.96 5.17 -0.72
N GLN D 179 -34.85 6.07 -1.68
CA GLN D 179 -33.61 6.79 -1.98
C GLN D 179 -33.97 8.24 -2.26
N LEU D 180 -33.15 9.16 -1.77
CA LEU D 180 -33.38 10.58 -2.03
C LEU D 180 -32.07 11.34 -1.87
N ILE D 181 -31.80 12.25 -2.79
CA ILE D 181 -30.61 13.08 -2.77
C ILE D 181 -30.93 14.41 -3.42
N SER D 182 -30.21 15.44 -3.02
CA SER D 182 -30.43 16.80 -3.49
C SER D 182 -29.25 17.28 -4.32
N GLY D 183 -29.53 18.05 -5.36
CA GLY D 183 -28.49 18.68 -6.14
C GLY D 183 -28.66 20.19 -6.18
N VAL D 184 -28.16 20.83 -7.24
CA VAL D 184 -28.32 22.26 -7.45
C VAL D 184 -28.50 22.47 -8.94
N VAL D 185 -29.69 22.94 -9.34
CA VAL D 185 -30.08 23.23 -10.71
C VAL D 185 -30.78 22.01 -11.31
N TRP D 186 -31.99 22.22 -11.81
CA TRP D 186 -32.75 21.21 -12.54
C TRP D 186 -32.39 21.36 -14.02
N LEU D 187 -31.59 20.42 -14.53
CA LEU D 187 -31.01 20.59 -15.86
C LEU D 187 -32.07 20.44 -16.96
N LEU D 188 -32.81 19.34 -16.93
CA LEU D 188 -33.81 19.04 -17.94
C LEU D 188 -35.12 18.71 -17.26
N ARG D 189 -36.20 19.33 -17.74
CA ARG D 189 -37.55 18.98 -17.31
C ARG D 189 -38.37 18.67 -18.56
N LYS D 190 -38.87 17.43 -18.64
CA LYS D 190 -39.67 16.99 -19.78
C LYS D 190 -38.91 17.20 -21.08
N GLY D 191 -37.61 16.92 -21.06
CA GLY D 191 -36.80 17.00 -22.25
C GLY D 191 -36.39 18.40 -22.67
N GLU D 192 -36.64 19.40 -21.84
CA GLU D 192 -36.30 20.77 -22.17
C GLU D 192 -35.31 21.32 -21.17
N ILE D 193 -34.42 22.21 -21.64
CA ILE D 193 -33.46 22.85 -20.75
C ILE D 193 -34.22 23.70 -19.74
N TYR D 194 -33.89 23.53 -18.47
CA TYR D 194 -34.66 24.11 -17.37
C TYR D 194 -33.79 24.96 -16.46
N ILE D 195 -32.67 25.47 -16.97
CA ILE D 195 -31.71 26.16 -16.12
C ILE D 195 -32.24 27.52 -15.69
N ASN D 196 -32.86 28.27 -16.60
CA ASN D 196 -33.41 29.57 -16.22
C ASN D 196 -34.50 29.42 -15.18
N GLU D 197 -35.35 28.41 -15.33
CA GLU D 197 -36.36 28.16 -14.31
C GLU D 197 -35.72 27.76 -12.99
N SER D 198 -34.64 26.97 -13.06
CA SER D 198 -33.94 26.57 -11.84
C SER D 198 -33.27 27.76 -11.15
N ILE D 199 -32.68 28.67 -11.93
CA ILE D 199 -32.07 29.85 -11.33
C ILE D 199 -33.12 30.66 -10.58
N GLN D 200 -34.30 30.84 -11.19
CA GLN D 200 -35.37 31.56 -10.52
C GLN D 200 -35.78 30.87 -9.23
N ALA D 201 -35.86 29.54 -9.26
CA ALA D 201 -36.41 28.78 -8.14
C ALA D 201 -35.39 28.54 -7.03
N GLU D 202 -34.11 28.42 -7.37
CA GLU D 202 -33.10 27.96 -6.41
C GLU D 202 -32.13 29.04 -5.97
N SER D 203 -32.26 30.27 -6.49
CA SER D 203 -31.42 31.38 -6.08
C SER D 203 -32.30 32.49 -5.53
N ASP D 204 -31.73 33.30 -4.64
CA ASP D 204 -32.43 34.45 -4.08
C ASP D 204 -32.37 35.65 -5.02
N GLY D 210 -25.80 36.70 -8.73
CA GLY D 210 -24.59 36.77 -9.53
C GLY D 210 -23.66 35.60 -9.28
N ASN D 211 -23.44 35.27 -8.01
CA ASN D 211 -22.60 34.13 -7.68
C ASN D 211 -23.23 32.83 -8.17
N PHE D 212 -24.55 32.72 -8.07
CA PHE D 212 -25.26 31.55 -8.60
C PHE D 212 -25.13 31.51 -10.12
N ARG D 213 -25.23 32.67 -10.77
CA ARG D 213 -25.08 32.73 -12.22
C ARG D 213 -23.69 32.25 -12.65
N HIS D 214 -22.65 32.67 -11.93
CA HIS D 214 -21.31 32.22 -12.27
C HIS D 214 -21.17 30.71 -12.12
N PHE D 215 -21.79 30.14 -11.08
CA PHE D 215 -21.78 28.69 -10.91
C PHE D 215 -22.38 27.98 -12.11
N VAL D 216 -23.38 28.58 -12.75
CA VAL D 216 -24.01 27.95 -13.90
C VAL D 216 -23.15 28.11 -15.15
N ASP D 217 -22.53 29.28 -15.34
CA ASP D 217 -21.86 29.59 -16.60
C ASP D 217 -20.42 29.09 -16.66
N VAL D 218 -19.74 28.97 -15.51
CA VAL D 218 -18.34 28.57 -15.52
C VAL D 218 -18.22 27.11 -15.92
N ILE D 219 -17.14 26.78 -16.62
CA ILE D 219 -16.86 25.39 -16.96
C ILE D 219 -16.15 24.73 -15.80
N SER D 220 -16.44 23.44 -15.60
CA SER D 220 -15.82 22.67 -14.53
C SER D 220 -16.17 21.21 -14.75
N ALA D 221 -15.64 20.34 -13.90
CA ALA D 221 -16.13 18.98 -13.84
C ALA D 221 -17.56 18.98 -13.33
N ARG D 222 -18.39 18.11 -13.90
CA ARG D 222 -19.80 18.07 -13.56
C ARG D 222 -20.27 16.63 -13.49
N THR D 223 -21.29 16.41 -12.66
CA THR D 223 -21.99 15.13 -12.60
C THR D 223 -23.48 15.43 -12.55
N ALA D 224 -24.27 14.46 -13.02
CA ALA D 224 -25.71 14.62 -13.05
C ALA D 224 -26.35 13.24 -13.04
N VAL D 225 -27.62 13.21 -12.65
CA VAL D 225 -28.42 12.00 -12.69
C VAL D 225 -29.75 12.33 -13.34
N GLY D 226 -30.23 11.42 -14.19
CA GLY D 226 -31.48 11.63 -14.88
C GLY D 226 -32.06 10.31 -15.32
N HIS D 227 -33.06 10.41 -16.20
CA HIS D 227 -33.71 9.23 -16.74
C HIS D 227 -34.19 9.54 -18.16
N ASP D 228 -34.40 8.48 -18.93
CA ASP D 228 -34.95 8.57 -20.28
C ASP D 228 -36.37 8.01 -20.31
N LYS D 229 -36.95 7.99 -21.52
CA LYS D 229 -38.37 7.65 -21.66
C LYS D 229 -38.68 6.21 -21.23
N GLU D 230 -37.73 5.28 -21.34
CA GLU D 230 -38.00 3.89 -21.00
C GLU D 230 -37.97 3.64 -19.49
N GLY D 231 -37.55 4.61 -18.70
CA GLY D 231 -37.36 4.41 -17.27
C GLY D 231 -35.97 3.99 -16.84
N LYS D 232 -34.99 3.99 -17.74
CA LYS D 232 -33.62 3.73 -17.36
C LYS D 232 -33.06 4.94 -16.60
N LEU D 233 -32.26 4.68 -15.57
CA LEU D 233 -31.58 5.75 -14.85
C LEU D 233 -30.24 6.04 -15.52
N ILE D 234 -29.92 7.32 -15.67
CA ILE D 234 -28.73 7.77 -16.39
C ILE D 234 -27.83 8.50 -15.41
N LEU D 235 -26.59 8.03 -15.28
CA LEU D 235 -25.57 8.73 -14.53
C LEU D 235 -24.61 9.41 -15.50
N PHE D 236 -24.32 10.68 -15.26
CA PHE D 236 -23.44 11.46 -16.13
C PHE D 236 -22.26 11.98 -15.31
N HIS D 237 -21.10 11.97 -15.93
CA HIS D 237 -19.89 12.50 -15.32
C HIS D 237 -18.99 13.02 -16.43
N VAL D 238 -18.45 14.21 -16.25
CA VAL D 238 -17.46 14.78 -17.15
C VAL D 238 -16.31 15.32 -16.31
N ASP D 239 -15.09 14.93 -16.65
CA ASP D 239 -13.93 15.47 -15.97
C ASP D 239 -13.72 16.92 -16.36
N GLY D 240 -13.06 17.66 -15.48
CA GLY D 240 -12.77 19.05 -15.74
C GLY D 240 -12.14 19.71 -14.54
N GLN D 241 -11.97 21.02 -14.66
CA GLN D 241 -11.41 21.83 -13.58
C GLN D 241 -11.99 23.23 -13.70
N THR D 242 -12.50 23.75 -12.59
CA THR D 242 -13.23 25.01 -12.60
C THR D 242 -12.46 26.10 -13.35
N ASP D 243 -13.11 26.68 -14.36
CA ASP D 243 -12.58 27.78 -15.15
C ASP D 243 -11.41 27.35 -16.05
N VAL D 244 -11.20 26.06 -16.26
CA VAL D 244 -10.06 25.58 -17.03
C VAL D 244 -10.48 24.50 -18.01
N ARG D 245 -11.18 23.47 -17.51
CA ARG D 245 -11.61 22.36 -18.36
C ARG D 245 -13.00 21.93 -17.92
N GLY D 246 -13.70 21.25 -18.84
CA GLY D 246 -14.98 20.67 -18.53
C GLY D 246 -16.14 21.34 -19.25
N MET D 247 -17.29 21.41 -18.59
CA MET D 247 -18.50 21.94 -19.18
C MET D 247 -19.22 22.82 -18.16
N ASN D 248 -19.97 23.79 -18.67
CA ASN D 248 -20.93 24.50 -17.84
C ASN D 248 -22.29 23.80 -17.94
N LEU D 249 -23.25 24.26 -17.14
CA LEU D 249 -24.50 23.53 -17.03
C LEU D 249 -25.33 23.64 -18.31
N TRP D 250 -25.21 24.74 -19.05
CA TRP D 250 -25.87 24.82 -20.36
C TRP D 250 -25.39 23.70 -21.27
N GLN D 251 -24.07 23.48 -21.32
CA GLN D 251 -23.52 22.44 -22.18
C GLN D 251 -23.90 21.05 -21.68
N VAL D 252 -23.91 20.85 -20.35
CA VAL D 252 -24.33 19.56 -19.80
C VAL D 252 -25.78 19.28 -20.16
N ALA D 253 -26.65 20.27 -19.99
CA ALA D 253 -28.06 20.08 -20.29
C ALA D 253 -28.27 19.70 -21.76
N LYS D 254 -27.58 20.38 -22.66
CA LYS D 254 -27.68 20.05 -24.08
C LYS D 254 -27.12 18.66 -24.37
N PHE D 255 -25.98 18.33 -23.77
CA PHE D 255 -25.38 17.02 -23.97
C PHE D 255 -26.35 15.92 -23.56
N LEU D 256 -26.97 16.06 -22.39
CA LEU D 256 -27.93 15.05 -21.94
C LEU D 256 -29.20 15.06 -22.78
N LYS D 257 -29.63 16.25 -23.22
CA LYS D 257 -30.80 16.33 -24.08
C LYS D 257 -30.62 15.52 -25.35
N ASP D 258 -29.41 15.56 -25.94
CA ASP D 258 -29.14 14.78 -27.15
C ASP D 258 -29.03 13.29 -26.86
N GLN D 259 -28.96 12.89 -25.60
CA GLN D 259 -28.98 11.49 -25.22
C GLN D 259 -30.37 10.99 -24.87
N ASN D 260 -31.41 11.76 -25.20
CA ASN D 260 -32.80 11.39 -24.95
C ASN D 260 -33.10 11.32 -23.45
N VAL D 261 -32.44 12.16 -22.65
CA VAL D 261 -32.72 12.25 -21.23
C VAL D 261 -33.95 13.11 -21.04
N MET D 262 -34.88 12.64 -20.22
CA MET D 262 -36.16 13.33 -20.02
C MET D 262 -36.08 14.33 -18.87
N ASN D 263 -35.58 13.90 -17.71
CA ASN D 263 -35.37 14.75 -16.56
C ASN D 263 -33.99 14.47 -15.98
N ALA D 264 -33.31 15.52 -15.55
CA ALA D 264 -31.99 15.37 -14.98
C ALA D 264 -31.71 16.55 -14.06
N ILE D 265 -30.99 16.28 -12.97
CA ILE D 265 -30.55 17.31 -12.05
C ILE D 265 -29.04 17.28 -11.96
N ASN D 266 -28.45 18.43 -11.65
CA ASN D 266 -27.01 18.56 -11.52
C ASN D 266 -26.60 18.22 -10.09
N LEU D 267 -25.67 17.28 -9.94
CA LEU D 267 -25.13 16.92 -8.65
C LEU D 267 -23.81 17.66 -8.43
N ASP D 268 -23.04 17.24 -7.44
CA ASP D 268 -21.81 17.95 -7.09
C ASP D 268 -20.76 17.74 -8.18
N GLY D 269 -20.00 18.80 -8.44
CA GLY D 269 -18.97 18.80 -9.45
C GLY D 269 -17.65 19.32 -8.90
N GLY D 270 -16.89 19.97 -9.78
CA GLY D 270 -15.59 20.47 -9.40
C GLY D 270 -14.67 19.33 -8.97
N GLY D 271 -13.86 19.60 -7.95
CA GLY D 271 -12.97 18.57 -7.43
C GLY D 271 -13.69 17.40 -6.80
N SER D 272 -14.98 17.55 -6.51
CA SER D 272 -15.75 16.43 -5.95
C SER D 272 -16.05 15.38 -7.02
N ALA D 273 -16.08 15.77 -8.30
CA ALA D 273 -16.45 14.84 -9.36
C ALA D 273 -15.51 13.64 -9.36
N THR D 274 -16.09 12.45 -9.16
CA THR D 274 -15.32 11.22 -9.10
C THR D 274 -16.13 10.11 -9.76
N TYR D 275 -15.45 9.26 -10.51
CA TYR D 275 -16.06 8.08 -11.13
C TYR D 275 -15.27 6.86 -10.73
N VAL D 276 -15.92 5.94 -10.02
CA VAL D 276 -15.26 4.75 -9.47
C VAL D 276 -15.88 3.52 -10.10
N LEU D 277 -15.05 2.72 -10.76
CA LEU D 277 -15.48 1.54 -11.50
C LEU D 277 -15.02 0.30 -10.75
N ASN D 278 -15.97 -0.45 -10.20
CA ASN D 278 -15.68 -1.68 -9.49
C ASN D 278 -14.65 -1.45 -8.39
N GLY D 279 -14.80 -0.34 -7.67
CA GLY D 279 -13.94 -0.02 -6.56
C GLY D 279 -12.64 0.67 -6.92
N SER D 280 -12.40 0.93 -8.19
CA SER D 280 -11.17 1.57 -8.65
C SER D 280 -11.49 2.94 -9.25
N LEU D 281 -10.66 3.93 -8.91
CA LEU D 281 -10.78 5.25 -9.51
C LEU D 281 -10.55 5.15 -11.01
N ALA D 282 -11.52 5.64 -11.79
CA ALA D 282 -11.45 5.54 -13.25
C ALA D 282 -11.66 6.89 -13.92
N SER D 283 -11.41 7.99 -13.21
CA SER D 283 -11.52 9.33 -13.75
C SER D 283 -10.25 10.10 -13.40
N TYR D 284 -10.20 11.36 -13.81
CA TYR D 284 -9.07 12.26 -13.58
C TYR D 284 -9.54 13.42 -12.72
N PRO D 285 -9.41 13.33 -11.39
CA PRO D 285 -9.87 14.42 -10.52
C PRO D 285 -9.02 15.67 -10.69
N SER D 286 -9.58 16.79 -10.25
CA SER D 286 -8.92 18.07 -10.43
C SER D 286 -8.09 18.48 -9.21
N ASP D 287 -8.47 18.05 -8.01
CA ASP D 287 -7.69 18.39 -6.83
C ASP D 287 -6.27 17.84 -6.96
N HIS D 288 -5.34 18.50 -6.29
CA HIS D 288 -3.95 18.05 -6.22
C HIS D 288 -3.69 17.27 -4.93
N CYS D 289 -2.70 16.38 -4.99
CA CYS D 289 -2.24 15.66 -3.80
C CYS D 289 -1.24 16.56 -3.09
N ASN D 290 -1.77 17.56 -2.38
CA ASN D 290 -0.93 18.57 -1.77
C ASN D 290 0.13 17.90 -0.88
N PRO D 291 1.38 18.36 -0.91
CA PRO D 291 1.89 19.50 -1.67
C PRO D 291 2.37 19.19 -3.09
N SER D 292 2.17 17.96 -3.56
CA SER D 292 2.58 17.59 -4.89
C SER D 292 1.56 18.05 -5.93
N LYS D 293 1.96 17.98 -7.20
CA LYS D 293 1.11 18.41 -8.30
C LYS D 293 0.39 17.26 -8.99
N TRP D 294 0.52 16.04 -8.48
CA TRP D 294 -0.33 14.95 -8.94
C TRP D 294 -1.79 15.26 -8.63
N ARG D 295 -2.70 14.51 -9.24
CA ARG D 295 -4.12 14.68 -9.02
C ARG D 295 -4.63 13.63 -8.03
N CYS D 296 -5.58 14.03 -7.19
CA CYS D 296 -6.10 13.22 -6.10
C CYS D 296 -7.62 13.30 -6.03
N PRO D 297 -8.29 12.19 -5.74
CA PRO D 297 -9.74 12.26 -5.50
C PRO D 297 -10.04 12.98 -4.20
N ARG D 298 -11.19 13.64 -4.16
CA ARG D 298 -11.58 14.42 -3.00
C ARG D 298 -12.39 13.57 -2.03
N ALA D 299 -12.21 13.86 -0.74
CA ALA D 299 -13.07 13.30 0.30
C ALA D 299 -14.39 14.05 0.27
N ILE D 300 -15.47 13.35 -0.08
CA ILE D 300 -16.76 14.00 -0.29
C ILE D 300 -17.80 13.46 0.67
N SER D 301 -19.07 13.79 0.44
CA SER D 301 -20.14 13.44 1.36
C SER D 301 -20.89 12.21 0.87
N THR D 302 -22.16 12.37 0.51
CA THR D 302 -22.95 11.23 0.05
C THR D 302 -22.41 10.73 -1.29
N VAL D 303 -22.72 9.46 -1.57
CA VAL D 303 -22.27 8.80 -2.78
C VAL D 303 -23.49 8.19 -3.48
N LEU D 304 -23.50 8.26 -4.81
CA LEU D 304 -24.53 7.61 -5.62
C LEU D 304 -23.94 6.31 -6.15
N CYS D 305 -24.51 5.19 -5.72
CA CYS D 305 -23.93 3.87 -5.89
C CYS D 305 -24.85 2.99 -6.72
N ILE D 306 -24.26 2.22 -7.62
CA ILE D 306 -24.98 1.24 -8.43
C ILE D 306 -24.38 -0.12 -8.11
N HIS D 307 -25.18 -0.99 -7.50
CA HIS D 307 -24.75 -2.28 -7.00
C HIS D 307 -25.59 -3.38 -7.65
N GLU D 308 -25.15 -4.62 -7.46
CA GLU D 308 -25.88 -5.74 -8.05
C GLU D 308 -27.25 -5.86 -7.40
N ARG D 309 -28.17 -6.49 -8.12
CA ARG D 309 -29.55 -6.59 -7.68
C ARG D 309 -29.68 -7.46 -6.43
C1 NAG E . 21.91 21.33 26.27
C2 NAG E . 22.99 21.46 25.17
C3 NAG E . 24.31 20.79 25.58
C4 NAG E . 24.71 21.15 27.01
C5 NAG E . 23.54 20.85 27.93
C6 NAG E . 23.81 21.10 29.39
C7 NAG E . 21.88 21.58 22.97
C8 NAG E . 21.45 20.80 21.76
N2 NAG E . 22.51 20.89 23.92
O3 NAG E . 25.33 21.19 24.68
O4 NAG E . 25.84 20.39 27.42
O5 NAG E . 22.45 21.70 27.54
O6 NAG E . 23.46 19.97 30.17
O7 NAG E . 21.66 22.78 23.08
H1 NAG E . 21.61 20.40 26.32
H2 NAG E . 23.19 22.41 25.05
H3 NAG E . 24.18 19.82 25.54
H4 NAG E . 24.95 22.09 27.06
H5 NAG E . 23.28 19.91 27.84
H61 NAG E . 23.29 21.87 29.68
H62 NAG E . 24.76 21.29 29.50
H81 NAG E . 22.17 20.20 21.49
H82 NAG E . 21.24 21.41 21.04
H83 NAG E . 20.66 20.26 21.98
HN2 NAG E . 22.65 20.00 23.78
HO3 NAG E . 25.97 21.61 25.13
HO4 NAG E . 26.56 20.91 27.40
HO6 NAG E . 23.40 19.25 29.65
C1 NAG F . -4.73 -7.72 8.77
C2 NAG F . -4.80 -7.92 7.25
C3 NAG F . -6.11 -8.59 6.87
C4 NAG F . -6.28 -9.90 7.64
C5 NAG F . -6.16 -9.66 9.14
C6 NAG F . -6.16 -10.94 9.94
C7 NAG F . -3.56 -6.35 5.83
C8 NAG F . -3.58 -5.01 5.16
N2 NAG F . -4.65 -6.65 6.55
O3 NAG F . -6.13 -8.84 5.47
O4 NAG F . -7.55 -10.48 7.35
O5 NAG F . -4.91 -9.00 9.43
O6 NAG F . -5.26 -10.86 11.05
O7 NAG F . -2.61 -7.13 5.71
H1 NAG F . -5.45 -7.11 9.05
H2 NAG F . -4.06 -8.51 7.00
H3 NAG F . -6.86 -8.00 7.09
H4 NAG F . -5.58 -10.52 7.35
H5 NAG F . -6.89 -9.09 9.42
H61 NAG F . -5.88 -11.67 9.37
H62 NAG F . -7.06 -11.10 10.27
H81 NAG F . -4.16 -4.40 5.66
H82 NAG F . -3.92 -5.10 4.24
H83 NAG F . -2.67 -4.65 5.13
HN2 NAG F . -5.32 -6.05 6.61
HO3 NAG F . -6.94 -9.09 5.22
HO4 NAG F . -7.45 -11.14 6.76
HO6 NAG F . -5.20 -10.01 11.32
C1 NDG G . 6.91 4.17 31.14
C2 NDG G . 7.65 5.53 30.97
C3 NDG G . 7.34 6.41 32.18
C4 NDG G . 5.83 6.62 32.27
C5 NDG G . 5.14 5.25 32.42
C6 NDG G . 3.62 5.33 32.37
C7 NDG G . 9.79 6.06 29.84
C8 NDG G . 11.30 5.85 29.88
O5 NDG G . 5.52 4.40 31.33
O3 NDG G . 8.05 7.63 32.02
O4 NDG G . 5.61 7.46 33.39
O6 NDG G . 3.14 6.24 31.36
O7 NDG G . 9.23 6.74 28.97
N2 NDG G . 9.10 5.44 30.85
O1 NDG G . 7.48 3.46 32.21
C1 M6P H . 9.63 -0.03 38.38
C2 M6P H . 9.30 -1.49 38.74
C3 M6P H . 9.50 -2.43 37.60
C4 M6P H . 8.87 -1.94 36.32
C5 M6P H . 9.31 -0.52 36.03
C6 M6P H . 8.71 -0.01 34.74
O1 M6P H . 10.96 0.10 38.20
O2 M6P H . 7.92 -1.56 39.19
O3 M6P H . 8.92 -3.71 37.95
O4 M6P H . 9.27 -2.80 35.24
O5 M6P H . 8.93 0.39 37.12
O6 M6P H . 9.56 1.01 34.31
P M6P H . 10.09 1.04 32.78
O1P M6P H . 11.10 2.14 32.64
O2P M6P H . 10.75 -0.27 32.41
O3P M6P H . 8.89 1.30 31.89
OH2 1PE I . -1.03 31.44 30.86
C12 1PE I . -2.32 31.08 30.45
C22 1PE I . -3.17 30.79 31.69
OH3 1PE I . -2.43 30.00 32.58
C13 1PE I . -2.29 28.26 34.20
C23 1PE I . -3.21 29.12 33.35
OH4 1PE I . -2.70 26.92 34.09
C14 1PE I . -1.06 25.78 35.43
C24 1PE I . -1.66 25.97 34.04
OH5 1PE I . -1.83 24.86 36.13
C15 1PE I . -3.08 24.26 38.09
C25 1PE I . -2.00 25.16 37.50
OH6 1PE I . -4.28 24.98 38.22
C16 1PE I . -6.36 23.78 38.04
C26 1PE I . -5.27 24.32 38.96
OH7 1PE I . -6.46 24.58 36.89
HO2 1PE I . -1.08 31.99 31.50
H121 1PE I . -2.72 31.80 29.95
H122 1PE I . -2.28 30.28 29.90
H221 1PE I . -3.41 31.63 32.12
H222 1PE I . -3.98 30.32 31.43
H131 1PE I . -1.38 28.34 33.89
H132 1PE I . -2.34 28.54 35.13
H231 1PE I . -3.80 29.63 33.94
H232 1PE I . -3.74 28.56 32.77
H141 1PE I . -0.15 25.44 35.34
H142 1PE I . -1.04 26.63 35.89
H241 1PE I . -2.01 25.14 33.72
H242 1PE I . -0.98 26.29 33.43
H151 1PE I . -3.22 23.49 37.51
H152 1PE I . -2.80 23.96 38.97
H251 1PE I . -1.16 25.00 37.96
H252 1PE I . -2.26 26.08 37.59
H161 1PE I . -6.15 22.87 37.79
H162 1PE I . -7.21 23.79 38.52
H261 1PE I . -4.87 23.58 39.45
H262 1PE I . -5.67 24.95 39.58
HO7 1PE I . -7.18 24.38 36.47
CL CL J . 1.53 38.60 31.86
C1 NAG K . 34.26 -31.06 19.87
C2 NAG K . 34.32 -30.94 21.39
C3 NAG K . 35.69 -30.44 21.83
C4 NAG K . 36.78 -31.36 21.31
C5 NAG K . 36.68 -31.48 19.79
C6 NAG K . 37.62 -32.53 19.23
C7 NAG K . 32.04 -30.53 22.19
C8 NAG K . 31.07 -29.52 22.71
N2 NAG K . 33.26 -30.09 21.89
O3 NAG K . 35.75 -30.36 23.24
O4 NAG K . 38.07 -30.85 21.65
O5 NAG K . 35.36 -31.89 19.40
O6 NAG K . 36.92 -33.69 18.80
O7 NAG K . 31.72 -31.71 22.03
H1 NAG K . 34.33 -30.17 19.48
H2 NAG K . 34.19 -31.84 21.76
H3 NAG K . 35.82 -29.53 21.46
H4 NAG K . 36.66 -32.24 21.71
H5 NAG K . 36.88 -30.62 19.40
H61 NAG K . 38.27 -32.78 19.93
H62 NAG K . 38.11 -32.15 18.48
H81 NAG K . 30.93 -28.83 22.03
H82 NAG K . 31.43 -29.11 23.52
H83 NAG K . 30.22 -29.94 22.92
HN2 NAG K . 33.45 -29.20 22.02
HO3 NAG K . 36.21 -29.64 23.48
HO4 NAG K . 38.45 -31.41 22.24
HO6 NAG K . 36.98 -33.76 17.92
C1 NAG L . -4.14 -14.14 15.23
C2 NAG L . -4.04 -14.26 16.72
C3 NAG L . -5.40 -14.62 17.32
C4 NAG L . -6.50 -14.80 16.27
C5 NAG L . -6.44 -13.85 15.08
C6 NAG L . -7.41 -12.69 15.20
C7 NAG L . -1.85 -14.92 17.62
C8 NAG L . -0.94 -16.07 17.95
N2 NAG L . -3.04 -15.25 17.10
O3 NAG L . -5.78 -13.60 18.24
O4 NAG L . -6.46 -16.14 15.77
O5 NAG L . -5.15 -13.28 14.91
O6 NAG L . -7.18 -11.72 14.18
O7 NAG L . -1.53 -13.75 17.82
H1 NAG L . -4.32 -15.02 14.84
H2 NAG L . -3.78 -13.39 17.07
H3 NAG L . -5.29 -15.47 17.78
H4 NAG L . -7.34 -14.61 16.74
H5 NAG L . -6.65 -14.37 14.28
H61 NAG L . -7.30 -12.26 16.07
H62 NAG L . -8.33 -13.02 15.11
H81 NAG L . -0.75 -16.58 17.14
H82 NAG L . -1.37 -16.64 18.62
H83 NAG L . -0.11 -15.71 18.32
HN2 NAG L . -3.24 -16.13 16.98
HO3 NAG L . -5.32 -13.68 18.98
HO4 NAG L . -7.08 -16.24 15.15
HO6 NAG L . -7.87 -11.69 13.62
C1 NDG M . 21.42 -17.36 4.61
C2 NDG M . 22.21 -18.47 5.33
C3 NDG M . 23.03 -19.25 4.31
C4 NDG M . 22.08 -19.82 3.25
C5 NDG M . 21.29 -18.68 2.60
C6 NDG M . 20.21 -19.19 1.65
C7 NDG M . 23.05 -18.47 7.65
C8 NDG M . 24.09 -17.88 8.61
O5 NDG M . 20.58 -17.94 3.60
O3 NDG M . 23.72 -20.29 4.99
O4 NDG M . 22.91 -20.51 2.32
O6 NDG M . 19.66 -20.45 2.09
O7 NDG M . 22.22 -19.31 8.00
N2 NDG M . 23.12 -18.00 6.37
O1 NDG M . 22.31 -16.43 4.07
C1 M6P N . 27.50 -11.93 1.49
C2 M6P N . 27.25 -11.32 0.09
C3 M6P N . 25.90 -10.71 -0.10
C4 M6P N . 24.78 -11.48 0.54
C5 M6P N . 25.10 -11.82 1.98
C6 M6P N . 23.95 -12.53 2.64
O1 M6P N . 27.88 -10.95 2.34
O2 M6P N . 27.44 -12.37 -0.91
O3 M6P N . 25.64 -10.60 -1.51
O4 M6P N . 23.58 -10.69 0.47
O5 M6P N . 26.30 -12.65 2.06
O6 M6P N . 24.46 -13.22 3.74
P M6P N . 23.68 -13.28 5.16
O1P M6P N . 23.48 -11.90 5.79
O2P M6P N . 24.52 -14.11 6.08
O3P M6P N . 22.31 -13.92 4.96
CL CL O . 30.44 -44.29 1.81
CL CL P . 34.07 -16.55 14.09
C1 NAG Q . 18.35 15.80 -33.26
C2 NAG Q . 18.48 16.82 -32.11
C3 NAG Q . 18.29 18.24 -32.62
C4 NAG Q . 19.22 18.53 -33.79
C5 NAG Q . 18.99 17.50 -34.88
C6 NAG Q . 19.91 17.66 -36.07
C7 NAG Q . 17.91 16.05 -29.85
C8 NAG Q . 16.79 15.82 -28.87
N2 NAG Q . 17.54 16.52 -31.04
O3 NAG Q . 18.54 19.16 -31.56
O4 NAG Q . 18.98 19.84 -34.30
O5 NAG Q . 19.21 16.18 -34.36
O6 NAG Q . 21.07 16.85 -35.94
O7 NAG Q . 19.08 15.81 -29.56
H1 NAG Q . 17.42 15.79 -33.57
H2 NAG Q . 19.40 16.75 -31.76
H3 NAG Q . 17.37 18.35 -32.92
H4 NAG Q . 20.15 18.48 -33.49
H5 NAG Q . 18.06 17.56 -35.20
H61 NAG Q . 20.19 18.59 -36.13
H62 NAG Q . 19.44 17.40 -36.89
H81 NAG Q . 16.00 16.29 -29.17
H82 NAG Q . 17.06 16.15 -27.99
H83 NAG Q . 16.61 14.86 -28.81
HN2 NAG Q . 16.66 16.67 -31.20
HO3 NAG Q . 19.22 18.85 -31.07
HO4 NAG Q . 19.69 20.35 -34.12
HO6 NAG Q . 21.80 17.33 -36.10
C1 NAG R . -9.75 -5.27 -6.91
C2 NAG R . -9.76 -5.14 -5.40
C3 NAG R . -10.49 -6.32 -4.77
C4 NAG R . -11.89 -6.43 -5.35
C5 NAG R . -11.86 -6.46 -6.88
C6 NAG R . -13.23 -6.35 -7.51
C7 NAG R . -7.87 -3.92 -4.39
C8 NAG R . -6.46 -4.01 -3.89
N2 NAG R . -8.40 -5.05 -4.87
O3 NAG R . -10.56 -6.16 -3.36
O4 NAG R . -12.52 -7.63 -4.89
O5 NAG R . -11.11 -5.34 -7.38
O6 NAG R . -13.68 -7.59 -8.04
O7 NAG R . -8.51 -2.87 -4.35
H1 NAG R . -9.28 -6.09 -7.16
H2 NAG R . -10.23 -4.32 -5.16
H3 NAG R . -10.00 -7.13 -4.97
H4 NAG R . -12.41 -5.66 -5.07
H5 NAG R . -11.42 -7.29 -7.17
H61 NAG R . -13.20 -5.69 -8.23
H62 NAG R . -13.87 -6.05 -6.83
H81 NAG R . -6.15 -4.93 -3.98
H82 NAG R . -6.43 -3.74 -2.96
H83 NAG R . -5.89 -3.42 -4.42
HN2 NAG R . -7.88 -5.80 -4.89
HO3 NAG R . -11.02 -6.84 -3.01
HO4 NAG R . -13.11 -7.43 -4.26
HO6 NAG R . -14.39 -7.45 -8.55
C1 NDG S . -1.23 1.62 -32.49
C2 NDG S . 0.18 2.22 -32.69
C3 NDG S . 0.85 1.60 -33.92
C4 NDG S . 0.92 0.08 -33.72
C5 NDG S . -0.50 -0.48 -33.52
C6 NDG S . -0.47 -1.95 -33.08
C7 NDG S . 1.02 4.46 -32.05
C8 NDG S . 0.90 5.95 -32.34
O5 NDG S . -1.19 0.18 -32.45
O3 NDG S . 2.15 2.15 -34.06
O4 NDG S . 1.55 -0.47 -34.88
O6 NDG S . 0.80 -2.30 -32.49
O7 NDG S . 1.79 4.01 -31.21
N2 NDG S . 0.21 3.67 -32.81
O1 NDG S . -2.09 2.10 -33.49
C1 M6P T . -6.73 3.35 -39.13
C2 M6P T . -7.85 2.38 -38.85
C3 M6P T . -8.52 2.70 -37.55
C4 M6P T . -7.54 2.72 -36.41
C5 M6P T . -6.23 3.46 -36.70
C6 M6P T . -5.20 2.97 -35.72
O1 M6P T . -7.22 4.61 -39.12
O2 M6P T . -7.30 1.04 -38.76
O3 M6P T . -9.52 1.70 -37.28
O4 M6P T . -8.17 3.37 -35.29
O5 M6P T . -5.68 3.24 -38.06
O6 M6P T . -4.29 4.01 -35.52
P M6P T . -4.22 4.69 -34.04
O1P M6P T . -5.57 5.30 -33.70
O2P M6P T . -3.17 5.76 -34.05
O3P M6P T . -3.86 3.61 -33.04
C1 M6P U . 15.41 17.85 -16.88
C2 M6P U . 16.26 17.19 -15.80
C3 M6P U . 17.38 18.07 -15.36
C4 M6P U . 17.78 18.98 -16.48
C5 M6P U . 16.69 20.00 -16.78
C6 M6P U . 16.94 20.73 -18.07
O1 M6P U . 14.14 17.39 -16.77
O2 M6P U . 16.85 15.97 -16.34
O3 M6P U . 18.50 17.26 -14.96
O4 M6P U . 18.98 19.64 -16.11
O5 M6P U . 15.35 19.36 -16.81
O6 M6P U . 17.61 19.93 -18.99
P M6P U . 18.84 20.56 -19.86
O1P M6P U . 19.54 21.61 -19.05
O2P M6P U . 19.82 19.47 -20.22
O3P M6P U . 18.27 21.18 -21.12
H1 M6P U . 15.80 17.61 -17.73
H2 M6P U . 15.68 16.99 -15.05
H3 M6P U . 17.10 18.59 -14.58
H4 M6P U . 17.95 18.47 -17.30
H5 M6P U . 16.72 20.68 -16.08
H61 M6P U . 17.47 21.51 -17.89
H62 M6P U . 16.09 21.00 -18.45
HO2 M6P U . 17.64 15.88 -16.04
HO3 M6P U . 19.04 17.74 -14.51
HO4 M6P U . 19.52 19.07 -15.79
CL CL V . -5.11 -18.25 -24.88
C1 NAG W . -32.01 32.47 -19.88
C2 NAG W . -32.20 32.74 -21.37
C3 NAG W . -31.05 33.57 -21.91
C4 NAG W . -30.85 34.83 -21.07
C5 NAG W . -30.76 34.49 -19.59
C6 NAG W . -30.72 35.71 -18.70
C7 NAG W . -33.45 30.78 -22.17
C8 NAG W . -33.40 29.52 -22.98
N2 NAG W . -32.33 31.49 -22.11
O3 NAG W . -31.29 33.92 -23.27
O4 NAG W . -29.66 35.50 -21.47
O5 NAG W . -31.90 33.72 -19.18
O6 NAG W . -29.51 36.44 -18.86
O7 NAG W . -34.48 31.15 -21.61
H1 NAG W . -31.20 31.96 -19.75
H2 NAG W . -33.03 33.25 -21.49
H3 NAG W . -30.23 33.04 -21.86
H4 NAG W . -31.62 35.42 -21.22
H5 NAG W . -29.96 33.96 -19.44
H61 NAG W . -30.80 35.44 -17.77
H62 NAG W . -31.47 36.29 -18.93
H81 NAG W . -32.48 29.18 -22.98
H82 NAG W . -33.69 29.69 -23.89
H83 NAG W . -33.99 28.85 -22.57
HN2 NAG W . -31.59 31.17 -22.55
HO3 NAG W . -31.12 33.21 -23.78
HO4 NAG W . -29.64 36.31 -21.11
HO6 NAG W . -29.61 37.27 -18.56
C1 NAG X . -17.06 -5.76 -11.72
C2 NAG X . -17.19 -6.22 -13.19
C3 NAG X . -17.77 -7.64 -13.28
C4 NAG X . -17.04 -8.59 -12.34
C5 NAG X . -17.04 -8.02 -10.94
C6 NAG X . -16.30 -8.88 -9.93
C7 NAG X . -17.63 -4.08 -14.33
C8 NAG X . -18.64 -3.27 -15.08
N2 NAG X . -18.03 -5.30 -13.93
O3 NAG X . -17.65 -8.10 -14.62
O4 NAG X . -17.69 -9.86 -12.34
O5 NAG X . -16.37 -6.75 -10.96
O6 NAG X . -16.75 -8.60 -8.60
O7 NAG X . -16.50 -3.67 -14.10
H1 NAG X . -17.96 -5.64 -11.34
H2 NAG X . -16.30 -6.24 -13.58
H3 NAG X . -18.70 -7.61 -13.01
H4 NAG X . -16.12 -8.71 -12.65
H5 NAG X . -17.96 -7.91 -10.62
H61 NAG X . -15.35 -8.69 -9.99
H62 NAG X . -16.46 -9.81 -10.13
H81 NAG X . -19.20 -2.77 -14.44
H82 NAG X . -19.21 -3.85 -15.62
H83 NAG X . -18.19 -2.64 -15.66
HN2 NAG X . -18.88 -5.56 -14.14
HO3 NAG X . -17.33 -7.45 -15.13
HO4 NAG X . -17.09 -10.49 -12.14
HO6 NAG X . -16.18 -8.96 -8.02
C1 NDG Y . -17.28 21.45 -5.50
C2 NDG Y . -18.48 22.23 -6.09
C3 NDG Y . -19.01 23.22 -5.05
C4 NDG Y . -19.40 22.46 -3.78
C5 NDG Y . -18.17 21.69 -3.26
C6 NDG Y . -18.52 20.78 -2.08
C7 NDG Y . -18.75 22.66 -8.52
C8 NDG Y . -18.30 23.56 -9.67
O5 NDG Y . -17.67 20.82 -4.27
O3 NDG Y . -20.12 23.89 -5.61
O4 NDG Y . -19.86 23.44 -2.86
O6 NDG Y . -19.84 20.24 -2.18
O7 NDG Y . -19.56 21.76 -8.66
N2 NDG Y . -18.17 22.96 -7.31
O1 NDG Y . -16.19 22.33 -5.34
C1 M6P Z . -11.56 27.17 -3.45
C2 M6P Z . -10.86 26.78 -2.16
C3 M6P Z . -9.77 25.80 -2.38
C4 M6P Z . -10.22 24.61 -3.19
C5 M6P Z . -10.93 25.02 -4.48
C6 M6P Z . -11.47 23.80 -5.18
O1 M6P Z . -10.69 27.87 -4.22
O2 M6P Z . -11.85 26.20 -1.25
O3 M6P Z . -9.28 25.34 -1.10
O4 M6P Z . -9.06 23.82 -3.53
O5 M6P Z . -12.03 25.96 -4.22
O6 M6P Z . -12.74 24.07 -5.71
P M6P Z . -13.15 23.43 -7.15
O1P M6P Z . -13.90 24.46 -7.95
O2P M6P Z . -11.90 23.00 -7.90
O3P M6P Z . -14.06 22.23 -6.93
#